data_3CLQ
#
_entry.id   3CLQ
#
_cell.length_a   104.159
_cell.length_b   61.613
_cell.length_c   164.544
_cell.angle_alpha   90.00
_cell.angle_beta   103.94
_cell.angle_gamma   90.00
#
_symmetry.space_group_name_H-M   'P 1 21 1'
#
loop_
_entity.id
_entity.type
_entity.pdbx_description
1 polymer 'Uncharacterized protein'
2 non-polymer DI(HYDROXYETHYL)ETHER
3 water water
#
_entity_poly.entity_id   1
_entity_poly.type   'polypeptide(L)'
_entity_poly.pdbx_seq_one_letter_code
;SNAPTLYEKIQQANEEAVTRIIQSKPILVGFDKAINV(MSE)PD(MSE)TETTILHAGPPITYEN(MSE)CGP(MSE)KG
AVQGALVFEGLAKDLADADRVARSGAITFSPCHEHDAVGS(MSE)AGVTSPN(MSE)YVHIIKNETYGNTAFTNLSEQLA
KVLRFGANDQSVVDRLIW(MSE)RDVLGPLLHDA(MSE)TFCPEGIDLRL(MSE)LSQALH(MSE)GDECHNRNVAGSTL
LVQALTPY(MSE)VQTDFSREQLKEVFEFLGSSDYFSGPTW(MSE)GAAKCALDAGHNVENSTIVTT(MSE)CRNGVEFG
IRVSGIGGNHWFTGPAQRVIGP(MSE)FAGYTQEDAGLD(MSE)GDSAITETYGVGGFA(MSE)AAAPAIVPLVGGTVAE
ALNYSKE(MSE)LEITTKENPNVTIPVLDF(MSE)GIPTGIDVLKVLETG(MSE)LPVINTAIAHKEPGIG(MSE)IGAG
LTNPPANVFNEALKALVATIN
;
_entity_poly.pdbx_strand_id   A,B,C,D
#
loop_
_chem_comp.id
_chem_comp.type
_chem_comp.name
_chem_comp.formula
PEG non-polymer DI(HYDROXYETHYL)ETHER 'C4 H10 O3'
#
# COMPACT_ATOMS: atom_id res chain seq x y z
N ASN A 2 18.99 -23.24 -21.14
CA ASN A 2 19.50 -22.56 -19.91
C ASN A 2 18.84 -23.02 -18.58
N ALA A 3 19.12 -24.27 -18.18
CA ALA A 3 18.49 -24.89 -16.99
C ALA A 3 18.82 -24.17 -15.68
N PRO A 4 17.86 -24.13 -14.73
CA PRO A 4 18.04 -23.58 -13.37
C PRO A 4 18.72 -24.56 -12.40
N THR A 5 19.63 -24.06 -11.56
CA THR A 5 20.31 -24.95 -10.63
C THR A 5 19.35 -25.52 -9.60
N LEU A 6 19.74 -26.63 -8.99
CA LEU A 6 18.86 -27.32 -8.04
C LEU A 6 18.53 -26.47 -6.81
N TYR A 7 19.54 -25.87 -6.23
CA TYR A 7 19.33 -24.98 -5.10
C TYR A 7 18.42 -23.83 -5.55
N GLU A 8 18.54 -23.45 -6.81
CA GLU A 8 17.74 -22.38 -7.42
C GLU A 8 16.27 -22.79 -7.60
N LYS A 9 16.01 -24.06 -7.93
CA LYS A 9 14.67 -24.59 -7.95
C LYS A 9 13.97 -24.36 -6.59
N ILE A 10 14.67 -24.75 -5.52
CA ILE A 10 14.16 -24.68 -4.18
C ILE A 10 13.87 -23.25 -3.77
N GLN A 11 14.78 -22.34 -4.12
CA GLN A 11 14.53 -20.94 -3.86
C GLN A 11 13.23 -20.51 -4.55
N GLN A 12 13.04 -20.94 -5.80
CA GLN A 12 11.86 -20.52 -6.50
C GLN A 12 10.61 -21.13 -5.88
N ALA A 13 10.69 -22.42 -5.58
CA ALA A 13 9.57 -23.12 -4.97
C ALA A 13 9.18 -22.47 -3.63
N ASN A 14 10.18 -22.18 -2.78
CA ASN A 14 9.90 -21.61 -1.47
C ASN A 14 9.28 -20.20 -1.59
N GLU A 15 9.65 -19.50 -2.65
CA GLU A 15 9.05 -18.20 -2.91
C GLU A 15 7.60 -18.40 -3.32
N GLU A 16 7.33 -19.41 -4.14
CA GLU A 16 5.95 -19.64 -4.49
C GLU A 16 5.18 -20.05 -3.23
N ALA A 17 5.72 -21.02 -2.51
CA ALA A 17 5.05 -21.50 -1.31
C ALA A 17 4.75 -20.38 -0.30
N VAL A 18 5.76 -19.59 0.05
CA VAL A 18 5.60 -18.62 1.11
C VAL A 18 4.75 -17.44 0.68
N THR A 19 4.84 -17.08 -0.59
CA THR A 19 3.93 -16.09 -1.09
C THR A 19 2.48 -16.56 -0.83
N ARG A 20 2.14 -17.80 -1.18
CA ARG A 20 0.76 -18.24 -0.91
C ARG A 20 0.40 -18.21 0.57
N ILE A 21 1.31 -18.59 1.45
CA ILE A 21 1.06 -18.53 2.88
C ILE A 21 0.81 -17.08 3.30
N ILE A 22 1.68 -16.18 2.87
CA ILE A 22 1.54 -14.79 3.27
C ILE A 22 0.29 -14.11 2.71
N GLN A 23 -0.11 -14.51 1.52
CA GLN A 23 -1.19 -13.80 0.84
C GLN A 23 -2.56 -14.35 1.19
N SER A 24 -2.54 -15.46 1.93
CA SER A 24 -3.75 -16.08 2.43
C SER A 24 -4.51 -15.21 3.39
N LYS A 25 -5.82 -15.19 3.24
CA LYS A 25 -6.69 -14.36 4.02
C LYS A 25 -7.81 -15.25 4.57
N PRO A 26 -7.53 -15.96 5.66
CA PRO A 26 -8.50 -16.84 6.31
C PRO A 26 -9.67 -16.05 6.84
N ILE A 27 -10.87 -16.39 6.40
CA ILE A 27 -12.05 -15.69 6.87
C ILE A 27 -12.93 -16.64 7.67
N LEU A 28 -13.35 -16.22 8.84
CA LEU A 28 -14.29 -17.02 9.61
C LEU A 28 -15.71 -16.93 9.01
N VAL A 29 -16.23 -18.02 8.45
CA VAL A 29 -17.55 -17.91 7.82
C VAL A 29 -18.74 -18.41 8.64
N GLY A 30 -18.60 -19.48 9.38
CA GLY A 30 -19.65 -19.93 10.27
C GLY A 30 -19.18 -20.98 11.25
N PHE A 31 -20.14 -21.74 11.78
CA PHE A 31 -19.87 -22.81 12.73
C PHE A 31 -20.86 -23.94 12.48
N ASP A 32 -20.48 -25.20 12.69
CA ASP A 32 -21.46 -26.26 12.48
C ASP A 32 -20.95 -27.58 13.02
N LYS A 33 -21.80 -28.55 13.25
CA LYS A 33 -21.31 -29.80 13.75
C LYS A 33 -20.34 -30.34 12.73
N ALA A 34 -19.22 -30.86 13.22
CA ALA A 34 -18.23 -31.52 12.38
C ALA A 34 -18.86 -32.45 11.32
N ILE A 35 -19.74 -33.35 11.76
CA ILE A 35 -20.37 -34.30 10.86
C ILE A 35 -21.02 -33.60 9.64
N ASN A 36 -21.59 -32.40 9.85
CA ASN A 36 -22.32 -31.69 8.79
C ASN A 36 -21.46 -31.01 7.74
N VAL A 37 -20.18 -30.85 8.02
CA VAL A 37 -19.45 -29.83 7.33
C VAL A 37 -18.00 -30.19 6.98
N MSE A 38 -17.44 -31.20 7.67
CA MSE A 38 -16.09 -31.71 7.40
C MSE A 38 -15.98 -32.90 6.43
O MSE A 38 -16.90 -33.73 6.35
CB MSE A 38 -15.45 -32.13 8.73
CG MSE A 38 -15.42 -31.02 9.74
SE MSE A 38 -14.13 -31.38 11.16
CE MSE A 38 -12.65 -32.19 10.19
N PRO A 39 -14.83 -33.01 5.76
CA PRO A 39 -14.56 -34.09 4.77
C PRO A 39 -14.40 -35.46 5.42
N ASP A 40 -14.90 -36.47 4.73
CA ASP A 40 -14.63 -37.85 5.12
C ASP A 40 -14.99 -38.11 6.56
N MSE A 41 -16.11 -37.56 6.99
CA MSE A 41 -16.53 -37.73 8.35
C MSE A 41 -17.56 -38.83 8.46
O MSE A 41 -18.45 -38.93 7.64
CB MSE A 41 -17.13 -36.41 8.84
CG MSE A 41 -17.08 -36.26 10.33
SE MSE A 41 -15.26 -35.93 11.00
CE MSE A 41 -15.80 -35.81 12.89
N THR A 42 -17.45 -39.67 9.49
CA THR A 42 -18.50 -40.67 9.76
C THR A 42 -18.95 -40.56 11.20
N GLU A 43 -20.11 -41.14 11.49
CA GLU A 43 -20.65 -41.05 12.84
C GLU A 43 -19.81 -41.86 13.83
N THR A 44 -18.80 -42.58 13.32
CA THR A 44 -17.94 -43.33 14.19
C THR A 44 -16.47 -42.93 14.06
N THR A 45 -16.25 -41.76 13.46
CA THR A 45 -14.93 -41.18 13.37
C THR A 45 -14.62 -40.27 14.57
N ILE A 46 -13.44 -40.45 15.13
CA ILE A 46 -12.95 -39.55 16.13
C ILE A 46 -11.62 -39.00 15.64
N LEU A 47 -11.50 -37.68 15.56
CA LEU A 47 -10.22 -37.06 15.25
C LEU A 47 -9.41 -36.63 16.49
N HIS A 48 -8.10 -36.57 16.30
CA HIS A 48 -7.19 -36.21 17.38
C HIS A 48 -6.03 -35.34 16.89
N ALA A 49 -5.26 -34.77 17.82
CA ALA A 49 -4.11 -33.97 17.45
C ALA A 49 -2.93 -34.87 17.14
N GLY A 50 -1.98 -34.34 16.39
CA GLY A 50 -0.77 -35.07 16.12
C GLY A 50 -0.86 -35.97 14.90
N PRO A 51 0.25 -36.65 14.58
CA PRO A 51 0.31 -37.58 13.48
C PRO A 51 -0.42 -38.84 13.83
N PRO A 52 -0.54 -39.75 12.86
CA PRO A 52 -1.30 -40.98 13.07
C PRO A 52 -0.78 -41.81 14.27
N ILE A 53 -1.71 -42.47 14.98
CA ILE A 53 -1.38 -43.32 16.12
C ILE A 53 -2.63 -44.14 16.42
N THR A 54 -2.45 -45.34 16.96
CA THR A 54 -3.59 -46.19 17.31
C THR A 54 -4.00 -45.86 18.72
N TYR A 55 -5.23 -46.21 19.09
CA TYR A 55 -5.72 -45.95 20.44
C TYR A 55 -4.83 -46.62 21.48
N GLU A 56 -4.48 -47.90 21.26
CA GLU A 56 -3.63 -48.62 22.20
C GLU A 56 -2.37 -47.83 22.54
N ASN A 57 -1.85 -47.09 21.57
CA ASN A 57 -0.61 -46.36 21.80
C ASN A 57 -0.74 -44.94 22.31
N MSE A 58 -1.95 -44.39 22.31
CA MSE A 58 -2.13 -43.05 22.81
C MSE A 58 -1.69 -42.92 24.25
O MSE A 58 -1.69 -43.89 25.00
CB MSE A 58 -3.57 -42.63 22.64
CG MSE A 58 -3.94 -42.60 21.18
SE MSE A 58 -5.76 -42.02 20.96
CE MSE A 58 -5.82 -41.66 19.03
N CYS A 59 -1.30 -41.71 24.64
CA CYS A 59 -0.90 -41.43 26.01
C CYS A 59 -2.14 -41.21 26.87
N GLY A 60 -1.97 -41.33 28.19
CA GLY A 60 -3.05 -41.14 29.17
C GLY A 60 -4.10 -40.10 28.80
N PRO A 61 -3.70 -38.81 28.75
CA PRO A 61 -4.63 -37.73 28.53
C PRO A 61 -5.40 -37.91 27.25
N MSE A 62 -4.76 -38.33 26.17
CA MSE A 62 -5.54 -38.45 24.96
C MSE A 62 -6.57 -39.55 25.10
O MSE A 62 -7.69 -39.38 24.67
CB MSE A 62 -4.67 -38.64 23.75
CG MSE A 62 -5.46 -38.56 22.45
SE MSE A 62 -4.29 -38.56 20.87
CE MSE A 62 -3.42 -36.79 21.09
N LYS A 63 -6.22 -40.68 25.71
CA LYS A 63 -7.20 -41.74 25.85
C LYS A 63 -8.41 -41.19 26.59
N GLY A 64 -8.12 -40.44 27.65
CA GLY A 64 -9.15 -39.87 28.50
C GLY A 64 -10.07 -39.00 27.69
N ALA A 65 -9.49 -38.14 26.88
CA ALA A 65 -10.30 -37.33 25.98
C ALA A 65 -11.12 -38.22 25.06
N VAL A 66 -10.56 -39.30 24.51
CA VAL A 66 -11.44 -40.04 23.62
C VAL A 66 -12.57 -40.76 24.34
N GLN A 67 -12.31 -41.20 25.57
CA GLN A 67 -13.35 -41.79 26.35
C GLN A 67 -14.42 -40.76 26.63
N GLY A 68 -14.00 -39.55 26.99
CA GLY A 68 -14.96 -38.54 27.34
C GLY A 68 -15.80 -38.33 26.12
N ALA A 69 -15.15 -38.32 24.97
CA ALA A 69 -15.81 -37.98 23.73
C ALA A 69 -16.85 -39.05 23.37
N LEU A 70 -16.47 -40.33 23.52
CA LEU A 70 -17.32 -41.42 23.08
C LEU A 70 -18.62 -41.39 23.88
N VAL A 71 -18.49 -41.01 25.14
CA VAL A 71 -19.66 -40.95 26.01
C VAL A 71 -20.54 -39.78 25.56
N PHE A 72 -19.90 -38.67 25.19
CA PHE A 72 -20.67 -37.52 24.68
C PHE A 72 -21.44 -37.94 23.42
N GLU A 73 -20.85 -38.81 22.60
CA GLU A 73 -21.48 -39.25 21.36
C GLU A 73 -22.62 -40.23 21.56
N GLY A 74 -22.74 -40.82 22.74
CA GLY A 74 -23.73 -41.85 22.96
C GLY A 74 -23.14 -43.21 22.75
N LEU A 75 -21.94 -43.25 22.20
CA LEU A 75 -21.33 -44.51 21.82
C LEU A 75 -20.89 -45.38 23.00
N ALA A 76 -21.15 -44.95 24.23
CA ALA A 76 -20.66 -45.66 25.41
C ALA A 76 -21.37 -45.19 26.66
N LYS A 77 -21.73 -46.12 27.55
CA LYS A 77 -22.44 -45.74 28.77
C LYS A 77 -21.55 -45.05 29.81
N ASP A 78 -20.25 -45.37 29.81
CA ASP A 78 -19.24 -44.65 30.61
C ASP A 78 -17.82 -44.89 30.14
N LEU A 79 -16.90 -44.19 30.81
CA LEU A 79 -15.46 -44.28 30.65
C LEU A 79 -14.93 -45.71 30.51
N ALA A 80 -15.14 -46.55 31.52
CA ALA A 80 -14.72 -47.94 31.43
C ALA A 80 -15.22 -48.59 30.14
N ASP A 81 -16.45 -48.28 29.74
CA ASP A 81 -17.07 -48.82 28.54
C ASP A 81 -16.39 -48.28 27.30
N ALA A 82 -16.16 -46.97 27.31
CA ALA A 82 -15.58 -46.27 26.18
C ALA A 82 -14.26 -46.87 25.77
N ASP A 83 -13.44 -47.24 26.74
CA ASP A 83 -12.13 -47.77 26.47
C ASP A 83 -12.30 -49.09 25.72
N ARG A 84 -13.21 -49.92 26.22
CA ARG A 84 -13.60 -51.16 25.51
C ARG A 84 -14.05 -50.86 24.07
N VAL A 85 -14.94 -49.88 23.91
CA VAL A 85 -15.43 -49.53 22.60
C VAL A 85 -14.31 -49.03 21.65
N ALA A 86 -13.39 -48.22 22.17
CA ALA A 86 -12.34 -47.67 21.36
C ALA A 86 -11.40 -48.77 20.85
N ARG A 87 -11.22 -49.78 21.72
CA ARG A 87 -10.22 -50.82 21.54
C ARG A 87 -10.70 -51.85 20.56
N SER A 88 -11.93 -51.68 20.09
CA SER A 88 -12.66 -52.77 19.45
C SER A 88 -12.49 -52.78 17.95
N GLY A 89 -11.97 -51.68 17.41
CA GLY A 89 -11.90 -51.53 15.97
C GLY A 89 -13.15 -50.86 15.43
N ALA A 90 -14.13 -50.62 16.31
CA ALA A 90 -15.38 -49.98 15.90
C ALA A 90 -15.23 -48.48 15.62
N ILE A 91 -14.23 -47.86 16.22
CA ILE A 91 -14.03 -46.45 16.00
C ILE A 91 -12.92 -46.27 14.96
N THR A 92 -13.03 -45.22 14.17
CA THR A 92 -11.99 -44.86 13.22
C THR A 92 -11.29 -43.65 13.78
N PHE A 93 -9.98 -43.80 14.00
CA PHE A 93 -9.20 -42.71 14.54
C PHE A 93 -8.34 -42.14 13.44
N SER A 94 -8.05 -40.85 13.53
CA SER A 94 -7.54 -40.11 12.41
C SER A 94 -7.06 -38.70 12.83
N PRO A 95 -5.92 -38.26 12.29
CA PRO A 95 -5.50 -36.87 12.68
C PRO A 95 -6.39 -35.74 12.17
N CYS A 96 -6.67 -34.75 12.98
CA CYS A 96 -7.28 -33.53 12.44
C CYS A 96 -6.71 -33.07 11.10
N HIS A 97 -5.40 -33.09 11.01
CA HIS A 97 -4.70 -32.54 9.86
C HIS A 97 -5.10 -33.24 8.57
N GLU A 98 -5.54 -34.50 8.67
CA GLU A 98 -5.86 -35.24 7.47
C GLU A 98 -7.27 -34.98 7.09
N HIS A 99 -7.92 -34.09 7.82
CA HIS A 99 -9.30 -33.75 7.51
C HIS A 99 -9.43 -32.24 7.40
N ASP A 100 -8.31 -31.58 7.13
CA ASP A 100 -8.26 -30.13 7.00
C ASP A 100 -8.61 -29.46 8.31
N ALA A 101 -8.23 -30.10 9.41
CA ALA A 101 -8.51 -29.49 10.70
C ALA A 101 -7.28 -29.48 11.59
N VAL A 102 -7.42 -28.77 12.71
CA VAL A 102 -6.42 -28.76 13.76
C VAL A 102 -7.10 -28.79 15.15
N GLY A 103 -6.54 -29.56 16.09
CA GLY A 103 -7.04 -29.59 17.45
C GLY A 103 -6.05 -29.27 18.58
N SER A 104 -6.56 -28.53 19.54
CA SER A 104 -5.77 -28.04 20.63
C SER A 104 -5.58 -29.11 21.69
N MSE A 105 -4.34 -29.34 22.08
CA MSE A 105 -4.02 -30.30 23.11
C MSE A 105 -4.35 -31.74 22.68
O MSE A 105 -3.85 -32.18 21.65
CB MSE A 105 -4.70 -29.89 24.41
CG MSE A 105 -4.29 -28.47 24.85
SE MSE A 105 -2.34 -28.28 25.24
CE MSE A 105 -1.70 -27.58 23.48
N ALA A 106 -5.15 -32.48 23.42
CA ALA A 106 -5.55 -33.79 22.89
C ALA A 106 -6.26 -33.60 21.53
N GLY A 107 -6.93 -32.48 21.33
CA GLY A 107 -7.43 -32.19 20.01
C GLY A 107 -8.50 -33.15 19.54
N VAL A 108 -9.13 -33.85 20.49
CA VAL A 108 -10.15 -34.83 20.15
C VAL A 108 -11.41 -34.11 19.72
N THR A 109 -11.92 -34.53 18.57
CA THR A 109 -13.06 -33.87 17.92
C THR A 109 -13.96 -34.94 17.31
N SER A 110 -15.23 -34.89 17.73
CA SER A 110 -16.18 -35.98 17.46
C SER A 110 -17.30 -35.41 16.59
N PRO A 111 -18.02 -36.28 15.83
CA PRO A 111 -19.00 -35.84 14.81
C PRO A 111 -19.98 -34.71 15.22
N ASN A 112 -20.51 -34.72 16.42
CA ASN A 112 -21.39 -33.61 16.77
C ASN A 112 -20.81 -32.61 17.74
N MSE A 113 -19.49 -32.42 17.68
CA MSE A 113 -18.93 -31.22 18.21
C MSE A 113 -18.99 -30.15 17.15
O MSE A 113 -18.95 -30.44 15.96
CB MSE A 113 -17.49 -31.41 18.67
CG MSE A 113 -17.39 -32.18 19.93
SE MSE A 113 -15.54 -32.50 20.38
CE MSE A 113 -15.87 -33.85 21.71
N TYR A 114 -19.09 -28.89 17.58
CA TYR A 114 -19.12 -27.79 16.67
C TYR A 114 -17.72 -27.34 16.37
N VAL A 115 -17.57 -26.74 15.19
CA VAL A 115 -16.30 -26.31 14.67
C VAL A 115 -16.40 -24.93 13.98
N HIS A 116 -15.27 -24.24 13.97
CA HIS A 116 -15.06 -23.07 13.13
C HIS A 116 -15.02 -23.51 11.67
N ILE A 117 -15.68 -22.75 10.81
CA ILE A 117 -15.47 -22.85 9.37
C ILE A 117 -14.69 -21.61 8.84
N ILE A 118 -13.48 -21.86 8.37
CA ILE A 118 -12.58 -20.81 7.99
C ILE A 118 -12.25 -20.97 6.52
N LYS A 119 -12.52 -19.96 5.72
CA LYS A 119 -12.31 -20.10 4.29
C LYS A 119 -11.28 -19.10 3.85
N ASN A 120 -10.31 -19.58 3.08
CA ASN A 120 -9.28 -18.74 2.47
C ASN A 120 -9.86 -17.91 1.34
N GLU A 121 -10.14 -16.64 1.60
CA GLU A 121 -10.55 -15.66 0.59
C GLU A 121 -9.74 -15.71 -0.72
N THR A 122 -8.43 -15.88 -0.60
CA THR A 122 -7.53 -15.75 -1.70
C THR A 122 -7.52 -17.01 -2.55
N TYR A 123 -7.30 -18.15 -1.91
CA TYR A 123 -7.01 -19.37 -2.64
C TYR A 123 -8.14 -20.44 -2.57
N GLY A 124 -9.19 -20.14 -1.81
CA GLY A 124 -10.38 -20.97 -1.73
C GLY A 124 -10.43 -22.18 -0.79
N ASN A 125 -9.35 -22.57 -0.14
CA ASN A 125 -9.42 -23.80 0.68
C ASN A 125 -10.08 -23.51 2.04
N THR A 126 -10.53 -24.56 2.69
CA THR A 126 -11.26 -24.45 3.97
C THR A 126 -10.55 -25.18 5.13
N ALA A 127 -10.62 -24.58 6.32
CA ALA A 127 -10.01 -25.22 7.49
C ALA A 127 -11.06 -25.29 8.59
N PHE A 128 -10.89 -26.21 9.53
CA PHE A 128 -11.89 -26.39 10.60
C PHE A 128 -11.24 -26.55 11.95
N THR A 129 -11.88 -26.07 13.01
CA THR A 129 -11.36 -26.36 14.33
C THR A 129 -12.38 -26.24 15.45
N ASN A 130 -12.30 -27.10 16.45
CA ASN A 130 -13.35 -27.11 17.46
C ASN A 130 -13.31 -25.84 18.30
N LEU A 131 -14.28 -25.69 19.19
CA LEU A 131 -14.36 -24.52 20.06
C LEU A 131 -13.65 -24.82 21.37
N SER A 132 -13.13 -23.77 21.97
CA SER A 132 -12.52 -23.86 23.26
C SER A 132 -13.63 -24.23 24.17
N GLU A 133 -13.47 -25.30 24.94
CA GLU A 133 -14.27 -25.42 26.17
C GLU A 133 -13.73 -24.27 26.98
N GLN A 134 -14.10 -24.01 28.21
CA GLN A 134 -13.36 -22.78 28.62
C GLN A 134 -12.43 -22.91 29.81
N LEU A 135 -12.81 -23.74 30.77
CA LEU A 135 -12.07 -23.89 32.02
C LEU A 135 -10.73 -24.61 31.86
N ALA A 136 -10.12 -24.95 33.01
CA ALA A 136 -8.86 -25.68 33.02
C ALA A 136 -9.11 -27.19 33.05
N LYS A 137 -10.28 -27.57 33.58
CA LYS A 137 -10.63 -28.98 33.74
C LYS A 137 -11.51 -29.44 32.58
N VAL A 138 -10.87 -29.88 31.50
CA VAL A 138 -11.52 -29.84 30.20
C VAL A 138 -11.06 -30.97 29.25
N LEU A 139 -11.93 -31.36 28.33
CA LEU A 139 -11.62 -32.50 27.48
C LEU A 139 -10.26 -32.43 26.80
N ARG A 140 -9.89 -31.24 26.34
CA ARG A 140 -8.68 -31.14 25.55
C ARG A 140 -7.45 -31.45 26.45
N PHE A 141 -7.66 -31.51 27.77
CA PHE A 141 -6.62 -31.97 28.69
C PHE A 141 -6.80 -33.39 29.24
N GLY A 142 -7.74 -34.15 28.68
CA GLY A 142 -7.96 -35.51 29.14
C GLY A 142 -8.92 -35.65 30.32
N ALA A 143 -9.38 -34.56 30.93
CA ALA A 143 -10.39 -34.67 31.98
C ALA A 143 -11.73 -35.11 31.38
N ASN A 144 -12.52 -35.86 32.13
CA ASN A 144 -13.71 -36.42 31.52
C ASN A 144 -14.86 -36.78 32.51
N ASP A 145 -14.93 -36.04 33.62
CA ASP A 145 -16.10 -35.99 34.53
C ASP A 145 -17.47 -35.86 33.91
N GLN A 146 -18.51 -36.16 34.67
CA GLN A 146 -19.85 -35.73 34.30
C GLN A 146 -19.85 -34.24 33.98
N SER A 147 -19.28 -33.45 34.88
CA SER A 147 -19.18 -32.01 34.67
C SER A 147 -18.66 -31.68 33.26
N VAL A 148 -17.62 -32.39 32.80
CA VAL A 148 -17.04 -32.17 31.49
C VAL A 148 -18.02 -32.53 30.37
N VAL A 149 -18.67 -33.68 30.44
CA VAL A 149 -19.57 -33.98 29.35
C VAL A 149 -20.81 -33.12 29.44
N ASP A 150 -21.24 -32.77 30.64
CA ASP A 150 -22.34 -31.80 30.80
C ASP A 150 -22.06 -30.54 29.98
N ARG A 151 -20.82 -30.04 30.07
CA ARG A 151 -20.44 -28.84 29.33
C ARG A 151 -20.33 -29.03 27.81
N LEU A 152 -19.83 -30.17 27.36
CA LEU A 152 -19.91 -30.52 25.94
C LEU A 152 -21.35 -30.48 25.44
N ILE A 153 -22.29 -30.89 26.30
CA ILE A 153 -23.67 -31.00 25.89
C ILE A 153 -24.22 -29.58 25.71
N TRP A 154 -24.02 -28.74 26.71
CA TRP A 154 -24.45 -27.37 26.61
C TRP A 154 -23.90 -26.69 25.34
N MSE A 155 -22.65 -26.99 25.01
CA MSE A 155 -22.01 -26.39 23.85
C MSE A 155 -22.67 -26.86 22.56
O MSE A 155 -22.90 -26.06 21.65
CB MSE A 155 -20.51 -26.67 23.84
CG MSE A 155 -19.72 -25.83 24.87
SE MSE A 155 -17.84 -26.43 25.10
CE MSE A 155 -16.92 -25.31 23.81
N ARG A 156 -22.98 -28.14 22.49
CA ARG A 156 -23.69 -28.69 21.36
C ARG A 156 -25.09 -28.12 21.29
N ASP A 157 -25.75 -28.03 22.44
CA ASP A 157 -27.17 -27.68 22.46
C ASP A 157 -27.49 -26.22 22.43
N VAL A 158 -26.57 -25.36 22.84
CA VAL A 158 -26.86 -23.94 22.75
C VAL A 158 -25.79 -23.07 22.13
N LEU A 159 -24.57 -23.14 22.68
CA LEU A 159 -23.45 -22.34 22.20
C LEU A 159 -23.23 -22.53 20.72
N GLY A 160 -22.98 -23.76 20.30
CA GLY A 160 -22.86 -24.05 18.87
C GLY A 160 -23.96 -23.39 18.05
N PRO A 161 -25.23 -23.81 18.24
CA PRO A 161 -26.40 -23.24 17.55
C PRO A 161 -26.46 -21.72 17.50
N LEU A 162 -26.13 -21.05 18.60
CA LEU A 162 -26.21 -19.60 18.57
C LEU A 162 -25.10 -18.96 17.67
N LEU A 163 -23.89 -19.47 17.75
CA LEU A 163 -22.82 -19.08 16.82
C LEU A 163 -23.15 -19.42 15.35
N HIS A 164 -23.69 -20.60 15.12
CA HIS A 164 -24.15 -20.92 13.79
C HIS A 164 -25.11 -19.82 13.39
N ASP A 165 -26.13 -19.55 14.21
CA ASP A 165 -27.11 -18.55 13.79
C ASP A 165 -26.53 -17.14 13.69
N ALA A 166 -25.56 -16.83 14.56
CA ALA A 166 -24.94 -15.54 14.56
C ALA A 166 -24.18 -15.23 13.25
N MSE A 167 -23.37 -16.18 12.76
CA MSE A 167 -22.63 -15.93 11.54
C MSE A 167 -23.56 -15.81 10.35
O MSE A 167 -23.20 -15.33 9.30
CB MSE A 167 -21.64 -17.05 11.29
CG MSE A 167 -20.55 -17.08 12.35
SE MSE A 167 -19.70 -15.33 12.48
CE MSE A 167 -18.78 -15.17 10.74
N THR A 168 -24.78 -16.28 10.50
CA THR A 168 -25.78 -16.10 9.47
C THR A 168 -26.09 -14.63 9.14
N PHE A 169 -25.87 -13.76 10.12
CA PHE A 169 -26.13 -12.33 10.01
C PHE A 169 -24.85 -11.60 9.69
N CYS A 170 -23.78 -12.35 9.40
CA CYS A 170 -22.49 -11.75 9.06
C CYS A 170 -22.02 -12.36 7.75
N PRO A 171 -22.69 -11.99 6.64
CA PRO A 171 -22.41 -12.48 5.28
C PRO A 171 -20.97 -12.22 4.82
N GLU A 172 -20.35 -11.16 5.31
CA GLU A 172 -18.98 -10.82 4.93
C GLU A 172 -17.96 -11.76 5.54
N GLY A 173 -18.28 -12.38 6.67
CA GLY A 173 -17.30 -13.12 7.46
C GLY A 173 -16.39 -12.20 8.28
N ILE A 174 -15.62 -12.77 9.19
CA ILE A 174 -14.64 -12.03 9.98
C ILE A 174 -13.20 -12.32 9.52
N ASP A 175 -12.49 -11.26 9.09
CA ASP A 175 -11.14 -11.35 8.51
C ASP A 175 -10.14 -11.65 9.60
N LEU A 176 -9.69 -12.89 9.64
CA LEU A 176 -8.93 -13.33 10.75
C LEU A 176 -7.49 -12.83 10.76
N ARG A 177 -6.85 -12.76 9.57
CA ARG A 177 -5.52 -12.17 9.47
C ARG A 177 -5.49 -10.76 10.03
N LEU A 178 -6.47 -9.93 9.64
CA LEU A 178 -6.54 -8.57 10.13
C LEU A 178 -6.63 -8.54 11.66
N MSE A 179 -7.50 -9.38 12.21
CA MSE A 179 -7.69 -9.40 13.64
C MSE A 179 -6.45 -9.94 14.38
O MSE A 179 -6.08 -9.43 15.45
CB MSE A 179 -8.94 -10.20 14.01
CG MSE A 179 -9.25 -10.17 15.50
SE MSE A 179 -11.01 -10.91 15.84
CE MSE A 179 -12.01 -9.47 14.94
N LEU A 180 -5.84 -10.94 13.78
CA LEU A 180 -4.58 -11.51 14.24
C LEU A 180 -3.54 -10.43 14.32
N SER A 181 -3.41 -9.65 13.25
CA SER A 181 -2.45 -8.56 13.25
C SER A 181 -2.72 -7.45 14.29
N GLN A 182 -3.98 -7.20 14.63
CA GLN A 182 -4.28 -6.21 15.69
C GLN A 182 -3.87 -6.81 17.03
N ALA A 183 -4.13 -8.11 17.18
CA ALA A 183 -3.73 -8.86 18.37
C ALA A 183 -2.25 -8.77 18.72
N LEU A 184 -1.38 -8.94 17.72
CA LEU A 184 0.05 -8.86 17.99
C LEU A 184 0.53 -7.45 18.35
N HIS A 185 -0.30 -6.46 18.04
CA HIS A 185 -0.01 -5.09 18.42
C HIS A 185 -0.58 -4.83 19.82
N MSE A 186 -1.33 -5.79 20.35
CA MSE A 186 -1.84 -5.64 21.73
C MSE A 186 -1.27 -6.68 22.69
O MSE A 186 -1.94 -7.08 23.65
CB MSE A 186 -3.37 -5.68 21.77
CG MSE A 186 -4.03 -4.71 20.79
SE MSE A 186 -5.87 -5.25 20.38
CE MSE A 186 -6.74 -4.25 21.83
N GLY A 187 -0.03 -7.13 22.42
CA GLY A 187 0.70 -7.97 23.37
C GLY A 187 0.35 -9.46 23.42
N ASP A 188 -0.22 -10.00 22.35
CA ASP A 188 -0.51 -11.43 22.25
C ASP A 188 0.46 -12.06 21.28
N GLU A 189 0.77 -13.35 21.44
CA GLU A 189 1.47 -14.05 20.37
C GLU A 189 0.56 -15.08 19.74
N CYS A 190 -0.71 -15.04 20.15
CA CYS A 190 -1.76 -15.90 19.61
C CYS A 190 -1.52 -17.39 19.75
N HIS A 191 -0.81 -17.84 20.78
CA HIS A 191 -0.67 -19.26 20.99
C HIS A 191 -1.03 -19.49 22.42
N ASN A 192 -0.19 -19.02 23.33
CA ASN A 192 -0.52 -19.18 24.73
C ASN A 192 -0.90 -17.88 25.38
N ARG A 193 -0.97 -16.83 24.57
CA ARG A 193 -1.54 -15.60 25.02
C ARG A 193 -2.56 -15.14 23.98
N ASN A 194 -3.82 -15.14 24.40
CA ASN A 194 -4.93 -14.87 23.50
C ASN A 194 -5.80 -13.76 24.06
N VAL A 195 -5.37 -13.12 25.13
CA VAL A 195 -6.22 -12.13 25.78
C VAL A 195 -6.79 -11.16 24.75
N ALA A 196 -5.93 -10.51 24.00
CA ALA A 196 -6.40 -9.46 23.12
C ALA A 196 -7.27 -10.05 22.01
N GLY A 197 -6.86 -11.22 21.52
CA GLY A 197 -7.51 -11.87 20.42
C GLY A 197 -8.90 -12.31 20.81
N SER A 198 -9.06 -12.81 22.02
CA SER A 198 -10.36 -13.24 22.41
C SER A 198 -11.27 -12.05 22.60
N THR A 199 -10.69 -10.97 23.11
CA THR A 199 -11.56 -9.82 23.29
C THR A 199 -11.99 -9.15 21.97
N LEU A 200 -11.12 -9.15 20.97
CA LEU A 200 -11.52 -8.71 19.65
C LEU A 200 -12.61 -9.64 19.10
N LEU A 201 -12.40 -10.94 19.18
CA LEU A 201 -13.40 -11.86 18.68
C LEU A 201 -14.79 -11.59 19.25
N VAL A 202 -14.94 -11.58 20.59
CA VAL A 202 -16.29 -11.43 21.11
C VAL A 202 -16.87 -10.06 20.79
N GLN A 203 -16.02 -9.05 20.71
CA GLN A 203 -16.55 -7.75 20.29
C GLN A 203 -17.16 -7.94 18.90
N ALA A 204 -16.38 -8.54 18.02
CA ALA A 204 -16.85 -8.71 16.67
C ALA A 204 -18.15 -9.52 16.60
N LEU A 205 -18.25 -10.60 17.38
CA LEU A 205 -19.39 -11.52 17.38
C LEU A 205 -20.63 -11.01 18.09
N THR A 206 -20.43 -10.21 19.12
CA THR A 206 -21.53 -9.71 19.97
C THR A 206 -22.79 -9.19 19.24
N PRO A 207 -22.63 -8.37 18.19
CA PRO A 207 -23.90 -7.81 17.69
C PRO A 207 -24.67 -8.82 16.86
N TYR A 208 -23.96 -9.73 16.21
CA TYR A 208 -24.61 -10.77 15.46
C TYR A 208 -25.36 -11.71 16.38
N MSE A 209 -24.79 -11.96 17.55
CA MSE A 209 -25.39 -12.86 18.51
C MSE A 209 -26.72 -12.31 18.95
O MSE A 209 -27.70 -13.03 19.09
CB MSE A 209 -24.47 -13.02 19.72
CG MSE A 209 -23.37 -14.07 19.53
SE MSE A 209 -22.04 -14.14 20.99
CE MSE A 209 -23.28 -14.32 22.47
N VAL A 210 -26.77 -11.01 19.15
CA VAL A 210 -27.96 -10.38 19.66
C VAL A 210 -29.08 -10.42 18.61
N GLN A 211 -28.68 -10.48 17.34
CA GLN A 211 -29.64 -10.51 16.23
C GLN A 211 -30.27 -11.88 16.06
N THR A 212 -29.88 -12.80 16.93
CA THR A 212 -30.35 -14.15 16.99
C THR A 212 -31.70 -14.26 17.73
N ASP A 213 -32.41 -15.37 17.50
CA ASP A 213 -33.63 -15.72 18.21
C ASP A 213 -33.44 -16.15 19.66
N PHE A 214 -32.20 -16.33 20.12
CA PHE A 214 -32.00 -16.84 21.47
C PHE A 214 -32.47 -15.82 22.51
N SER A 215 -32.86 -16.29 23.70
CA SER A 215 -33.36 -15.38 24.74
C SER A 215 -32.27 -14.53 25.41
N ARG A 216 -32.69 -13.42 26.05
CA ARG A 216 -31.75 -12.60 26.80
C ARG A 216 -30.97 -13.46 27.80
N GLU A 217 -31.63 -14.43 28.40
CA GLU A 217 -31.01 -15.28 29.43
C GLU A 217 -30.02 -16.33 28.89
N GLN A 218 -30.25 -16.84 27.68
CA GLN A 218 -29.29 -17.74 27.06
C GLN A 218 -28.12 -16.88 26.64
N LEU A 219 -28.46 -15.64 26.29
CA LEU A 219 -27.49 -14.73 25.74
C LEU A 219 -26.51 -14.39 26.85
N LYS A 220 -27.06 -14.08 28.02
CA LYS A 220 -26.22 -13.73 29.17
C LYS A 220 -25.30 -14.88 29.56
N GLU A 221 -25.84 -16.08 29.63
CA GLU A 221 -25.02 -17.17 30.09
C GLU A 221 -23.93 -17.47 29.08
N VAL A 222 -24.15 -17.13 27.80
CA VAL A 222 -23.16 -17.37 26.75
C VAL A 222 -22.14 -16.27 26.78
N PHE A 223 -22.58 -15.05 27.08
CA PHE A 223 -21.61 -13.97 27.26
C PHE A 223 -20.72 -14.30 28.43
N GLU A 224 -21.31 -14.86 29.48
CA GLU A 224 -20.54 -15.21 30.66
C GLU A 224 -19.50 -16.31 30.39
N PHE A 225 -19.89 -17.35 29.69
CA PHE A 225 -18.99 -18.42 29.29
C PHE A 225 -17.80 -17.83 28.50
N LEU A 226 -18.08 -16.92 27.58
CA LEU A 226 -17.07 -16.31 26.74
C LEU A 226 -16.10 -15.41 27.50
N GLY A 227 -16.47 -14.95 28.69
CA GLY A 227 -15.62 -14.07 29.48
C GLY A 227 -15.04 -14.89 30.62
N SER A 228 -15.31 -16.18 30.56
CA SER A 228 -14.88 -17.15 31.54
C SER A 228 -13.34 -17.30 31.62
N SER A 229 -12.67 -17.34 30.47
CA SER A 229 -11.24 -17.41 30.42
C SER A 229 -10.82 -16.75 29.11
N ASP A 230 -9.52 -16.54 28.93
CA ASP A 230 -9.05 -15.79 27.78
C ASP A 230 -8.72 -16.71 26.60
N TYR A 231 -9.05 -17.98 26.70
CA TYR A 231 -8.64 -18.91 25.65
C TYR A 231 -9.62 -19.07 24.47
N PHE A 232 -10.69 -18.29 24.41
CA PHE A 232 -11.69 -18.53 23.37
C PHE A 232 -11.20 -18.43 21.91
N SER A 233 -10.30 -17.50 21.60
CA SER A 233 -9.84 -17.34 20.22
C SER A 233 -8.64 -18.26 19.90
N GLY A 234 -8.06 -18.85 20.94
CA GLY A 234 -7.00 -19.87 20.78
C GLY A 234 -7.25 -20.73 19.57
N PRO A 235 -8.33 -21.53 19.60
CA PRO A 235 -8.58 -22.38 18.42
C PRO A 235 -8.70 -21.58 17.14
N THR A 236 -9.17 -20.35 17.24
CA THR A 236 -9.43 -19.55 16.06
C THR A 236 -8.15 -19.27 15.29
N TRP A 237 -7.10 -18.85 16.01
CA TRP A 237 -5.82 -18.54 15.38
C TRP A 237 -5.20 -19.77 14.77
N MSE A 238 -5.37 -20.92 15.42
CA MSE A 238 -4.87 -22.17 14.88
C MSE A 238 -5.52 -22.48 13.56
O MSE A 238 -4.87 -22.99 12.62
CB MSE A 238 -5.09 -23.35 15.83
CG MSE A 238 -4.69 -23.15 17.28
SE MSE A 238 -5.08 -24.79 18.28
CE MSE A 238 -4.38 -24.12 20.00
N GLY A 239 -6.83 -22.17 13.44
CA GLY A 239 -7.51 -22.49 12.22
C GLY A 239 -7.08 -21.56 11.12
N ALA A 240 -6.97 -20.27 11.42
CA ALA A 240 -6.41 -19.35 10.42
C ALA A 240 -5.04 -19.83 9.91
N ALA A 241 -4.13 -20.11 10.84
CA ALA A 241 -2.83 -20.61 10.48
C ALA A 241 -2.94 -21.85 9.60
N LYS A 242 -3.86 -22.75 9.93
CA LYS A 242 -4.00 -24.00 9.16
C LYS A 242 -4.50 -23.63 7.75
N CYS A 243 -5.49 -22.75 7.68
CA CYS A 243 -6.02 -22.30 6.41
C CYS A 243 -4.89 -21.73 5.52
N ALA A 244 -4.05 -20.88 6.12
CA ALA A 244 -2.92 -20.25 5.42
C ALA A 244 -1.87 -21.27 4.94
N LEU A 245 -1.48 -22.15 5.84
CA LEU A 245 -0.38 -23.06 5.57
C LEU A 245 -0.84 -24.09 4.59
N ASP A 246 -2.09 -24.47 4.64
CA ASP A 246 -2.56 -25.40 3.64
C ASP A 246 -2.42 -24.85 2.21
N ALA A 247 -2.56 -23.53 2.07
CA ALA A 247 -2.42 -22.93 0.74
C ALA A 247 -0.98 -23.02 0.22
N GLY A 248 -0.04 -23.21 1.15
CA GLY A 248 1.38 -23.37 0.81
C GLY A 248 1.89 -24.80 0.66
N HIS A 249 0.99 -25.79 0.80
CA HIS A 249 1.37 -27.21 0.71
C HIS A 249 1.35 -27.74 -0.73
N ASN A 250 2.07 -28.81 -1.00
CA ASN A 250 2.04 -29.44 -2.32
C ASN A 250 2.66 -28.61 -3.44
N VAL A 251 3.72 -27.88 -3.14
CA VAL A 251 4.43 -27.13 -4.16
C VAL A 251 5.68 -27.92 -4.54
N GLU A 252 5.81 -28.23 -5.81
CA GLU A 252 6.78 -29.17 -6.32
C GLU A 252 8.15 -29.28 -5.67
N ASN A 253 8.88 -28.19 -5.50
CA ASN A 253 10.22 -28.44 -4.91
C ASN A 253 10.50 -27.73 -3.60
N SER A 254 9.46 -27.42 -2.84
CA SER A 254 9.62 -26.58 -1.67
C SER A 254 10.11 -27.35 -0.47
N THR A 255 10.96 -26.72 0.31
CA THR A 255 11.43 -27.30 1.58
C THR A 255 10.79 -26.65 2.81
N ILE A 256 9.65 -25.98 2.61
CA ILE A 256 8.94 -25.36 3.72
C ILE A 256 8.14 -26.37 4.52
N VAL A 257 8.25 -26.26 5.85
CA VAL A 257 7.43 -27.02 6.79
C VAL A 257 6.03 -26.46 6.77
N THR A 258 5.03 -27.27 6.41
CA THR A 258 3.65 -26.78 6.31
C THR A 258 2.78 -27.28 7.45
N THR A 259 3.29 -28.24 8.20
CA THR A 259 2.61 -28.68 9.41
C THR A 259 3.65 -29.04 10.48
N MSE A 260 3.42 -28.63 11.72
CA MSE A 260 4.14 -29.21 12.85
C MSE A 260 3.12 -29.50 13.91
O MSE A 260 2.49 -28.56 14.38
CB MSE A 260 5.16 -28.23 13.47
CG MSE A 260 6.20 -27.68 12.56
SE MSE A 260 7.67 -26.81 13.59
CE MSE A 260 6.74 -25.19 14.31
N CYS A 261 3.00 -30.76 14.30
CA CYS A 261 2.08 -31.16 15.37
C CYS A 261 2.64 -32.29 16.20
N ARG A 262 1.93 -32.64 17.26
CA ARG A 262 2.34 -33.70 18.18
C ARG A 262 1.14 -34.32 18.92
N ASN A 263 1.26 -35.57 19.33
CA ASN A 263 0.16 -36.25 20.01
C ASN A 263 0.51 -36.72 21.40
N GLY A 264 1.58 -36.18 21.97
CA GLY A 264 1.95 -36.53 23.30
C GLY A 264 2.80 -37.77 23.29
N VAL A 265 3.00 -38.38 22.13
CA VAL A 265 3.95 -39.51 21.98
C VAL A 265 4.95 -39.24 20.84
N GLU A 266 4.46 -38.78 19.70
CA GLU A 266 5.33 -38.47 18.57
C GLU A 266 5.07 -37.05 18.10
N PHE A 267 6.10 -36.42 17.56
CA PHE A 267 6.00 -35.15 16.88
C PHE A 267 5.95 -35.48 15.40
N GLY A 268 5.07 -34.85 14.65
CA GLY A 268 5.07 -35.03 13.20
C GLY A 268 5.13 -33.72 12.41
N ILE A 269 5.86 -33.74 11.30
CA ILE A 269 5.86 -32.59 10.40
C ILE A 269 5.45 -33.00 8.99
N ARG A 270 4.98 -32.01 8.22
CA ARG A 270 4.75 -32.22 6.82
C ARG A 270 5.49 -31.11 6.09
N VAL A 271 6.10 -31.44 4.95
CA VAL A 271 6.72 -30.41 4.18
C VAL A 271 6.16 -30.22 2.76
N SER A 272 6.05 -28.96 2.35
CA SER A 272 5.33 -28.61 1.15
C SER A 272 5.74 -29.43 -0.04
N GLY A 273 7.03 -29.50 -0.28
CA GLY A 273 7.56 -30.20 -1.47
C GLY A 273 7.40 -31.70 -1.45
N ILE A 274 6.93 -32.24 -0.33
CA ILE A 274 6.62 -33.66 -0.21
C ILE A 274 5.12 -33.91 -0.39
N GLY A 275 4.31 -33.02 0.16
CA GLY A 275 2.89 -33.08 -0.17
C GLY A 275 2.05 -34.14 0.51
N GLY A 276 0.75 -33.94 0.42
CA GLY A 276 -0.21 -34.92 0.85
C GLY A 276 -0.05 -35.13 2.33
N ASN A 277 -0.28 -36.38 2.76
CA ASN A 277 -0.21 -36.69 4.16
C ASN A 277 1.05 -37.48 4.53
N HIS A 278 2.15 -37.28 3.82
CA HIS A 278 3.38 -37.93 4.20
C HIS A 278 3.89 -37.28 5.46
N TRP A 279 3.95 -38.03 6.55
CA TRP A 279 4.40 -37.52 7.82
C TRP A 279 5.84 -37.88 8.11
N PHE A 280 6.51 -37.08 8.92
CA PHE A 280 7.85 -37.38 9.43
C PHE A 280 7.70 -37.21 10.90
N THR A 281 8.05 -38.25 11.64
CA THR A 281 7.70 -38.36 13.06
C THR A 281 8.90 -38.76 13.90
N GLY A 282 8.95 -38.27 15.13
CA GLY A 282 10.00 -38.66 16.05
C GLY A 282 9.39 -38.46 17.41
N PRO A 283 10.20 -38.47 18.48
CA PRO A 283 9.64 -38.45 19.84
C PRO A 283 9.21 -37.06 20.25
N ALA A 284 8.03 -36.92 20.85
CA ALA A 284 7.58 -35.62 21.35
C ALA A 284 8.50 -35.22 22.49
N GLN A 285 8.86 -33.94 22.58
CA GLN A 285 9.84 -33.56 23.60
C GLN A 285 9.19 -33.14 24.92
N ARG A 286 9.99 -33.10 26.00
CA ARG A 286 9.53 -32.55 27.26
C ARG A 286 9.32 -31.08 27.06
N VAL A 287 8.56 -30.47 27.95
CA VAL A 287 8.24 -29.05 27.86
C VAL A 287 8.71 -28.45 29.17
N ILE A 288 9.74 -27.61 29.13
CA ILE A 288 10.34 -27.07 30.34
C ILE A 288 9.83 -25.64 30.61
N GLY A 289 9.27 -25.42 31.80
CA GLY A 289 8.70 -24.13 32.20
C GLY A 289 8.14 -24.07 33.63
N PRO A 290 7.53 -22.94 34.00
CA PRO A 290 6.82 -22.75 35.26
C PRO A 290 5.68 -23.73 35.52
N MSE A 291 5.78 -24.44 36.65
CA MSE A 291 4.79 -25.43 37.03
C MSE A 291 3.78 -24.78 37.98
O MSE A 291 4.17 -23.93 38.78
CB MSE A 291 5.49 -26.61 37.72
CG MSE A 291 6.42 -27.39 36.81
SE MSE A 291 5.58 -27.86 35.08
CE MSE A 291 4.15 -29.07 35.67
N PHE A 292 2.52 -25.20 37.91
CA PHE A 292 1.47 -24.59 38.77
C PHE A 292 1.50 -24.99 40.25
N ALA A 293 0.29 -24.93 40.81
CA ALA A 293 0.00 -25.14 42.22
C ALA A 293 0.49 -26.49 42.80
N GLY A 294 1.74 -26.50 43.25
CA GLY A 294 2.37 -27.69 43.82
C GLY A 294 2.53 -28.85 42.84
N TYR A 295 3.14 -28.58 41.69
CA TYR A 295 3.37 -29.59 40.67
C TYR A 295 4.84 -29.64 40.29
N THR A 296 5.25 -30.68 39.57
CA THR A 296 6.67 -30.91 39.24
C THR A 296 6.81 -31.31 37.78
N GLN A 297 8.04 -31.30 37.27
CA GLN A 297 8.31 -31.78 35.92
C GLN A 297 7.97 -33.26 35.80
N GLU A 298 8.07 -33.98 36.92
CA GLU A 298 7.79 -35.42 36.91
C GLU A 298 6.36 -35.71 36.43
N ASP A 299 5.41 -34.82 36.75
CA ASP A 299 3.97 -35.01 36.46
C ASP A 299 3.57 -34.76 35.01
N ALA A 300 4.47 -34.19 34.23
CA ALA A 300 4.06 -33.68 32.92
C ALA A 300 4.21 -34.73 31.83
N GLY A 301 3.24 -34.73 30.92
CA GLY A 301 3.30 -35.57 29.74
C GLY A 301 4.15 -34.89 28.70
N LEU A 302 4.40 -35.56 27.59
CA LEU A 302 5.18 -34.97 26.54
C LEU A 302 4.31 -34.03 25.71
N ASP A 303 4.96 -33.24 24.86
CA ASP A 303 4.34 -32.25 24.01
C ASP A 303 3.11 -32.83 23.31
N MSE A 304 2.00 -32.09 23.27
CA MSE A 304 0.75 -32.64 22.70
C MSE A 304 -0.11 -31.54 22.12
O MSE A 304 -0.34 -30.53 22.77
CB MSE A 304 -0.05 -33.36 23.78
CG MSE A 304 -1.23 -34.15 23.26
SE MSE A 304 -2.21 -35.01 24.74
CE MSE A 304 -2.73 -33.50 25.89
N GLY A 305 -0.61 -31.75 20.92
CA GLY A 305 -1.53 -30.78 20.33
C GLY A 305 -1.13 -30.28 18.96
N ASP A 306 -2.08 -29.74 18.22
CA ASP A 306 -1.78 -29.15 16.94
C ASP A 306 -1.47 -27.65 17.09
N SER A 307 -1.48 -27.08 18.29
CA SER A 307 -1.32 -25.61 18.35
C SER A 307 -0.03 -25.17 17.66
N ALA A 308 0.95 -26.06 17.58
CA ALA A 308 2.21 -25.69 16.98
C ALA A 308 2.07 -25.18 15.53
N ILE A 309 0.89 -25.32 14.95
CA ILE A 309 0.63 -24.82 13.61
C ILE A 309 0.80 -23.32 13.63
N THR A 310 0.73 -22.78 14.81
CA THR A 310 0.83 -21.37 15.06
C THR A 310 2.26 -20.85 14.78
N GLU A 311 3.27 -21.56 15.29
CA GLU A 311 4.66 -21.16 15.08
C GLU A 311 5.03 -21.40 13.63
N THR A 312 4.41 -22.41 13.02
CA THR A 312 4.70 -22.76 11.64
C THR A 312 4.27 -21.62 10.76
N TYR A 313 3.42 -20.75 11.30
CA TYR A 313 2.86 -19.64 10.53
C TYR A 313 3.70 -18.42 10.76
N GLY A 314 4.32 -18.29 11.93
CA GLY A 314 5.15 -17.14 12.21
C GLY A 314 4.81 -16.49 13.52
N VAL A 315 3.88 -17.10 14.22
CA VAL A 315 3.35 -16.51 15.44
C VAL A 315 3.64 -17.40 16.70
N GLY A 316 3.01 -17.13 17.82
CA GLY A 316 3.29 -17.99 18.98
C GLY A 316 4.71 -17.74 19.43
N GLY A 317 5.45 -18.79 19.71
CA GLY A 317 6.86 -18.63 20.09
C GLY A 317 7.69 -17.83 19.08
N PHE A 318 7.31 -17.87 17.80
CA PHE A 318 8.09 -17.10 16.81
C PHE A 318 7.80 -15.60 16.97
N ALA A 319 6.68 -15.28 17.58
CA ALA A 319 6.32 -13.91 17.78
C ALA A 319 6.44 -13.49 19.22
N MSE A 320 7.18 -14.23 20.04
CA MSE A 320 7.21 -13.89 21.47
C MSE A 320 7.68 -12.48 21.82
O MSE A 320 7.39 -12.00 22.92
CB MSE A 320 7.99 -14.92 22.30
CG MSE A 320 7.07 -16.04 22.82
SE MSE A 320 8.15 -17.39 23.73
CE MSE A 320 9.21 -16.22 24.85
N ALA A 321 8.35 -11.80 20.90
CA ALA A 321 8.79 -10.45 21.20
C ALA A 321 7.57 -9.52 21.35
N ALA A 322 6.47 -9.92 20.74
CA ALA A 322 5.28 -9.11 20.67
C ALA A 322 4.56 -9.15 22.02
N ALA A 323 4.89 -10.17 22.79
CA ALA A 323 4.10 -10.54 23.96
C ALA A 323 4.96 -10.69 25.17
N PRO A 324 5.71 -9.66 25.55
CA PRO A 324 6.58 -9.85 26.70
C PRO A 324 5.80 -10.27 27.95
N ALA A 325 4.48 -10.11 27.92
CA ALA A 325 3.69 -10.43 29.11
C ALA A 325 3.61 -11.93 29.46
N ILE A 326 3.85 -12.84 28.50
CA ILE A 326 3.87 -14.27 28.86
C ILE A 326 5.11 -14.79 29.59
N VAL A 327 6.05 -13.94 29.89
CA VAL A 327 7.28 -14.44 30.43
C VAL A 327 7.07 -15.18 31.76
N PRO A 328 6.44 -14.54 32.77
CA PRO A 328 6.12 -15.29 34.00
C PRO A 328 5.41 -16.62 33.75
N LEU A 329 4.48 -16.67 32.79
CA LEU A 329 3.79 -17.93 32.48
C LEU A 329 4.67 -19.01 31.79
N VAL A 330 5.73 -18.61 31.11
CA VAL A 330 6.45 -19.55 30.25
C VAL A 330 7.94 -19.70 30.53
N GLY A 331 8.48 -18.86 31.39
CA GLY A 331 9.86 -18.97 31.79
C GLY A 331 10.76 -18.07 30.96
N GLY A 332 11.95 -17.81 31.46
CA GLY A 332 12.96 -17.04 30.74
C GLY A 332 12.94 -15.55 31.05
N THR A 333 13.86 -14.80 30.43
CA THR A 333 13.87 -13.35 30.51
C THR A 333 12.99 -12.73 29.42
N VAL A 334 12.72 -11.43 29.51
CA VAL A 334 12.09 -10.77 28.36
C VAL A 334 13.15 -10.56 27.26
N ALA A 335 14.37 -10.20 27.65
CA ALA A 335 15.52 -10.20 26.72
C ALA A 335 15.47 -11.37 25.74
N GLU A 336 15.45 -12.61 26.25
CA GLU A 336 15.39 -13.79 25.42
C GLU A 336 14.12 -13.84 24.60
N ALA A 337 13.01 -13.46 25.21
CA ALA A 337 11.74 -13.46 24.49
C ALA A 337 11.79 -12.51 23.30
N LEU A 338 12.54 -11.41 23.41
CA LEU A 338 12.69 -10.50 22.27
C LEU A 338 13.61 -11.14 21.25
N ASN A 339 14.53 -11.94 21.74
CA ASN A 339 15.49 -12.47 20.84
C ASN A 339 14.95 -13.57 19.92
N TYR A 340 14.00 -14.35 20.41
CA TYR A 340 13.60 -15.53 19.64
C TYR A 340 13.07 -15.14 18.28
N SER A 341 12.23 -14.12 18.25
CA SER A 341 11.67 -13.70 16.99
C SER A 341 12.77 -13.25 16.05
N LYS A 342 13.84 -12.65 16.59
CA LYS A 342 14.92 -12.20 15.72
C LYS A 342 15.68 -13.40 15.22
N GLU A 343 15.88 -14.38 16.06
CA GLU A 343 16.64 -15.51 15.61
C GLU A 343 15.86 -16.38 14.65
N MSE A 344 14.56 -16.49 14.85
CA MSE A 344 13.75 -17.27 13.92
C MSE A 344 13.84 -16.73 12.49
O MSE A 344 13.50 -17.45 11.55
CB MSE A 344 12.29 -17.38 14.34
CG MSE A 344 12.00 -18.19 15.59
SE MSE A 344 12.84 -19.97 15.73
CE MSE A 344 14.36 -19.50 16.88
N LEU A 345 14.25 -15.48 12.31
CA LEU A 345 14.50 -15.02 10.92
C LEU A 345 15.53 -15.92 10.23
N GLU A 346 16.41 -16.53 11.03
CA GLU A 346 17.50 -17.28 10.46
C GLU A 346 17.08 -18.62 9.89
N ILE A 347 15.90 -19.11 10.25
CA ILE A 347 15.43 -20.39 9.70
C ILE A 347 14.13 -20.25 8.93
N THR A 348 13.69 -19.02 8.66
CA THR A 348 12.49 -18.84 7.86
C THR A 348 12.84 -18.13 6.58
N THR A 349 11.83 -18.00 5.74
CA THR A 349 12.01 -17.63 4.35
C THR A 349 11.82 -16.17 4.12
N LYS A 350 10.81 -15.56 4.76
CA LYS A 350 10.73 -14.11 4.75
C LYS A 350 9.74 -13.54 5.75
N GLU A 351 9.83 -12.25 6.02
CA GLU A 351 8.86 -11.51 6.86
C GLU A 351 7.49 -11.39 6.21
N ASN A 352 6.46 -11.58 7.02
CA ASN A 352 5.10 -11.37 6.55
C ASN A 352 4.71 -9.94 6.81
N PRO A 353 4.69 -9.13 5.75
CA PRO A 353 4.51 -7.69 5.88
C PRO A 353 3.10 -7.31 6.38
N ASN A 354 2.20 -8.28 6.56
CA ASN A 354 0.85 -7.96 7.06
C ASN A 354 0.72 -8.16 8.59
N VAL A 355 1.63 -8.91 9.19
CA VAL A 355 1.56 -9.16 10.61
C VAL A 355 2.90 -8.77 11.18
N THR A 356 2.89 -7.70 11.95
CA THR A 356 4.13 -7.04 12.33
C THR A 356 4.24 -6.95 13.84
N ILE A 357 5.41 -6.58 14.34
CA ILE A 357 5.73 -6.59 15.78
C ILE A 357 6.34 -5.26 16.15
N PRO A 358 5.58 -4.42 16.84
CA PRO A 358 5.98 -3.02 17.10
C PRO A 358 7.34 -2.87 17.79
N VAL A 359 7.63 -3.71 18.78
CA VAL A 359 8.84 -3.51 19.56
C VAL A 359 10.06 -3.77 18.68
N LEU A 360 9.83 -4.51 17.59
CA LEU A 360 10.90 -4.78 16.65
C LEU A 360 10.85 -3.85 15.46
N ASP A 361 10.29 -2.65 15.68
CA ASP A 361 10.16 -1.63 14.63
C ASP A 361 9.26 -2.17 13.52
N PHE A 362 8.25 -2.94 13.86
CA PHE A 362 7.29 -3.43 12.89
C PHE A 362 7.87 -4.35 11.82
N MSE A 363 8.77 -5.27 12.20
CA MSE A 363 9.18 -6.30 11.28
C MSE A 363 8.06 -7.32 11.13
O MSE A 363 7.38 -7.69 12.11
CB MSE A 363 10.50 -6.97 11.72
CG MSE A 363 10.41 -7.86 12.91
SE MSE A 363 11.66 -9.43 12.95
CE MSE A 363 10.62 -10.63 14.06
N GLY A 364 7.83 -7.75 9.89
CA GLY A 364 6.89 -8.84 9.63
C GLY A 364 7.32 -10.08 10.38
N ILE A 365 6.36 -10.90 10.81
CA ILE A 365 6.67 -12.11 11.56
C ILE A 365 7.49 -13.09 10.68
N PRO A 366 8.36 -13.91 11.31
CA PRO A 366 9.22 -14.80 10.50
C PRO A 366 8.46 -16.00 10.00
N THR A 367 8.26 -16.03 8.69
CA THR A 367 7.36 -16.97 8.07
C THR A 367 8.07 -17.97 7.16
N GLY A 368 7.70 -19.24 7.28
CA GLY A 368 8.15 -20.30 6.37
C GLY A 368 9.40 -21.03 6.78
N ILE A 369 9.31 -21.88 7.81
CA ILE A 369 10.40 -22.76 8.24
C ILE A 369 10.91 -23.56 7.06
N ASP A 370 12.23 -23.47 6.82
CA ASP A 370 12.85 -24.10 5.68
C ASP A 370 13.79 -25.15 6.25
N VAL A 371 13.50 -26.42 5.99
CA VAL A 371 14.29 -27.50 6.49
C VAL A 371 15.82 -27.29 6.31
N LEU A 372 16.21 -26.77 5.15
CA LEU A 372 17.61 -26.53 4.88
C LEU A 372 18.23 -25.61 5.94
N LYS A 373 17.52 -24.54 6.30
CA LYS A 373 18.08 -23.56 7.21
C LYS A 373 18.19 -24.06 8.65
N VAL A 374 17.17 -24.79 9.11
CA VAL A 374 17.26 -25.50 10.37
C VAL A 374 18.47 -26.47 10.40
N LEU A 375 18.70 -27.23 9.31
CA LEU A 375 19.91 -28.05 9.25
C LEU A 375 21.21 -27.22 9.26
N GLU A 376 21.33 -26.25 8.37
CA GLU A 376 22.54 -25.45 8.33
C GLU A 376 22.81 -24.65 9.62
N THR A 377 21.83 -23.95 10.18
CA THR A 377 22.11 -23.17 11.40
C THR A 377 22.18 -24.04 12.64
N GLY A 378 21.52 -25.19 12.59
CA GLY A 378 21.43 -26.06 13.75
C GLY A 378 20.43 -25.54 14.78
N MSE A 379 19.51 -24.66 14.35
CA MSE A 379 18.52 -24.09 15.26
C MSE A 379 17.13 -24.69 15.01
O MSE A 379 16.53 -24.46 13.97
CB MSE A 379 18.43 -22.57 15.10
CG MSE A 379 19.49 -21.73 15.83
SE MSE A 379 19.15 -19.80 15.48
CE MSE A 379 17.23 -19.96 15.16
N LEU A 380 16.63 -25.46 15.97
CA LEU A 380 15.31 -26.03 15.89
C LEU A 380 14.36 -24.91 16.25
N PRO A 381 13.15 -24.89 15.62
CA PRO A 381 12.04 -23.97 15.94
C PRO A 381 11.73 -23.97 17.43
N VAL A 382 11.46 -22.80 18.01
CA VAL A 382 11.15 -22.72 19.43
C VAL A 382 9.66 -22.66 19.59
N ILE A 383 9.09 -23.65 20.25
CA ILE A 383 7.64 -23.65 20.48
C ILE A 383 7.28 -23.35 21.95
N ASN A 384 6.18 -22.62 22.15
CA ASN A 384 5.67 -22.43 23.50
C ASN A 384 4.39 -23.20 23.64
N THR A 385 4.13 -23.67 24.84
CA THR A 385 2.96 -24.52 24.96
C THR A 385 2.47 -24.66 26.41
N ALA A 386 1.21 -25.06 26.52
CA ALA A 386 0.61 -25.50 27.78
C ALA A 386 1.13 -26.87 28.11
N ILE A 387 1.38 -27.08 29.40
CA ILE A 387 1.78 -28.38 29.92
C ILE A 387 0.60 -29.13 30.52
N ALA A 388 0.47 -30.39 30.12
CA ALA A 388 -0.63 -31.20 30.56
C ALA A 388 -0.09 -32.34 31.44
N HIS A 389 -0.93 -32.83 32.34
CA HIS A 389 -0.53 -33.93 33.21
C HIS A 389 -0.40 -35.21 32.41
N LYS A 390 0.44 -36.13 32.84
CA LYS A 390 0.56 -37.41 32.13
C LYS A 390 -0.58 -38.35 32.44
N GLU A 391 -1.38 -37.98 33.45
CA GLU A 391 -2.55 -38.75 33.86
C GLU A 391 -3.84 -38.18 33.28
N PRO A 392 -4.78 -39.06 32.88
CA PRO A 392 -6.02 -38.60 32.28
C PRO A 392 -6.80 -37.95 33.38
N GLY A 393 -7.84 -37.22 33.04
CA GLY A 393 -8.42 -36.33 34.00
C GLY A 393 -7.34 -35.30 34.32
N ILE A 394 -7.38 -34.80 35.55
CA ILE A 394 -6.54 -33.69 35.99
C ILE A 394 -6.65 -32.58 34.98
N GLY A 395 -5.78 -31.58 35.03
CA GLY A 395 -5.97 -30.43 34.14
C GLY A 395 -4.77 -30.08 33.26
N MSE A 396 -4.70 -28.79 32.89
CA MSE A 396 -3.46 -28.14 32.51
C MSE A 396 -2.62 -27.92 33.78
O MSE A 396 -3.16 -27.56 34.82
CB MSE A 396 -3.78 -26.80 31.83
CG MSE A 396 -2.70 -25.72 31.89
SE MSE A 396 -3.13 -24.12 30.80
CE MSE A 396 -1.55 -23.00 31.21
N ILE A 397 -1.32 -28.14 33.71
CA ILE A 397 -0.50 -28.04 34.93
C ILE A 397 0.68 -27.08 34.86
N GLY A 398 0.86 -26.41 33.72
CA GLY A 398 1.92 -25.42 33.59
C GLY A 398 2.16 -25.01 32.15
N ALA A 399 3.28 -24.35 31.87
CA ALA A 399 3.58 -23.92 30.52
C ALA A 399 5.04 -23.72 30.34
N GLY A 400 5.48 -23.82 29.09
CA GLY A 400 6.89 -23.67 28.79
C GLY A 400 7.29 -23.73 27.33
N LEU A 401 8.57 -24.04 27.14
CA LEU A 401 9.24 -23.99 25.87
C LEU A 401 9.64 -25.39 25.42
N THR A 402 9.51 -25.69 24.14
CA THR A 402 9.99 -26.95 23.64
C THR A 402 10.50 -26.80 22.20
N ASN A 403 11.06 -27.86 21.66
CA ASN A 403 11.46 -27.85 20.27
C ASN A 403 10.98 -29.12 19.68
N PRO A 404 10.84 -29.17 18.36
CA PRO A 404 10.65 -30.47 17.74
C PRO A 404 11.88 -31.31 17.92
N PRO A 405 11.77 -32.63 17.65
CA PRO A 405 12.94 -33.53 17.65
C PRO A 405 13.74 -33.23 16.40
N ALA A 406 15.02 -33.56 16.37
CA ALA A 406 15.85 -33.28 15.21
C ALA A 406 15.61 -34.28 14.10
N ASN A 407 15.61 -35.56 14.43
CA ASN A 407 15.44 -36.62 13.45
C ASN A 407 14.47 -36.27 12.36
N VAL A 408 13.42 -35.56 12.74
CA VAL A 408 12.37 -35.24 11.80
C VAL A 408 12.84 -34.37 10.63
N PHE A 409 13.74 -33.44 10.90
CA PHE A 409 14.23 -32.57 9.85
C PHE A 409 15.23 -33.30 8.99
N ASN A 410 16.09 -34.07 9.63
CA ASN A 410 16.95 -35.00 8.89
C ASN A 410 16.17 -35.84 7.88
N GLU A 411 15.14 -36.52 8.34
CA GLU A 411 14.41 -37.46 7.51
C GLU A 411 13.75 -36.75 6.33
N ALA A 412 13.27 -35.54 6.59
CA ALA A 412 12.66 -34.74 5.55
C ALA A 412 13.68 -34.22 4.53
N LEU A 413 14.80 -33.71 5.01
CA LEU A 413 15.87 -33.36 4.11
C LEU A 413 16.20 -34.56 3.16
N LYS A 414 16.44 -35.74 3.71
CA LYS A 414 16.65 -36.90 2.91
C LYS A 414 15.54 -37.12 1.87
N ALA A 415 14.29 -37.15 2.31
CA ALA A 415 13.18 -37.31 1.36
C ALA A 415 13.21 -36.29 0.20
N LEU A 416 13.62 -35.07 0.51
CA LEU A 416 13.61 -34.06 -0.53
C LEU A 416 14.70 -34.25 -1.57
N VAL A 417 15.96 -34.21 -1.12
CA VAL A 417 17.04 -34.24 -2.06
C VAL A 417 16.94 -35.51 -2.89
N ALA A 418 16.18 -36.49 -2.42
CA ALA A 418 16.00 -37.69 -3.22
C ALA A 418 14.90 -37.50 -4.26
N THR A 419 13.89 -36.69 -3.94
CA THR A 419 12.77 -36.43 -4.85
C THR A 419 13.19 -35.66 -6.08
N ILE A 420 14.07 -34.69 -5.90
CA ILE A 420 14.45 -33.79 -6.97
C ILE A 420 15.39 -34.45 -8.00
N ASN A 421 15.70 -35.73 -7.78
CA ASN A 421 16.26 -36.66 -8.77
C ASN A 421 17.13 -37.78 -8.16
N SER B 1 20.59 12.38 68.05
CA SER B 1 19.12 12.64 67.97
C SER B 1 18.61 12.69 66.52
N ASN B 2 17.33 12.35 66.33
CA ASN B 2 16.64 12.57 65.06
C ASN B 2 15.57 13.67 65.16
N ALA B 3 15.52 14.34 66.32
CA ALA B 3 14.57 15.44 66.59
C ALA B 3 13.82 15.84 65.34
N PRO B 4 12.65 15.21 65.10
CA PRO B 4 12.00 15.05 63.78
C PRO B 4 12.29 16.18 62.78
N THR B 5 13.35 16.01 61.98
CA THR B 5 13.85 17.07 61.10
C THR B 5 13.02 17.24 59.83
N LEU B 6 13.60 17.91 58.84
CA LEU B 6 12.81 18.46 57.76
C LEU B 6 12.65 17.57 56.54
N TYR B 7 13.69 17.53 55.74
CA TYR B 7 13.74 16.66 54.59
C TYR B 7 13.10 15.33 54.98
N GLU B 8 13.22 14.95 56.25
CA GLU B 8 12.50 13.80 56.78
C GLU B 8 11.02 14.04 56.57
N LYS B 9 10.49 15.05 57.26
CA LYS B 9 9.07 15.29 57.27
C LYS B 9 8.48 15.21 55.87
N ILE B 10 9.26 15.66 54.88
CA ILE B 10 8.89 15.51 53.46
C ILE B 10 8.98 14.05 53.00
N GLN B 11 10.09 13.39 53.33
CA GLN B 11 10.19 11.97 53.06
C GLN B 11 9.04 11.19 53.70
N GLN B 12 8.69 11.51 54.94
CA GLN B 12 7.56 10.83 55.58
C GLN B 12 6.26 11.13 54.88
N ALA B 13 6.03 12.39 54.56
CA ALA B 13 4.75 12.78 53.99
C ALA B 13 4.58 12.19 52.59
N ASN B 14 5.68 12.10 51.83
CA ASN B 14 5.57 11.57 50.49
C ASN B 14 5.26 10.07 50.53
N GLU B 15 5.82 9.38 51.51
CA GLU B 15 5.52 7.98 51.79
C GLU B 15 4.02 7.72 51.99
N GLU B 16 3.40 8.52 52.86
CA GLU B 16 1.98 8.43 53.14
C GLU B 16 1.16 8.82 51.89
N ALA B 17 1.54 9.90 51.25
CA ALA B 17 0.80 10.35 50.06
C ALA B 17 0.84 9.35 48.92
N VAL B 18 2.04 8.87 48.57
CA VAL B 18 2.18 7.91 47.48
C VAL B 18 1.56 6.55 47.83
N THR B 19 1.51 6.24 49.12
CA THR B 19 0.86 5.02 49.56
C THR B 19 -0.62 5.09 49.33
N ARG B 20 -1.21 6.27 49.47
CA ARG B 20 -2.61 6.38 49.17
C ARG B 20 -2.82 6.13 47.69
N ILE B 21 -2.12 6.86 46.86
CA ILE B 21 -2.24 6.75 45.42
C ILE B 21 -2.11 5.30 44.97
N ILE B 22 -1.04 4.65 45.39
CA ILE B 22 -0.79 3.26 44.94
C ILE B 22 -1.89 2.31 45.39
N GLN B 23 -2.33 2.46 46.64
CA GLN B 23 -3.33 1.55 47.18
C GLN B 23 -4.79 1.90 46.90
N SER B 24 -5.07 3.10 46.37
CA SER B 24 -6.41 3.40 45.93
C SER B 24 -6.86 2.33 44.97
N LYS B 25 -8.15 2.06 44.98
CA LYS B 25 -8.70 1.07 44.09
C LYS B 25 -10.01 1.59 43.54
N PRO B 26 -9.92 2.36 42.46
CA PRO B 26 -11.04 2.98 41.76
C PRO B 26 -11.99 1.94 41.15
N ILE B 27 -13.25 1.98 41.58
CA ILE B 27 -14.29 1.07 41.06
C ILE B 27 -15.35 1.83 40.27
N LEU B 28 -15.59 1.38 39.04
CA LEU B 28 -16.63 2.02 38.26
C LEU B 28 -17.92 1.48 38.79
N VAL B 29 -18.72 2.35 39.42
CA VAL B 29 -19.97 1.89 40.05
C VAL B 29 -21.25 2.30 39.34
N GLY B 30 -21.21 3.36 38.55
CA GLY B 30 -22.44 3.82 37.92
C GLY B 30 -22.23 4.86 36.84
N PHE B 31 -23.36 5.32 36.29
CA PHE B 31 -23.41 6.41 35.33
C PHE B 31 -24.65 7.21 35.64
N ASP B 32 -24.59 8.52 35.40
CA ASP B 32 -25.73 9.39 35.65
C ASP B 32 -25.46 10.83 35.17
N LYS B 33 -26.53 11.59 34.99
CA LYS B 33 -26.40 12.96 34.58
C LYS B 33 -25.51 13.66 35.59
N ALA B 34 -24.60 14.50 35.09
CA ALA B 34 -23.78 15.31 35.97
C ALA B 34 -24.60 15.91 37.12
N ILE B 35 -25.66 16.63 36.80
CA ILE B 35 -26.37 17.39 37.82
C ILE B 35 -26.92 16.52 38.96
N ASN B 36 -27.20 15.25 38.69
CA ASN B 36 -27.73 14.35 39.73
C ASN B 36 -26.69 13.87 40.74
N VAL B 37 -25.41 13.86 40.38
CA VAL B 37 -24.46 13.18 41.24
C VAL B 37 -23.19 13.95 41.61
N MSE B 38 -22.86 14.99 40.88
CA MSE B 38 -21.62 15.74 41.12
C MSE B 38 -21.77 16.78 42.22
O MSE B 38 -22.86 17.27 42.44
CB MSE B 38 -21.13 16.38 39.83
CG MSE B 38 -20.88 15.35 38.73
SE MSE B 38 -19.58 15.94 37.41
CE MSE B 38 -18.74 17.35 38.46
N PRO B 39 -20.64 17.13 42.90
CA PRO B 39 -20.64 18.14 43.98
C PRO B 39 -20.84 19.56 43.43
N ASP B 40 -21.64 20.36 44.15
CA ASP B 40 -21.87 21.78 43.84
C ASP B 40 -22.26 22.04 42.39
N MSE B 41 -23.17 21.24 41.86
CA MSE B 41 -23.71 21.50 40.53
C MSE B 41 -24.96 22.38 40.57
O MSE B 41 -25.79 22.26 41.47
CB MSE B 41 -24.04 20.17 39.86
CG MSE B 41 -24.01 20.22 38.36
SE MSE B 41 -22.18 20.25 37.72
CE MSE B 41 -22.49 20.07 35.79
N THR B 42 -25.10 23.26 39.60
CA THR B 42 -26.36 23.94 39.41
C THR B 42 -26.66 23.86 37.92
N GLU B 43 -27.89 24.20 37.52
CA GLU B 43 -28.28 24.04 36.11
C GLU B 43 -27.60 25.05 35.19
N THR B 44 -27.02 26.09 35.79
CA THR B 44 -26.35 27.13 35.03
C THR B 44 -24.85 27.04 35.27
N THR B 45 -24.36 25.82 35.50
CA THR B 45 -22.97 25.64 35.83
C THR B 45 -22.36 24.81 34.73
N ILE B 46 -21.25 25.27 34.14
CA ILE B 46 -20.56 24.37 33.22
C ILE B 46 -19.06 24.27 33.42
N LEU B 47 -18.57 23.04 33.28
CA LEU B 47 -17.20 22.66 33.61
C LEU B 47 -16.36 22.52 32.36
N HIS B 48 -15.07 22.80 32.52
CA HIS B 48 -14.11 22.75 31.43
C HIS B 48 -12.83 22.08 31.94
N ALA B 49 -11.90 21.74 31.05
CA ALA B 49 -10.59 21.23 31.46
C ALA B 49 -9.63 22.33 31.95
N GLY B 50 -8.52 21.92 32.58
CA GLY B 50 -7.44 22.85 32.99
C GLY B 50 -7.78 23.69 34.20
N PRO B 51 -6.90 24.63 34.56
CA PRO B 51 -7.06 25.49 35.74
C PRO B 51 -8.02 26.66 35.50
N PRO B 52 -8.44 27.35 36.57
CA PRO B 52 -9.49 28.36 36.45
C PRO B 52 -9.20 29.35 35.32
N ILE B 53 -10.26 29.72 34.59
CA ILE B 53 -10.13 30.60 33.44
C ILE B 53 -11.49 31.21 33.08
N THR B 54 -11.57 32.52 33.04
CA THR B 54 -12.81 33.14 32.60
C THR B 54 -13.11 32.74 31.16
N TYR B 55 -14.35 32.99 30.73
CA TYR B 55 -14.77 32.62 29.40
C TYR B 55 -14.06 33.48 28.37
N GLU B 56 -14.04 34.79 28.59
CA GLU B 56 -13.43 35.70 27.63
C GLU B 56 -11.98 35.32 27.31
N ASN B 57 -11.27 34.75 28.27
CA ASN B 57 -9.89 34.37 27.99
C ASN B 57 -9.72 32.95 27.44
N MSE B 58 -10.81 32.19 27.31
CA MSE B 58 -10.73 30.83 26.75
C MSE B 58 -10.31 30.87 25.29
O MSE B 58 -10.32 31.92 24.68
CB MSE B 58 -12.03 30.07 26.89
CG MSE B 58 -12.40 29.70 28.32
SE MSE B 58 -14.14 28.81 28.38
CE MSE B 58 -14.18 28.22 30.26
N CYS B 59 -9.95 29.73 24.73
CA CYS B 59 -9.39 29.70 23.39
C CYS B 59 -10.44 29.30 22.38
N GLY B 60 -10.11 29.46 21.11
CA GLY B 60 -10.99 29.06 20.02
C GLY B 60 -11.79 27.79 20.33
N PRO B 61 -11.14 26.63 20.30
CA PRO B 61 -11.86 25.37 20.42
C PRO B 61 -12.74 25.23 21.67
N MSE B 62 -12.31 25.79 22.81
CA MSE B 62 -13.07 25.65 24.05
C MSE B 62 -14.30 26.56 24.10
O MSE B 62 -15.32 26.20 24.69
CB MSE B 62 -12.19 25.89 25.26
CG MSE B 62 -12.88 25.56 26.58
SE MSE B 62 -11.79 25.92 28.16
CE MSE B 62 -10.61 24.33 28.14
N LYS B 63 -14.20 27.74 23.51
CA LYS B 63 -15.40 28.58 23.36
C LYS B 63 -16.46 27.86 22.53
N GLY B 64 -16.04 27.21 21.45
CA GLY B 64 -16.96 26.42 20.66
C GLY B 64 -17.61 25.35 21.52
N ALA B 65 -16.87 24.85 22.49
CA ALA B 65 -17.39 23.81 23.38
C ALA B 65 -18.49 24.36 24.28
N VAL B 66 -18.23 25.42 25.03
CA VAL B 66 -19.30 25.94 25.88
C VAL B 66 -20.54 26.28 25.05
N GLN B 67 -20.35 26.60 23.78
CA GLN B 67 -21.46 27.03 22.93
C GLN B 67 -22.34 25.86 22.52
N GLY B 68 -21.69 24.77 22.12
CA GLY B 68 -22.41 23.58 21.71
C GLY B 68 -23.15 23.11 22.94
N ALA B 69 -22.46 23.14 24.06
CA ALA B 69 -23.01 22.67 25.32
C ALA B 69 -24.25 23.44 25.65
N LEU B 70 -24.14 24.76 25.61
CA LEU B 70 -25.24 25.62 25.96
C LEU B 70 -26.46 25.32 25.10
N VAL B 71 -26.24 25.12 23.80
CA VAL B 71 -27.36 24.79 22.92
C VAL B 71 -28.01 23.49 23.36
N PHE B 72 -27.18 22.51 23.70
CA PHE B 72 -27.68 21.22 24.18
C PHE B 72 -28.48 21.34 25.49
N GLU B 73 -27.87 21.97 26.50
CA GLU B 73 -28.55 22.23 27.77
C GLU B 73 -29.85 23.00 27.55
N GLY B 74 -29.89 23.78 26.48
CA GLY B 74 -31.09 24.48 26.06
C GLY B 74 -31.10 25.88 26.63
N LEU B 75 -29.91 26.42 26.86
CA LEU B 75 -29.78 27.76 27.43
C LEU B 75 -29.57 28.85 26.36
N ALA B 76 -29.36 28.44 25.12
CA ALA B 76 -29.37 29.38 24.00
C ALA B 76 -29.87 28.70 22.73
N LYS B 77 -30.56 29.48 21.91
CA LYS B 77 -31.21 29.00 20.70
C LYS B 77 -30.21 28.56 19.64
N ASP B 78 -29.01 29.12 19.68
CA ASP B 78 -28.04 28.91 18.60
C ASP B 78 -26.66 29.43 18.95
N LEU B 79 -25.70 29.11 18.10
CA LEU B 79 -24.30 29.37 18.38
C LEU B 79 -24.02 30.84 18.68
N ALA B 80 -24.19 31.67 17.67
CA ALA B 80 -24.00 33.11 17.86
C ALA B 80 -24.71 33.64 19.12
N ASP B 81 -25.90 33.11 19.39
CA ASP B 81 -26.64 33.45 20.60
C ASP B 81 -25.92 32.92 21.85
N ALA B 82 -25.51 31.65 21.80
CA ALA B 82 -24.83 31.02 22.92
C ALA B 82 -23.69 31.88 23.45
N ASP B 83 -22.77 32.22 22.54
CA ASP B 83 -21.68 33.14 22.83
C ASP B 83 -22.13 34.40 23.61
N ARG B 84 -23.35 34.86 23.37
CA ARG B 84 -23.87 35.99 24.13
C ARG B 84 -24.18 35.61 25.57
N VAL B 85 -24.85 34.50 25.77
CA VAL B 85 -25.22 34.04 27.11
C VAL B 85 -23.99 33.78 27.99
N ALA B 86 -22.97 33.14 27.42
CA ALA B 86 -21.75 32.86 28.16
C ALA B 86 -21.08 34.13 28.70
N ARG B 87 -21.06 35.17 27.86
CA ARG B 87 -20.47 36.47 28.21
C ARG B 87 -21.25 37.27 29.26
N SER B 88 -22.55 36.98 29.41
CA SER B 88 -23.38 37.62 30.43
C SER B 88 -23.11 36.93 31.76
N GLY B 89 -23.43 37.61 32.87
CA GLY B 89 -23.08 37.08 34.18
C GLY B 89 -23.75 35.78 34.67
N ALA B 90 -24.54 35.14 33.79
CA ALA B 90 -25.45 34.05 34.20
C ALA B 90 -24.88 32.63 34.17
N ILE B 91 -23.56 32.47 34.17
CA ILE B 91 -22.99 31.12 34.19
C ILE B 91 -21.75 31.02 35.08
N THR B 92 -21.66 29.94 35.84
CA THR B 92 -20.49 29.68 36.66
C THR B 92 -19.57 28.71 35.90
N PHE B 93 -18.41 29.20 35.51
CA PHE B 93 -17.43 28.39 34.81
C PHE B 93 -16.41 27.98 35.81
N SER B 94 -16.30 26.69 36.05
CA SER B 94 -15.25 26.24 36.91
C SER B 94 -14.73 24.92 36.44
N PRO B 95 -13.45 24.63 36.77
CA PRO B 95 -12.74 23.42 36.34
C PRO B 95 -13.35 22.12 36.85
N CYS B 96 -13.27 21.08 36.04
CA CYS B 96 -13.60 19.76 36.48
C CYS B 96 -12.87 19.44 37.76
N HIS B 97 -11.62 19.85 37.85
CA HIS B 97 -10.85 19.43 38.98
C HIS B 97 -11.40 19.88 40.30
N GLU B 98 -12.13 20.98 40.29
CA GLU B 98 -12.67 21.54 41.50
C GLU B 98 -14.03 20.97 41.86
N HIS B 99 -14.48 20.01 41.05
CA HIS B 99 -15.69 19.25 41.35
C HIS B 99 -15.40 17.76 41.28
N ASP B 100 -14.17 17.41 41.60
CA ASP B 100 -13.81 16.00 41.69
C ASP B 100 -14.03 15.30 40.37
N ALA B 101 -13.95 16.05 39.27
CA ALA B 101 -14.08 15.41 37.95
C ALA B 101 -12.81 15.67 37.14
N VAL B 102 -12.74 15.13 35.93
CA VAL B 102 -11.72 15.50 34.92
C VAL B 102 -12.31 15.49 33.51
N GLY B 103 -11.78 16.30 32.61
CA GLY B 103 -12.37 16.42 31.29
C GLY B 103 -11.36 16.30 30.17
N SER B 104 -11.67 15.40 29.23
CA SER B 104 -10.85 15.20 28.04
C SER B 104 -10.95 16.37 27.02
N MSE B 105 -9.80 16.80 26.52
CA MSE B 105 -9.61 18.01 25.69
C MSE B 105 -10.28 19.27 26.25
O MSE B 105 -9.84 19.84 27.26
CB MSE B 105 -10.03 17.77 24.24
CG MSE B 105 -9.36 16.60 23.56
SE MSE B 105 -7.38 16.63 23.42
CE MSE B 105 -6.91 15.54 25.00
N ALA B 106 -11.33 19.74 25.59
CA ALA B 106 -12.01 20.95 26.06
C ALA B 106 -12.65 20.63 27.43
N GLY B 107 -13.03 19.37 27.60
CA GLY B 107 -13.44 18.87 28.89
C GLY B 107 -14.79 19.39 29.34
N VAL B 108 -15.47 20.10 28.44
CA VAL B 108 -16.70 20.76 28.82
C VAL B 108 -17.69 19.72 29.27
N THR B 109 -18.39 20.02 30.35
CA THR B 109 -19.30 19.07 30.97
C THR B 109 -20.45 19.84 31.59
N SER B 110 -21.66 19.59 31.09
CA SER B 110 -22.82 20.35 31.51
C SER B 110 -23.81 19.45 32.19
N PRO B 111 -24.69 20.00 33.04
CA PRO B 111 -25.59 19.24 33.90
C PRO B 111 -26.22 17.99 33.30
N ASN B 112 -26.58 18.03 32.01
CA ASN B 112 -27.27 16.89 31.38
C ASN B 112 -26.43 15.88 30.58
N MSE B 113 -25.11 16.05 30.60
CA MSE B 113 -24.25 15.01 30.08
C MSE B 113 -24.16 13.91 31.11
O MSE B 113 -24.25 14.16 32.31
CB MSE B 113 -22.87 15.56 29.77
CG MSE B 113 -22.89 16.45 28.57
SE MSE B 113 -21.24 17.42 28.33
CE MSE B 113 -22.04 19.12 27.81
N TYR B 114 -24.00 12.66 30.64
CA TYR B 114 -23.79 11.55 31.54
C TYR B 114 -22.33 11.46 31.90
N VAL B 115 -22.05 11.10 33.16
CA VAL B 115 -20.67 10.89 33.63
C VAL B 115 -20.49 9.50 34.25
N HIS B 116 -19.25 8.96 34.18
CA HIS B 116 -18.87 7.75 34.96
C HIS B 116 -18.90 8.10 36.44
N ILE B 117 -19.42 7.22 37.27
CA ILE B 117 -19.28 7.44 38.69
C ILE B 117 -18.29 6.41 39.22
N ILE B 118 -17.14 6.89 39.67
CA ILE B 118 -16.02 6.03 40.04
C ILE B 118 -15.70 6.26 41.51
N LYS B 119 -15.67 5.21 42.30
CA LYS B 119 -15.59 5.38 43.73
C LYS B 119 -14.37 4.65 44.23
N ASN B 120 -13.61 5.27 45.14
CA ASN B 120 -12.43 4.62 45.66
C ASN B 120 -12.75 3.53 46.71
N GLU B 121 -12.50 2.27 46.36
CA GLU B 121 -12.81 1.16 47.27
C GLU B 121 -11.97 1.23 48.54
N THR B 122 -10.80 1.86 48.47
CA THR B 122 -9.93 1.89 49.64
C THR B 122 -10.24 3.10 50.51
N TYR B 123 -10.42 4.25 49.88
CA TYR B 123 -10.39 5.54 50.59
C TYR B 123 -11.73 6.27 50.51
N GLY B 124 -12.62 5.71 49.70
CA GLY B 124 -13.99 6.12 49.68
C GLY B 124 -14.33 7.44 49.05
N ASN B 125 -13.41 8.01 48.28
CA ASN B 125 -13.71 9.24 47.57
C ASN B 125 -14.18 8.92 46.16
N THR B 126 -14.93 9.84 45.57
CA THR B 126 -15.50 9.63 44.24
C THR B 126 -14.92 10.61 43.21
N ALA B 127 -14.72 10.14 41.98
CA ALA B 127 -14.40 11.05 40.89
C ALA B 127 -15.42 10.86 39.78
N PHE B 128 -15.42 11.77 38.81
CA PHE B 128 -16.36 11.73 37.70
C PHE B 128 -15.67 12.16 36.39
N THR B 129 -16.11 11.59 35.26
CA THR B 129 -15.78 12.13 33.92
C THR B 129 -16.89 11.84 32.99
N ASN B 130 -17.01 12.65 31.94
CA ASN B 130 -18.02 12.41 30.92
C ASN B 130 -17.58 11.26 30.05
N LEU B 131 -18.43 10.94 29.07
CA LEU B 131 -18.20 9.86 28.15
C LEU B 131 -17.58 10.35 26.87
N SER B 132 -16.89 9.44 26.19
CA SER B 132 -16.46 9.68 24.83
C SER B 132 -17.67 9.74 23.91
N GLU B 133 -17.87 10.87 23.26
CA GLU B 133 -18.63 10.88 22.03
C GLU B 133 -17.65 10.11 21.18
N GLN B 134 -17.99 9.56 20.04
CA GLN B 134 -16.97 8.62 19.54
C GLN B 134 -16.32 8.99 18.22
N LEU B 135 -16.79 10.07 17.61
CA LEU B 135 -16.31 10.44 16.28
C LEU B 135 -15.11 11.41 16.32
N ALA B 136 -14.69 11.86 15.14
CA ALA B 136 -13.69 12.91 15.01
C ALA B 136 -14.35 14.30 15.03
N LYS B 137 -15.55 14.41 14.44
CA LYS B 137 -16.34 15.65 14.54
C LYS B 137 -17.09 15.62 15.89
N VAL B 138 -16.52 16.28 16.88
CA VAL B 138 -16.90 16.02 18.27
C VAL B 138 -16.74 17.27 19.12
N LEU B 139 -17.59 17.39 20.13
CA LEU B 139 -17.63 18.55 21.00
C LEU B 139 -16.34 18.83 21.76
N ARG B 140 -15.69 17.80 22.27
CA ARG B 140 -14.48 18.01 23.05
C ARG B 140 -13.35 18.72 22.25
N PHE B 141 -13.53 18.82 20.94
CA PHE B 141 -12.58 19.52 20.06
C PHE B 141 -13.22 20.80 19.55
N GLY B 142 -14.40 21.12 20.08
CA GLY B 142 -15.00 22.42 19.85
C GLY B 142 -16.06 22.46 18.76
N ALA B 143 -16.31 21.32 18.11
CA ALA B 143 -17.28 21.23 17.02
C ALA B 143 -18.72 21.35 17.52
N ASN B 144 -19.58 22.06 16.81
CA ASN B 144 -20.98 22.24 17.25
C ASN B 144 -22.02 22.40 16.14
N ASP B 145 -22.00 21.50 15.17
CA ASP B 145 -23.09 21.35 14.21
C ASP B 145 -24.38 20.94 14.87
N GLN B 146 -25.44 20.89 14.08
CA GLN B 146 -26.60 20.11 14.44
C GLN B 146 -26.14 18.67 14.71
N SER B 147 -25.34 18.09 13.83
CA SER B 147 -25.00 16.69 14.04
C SER B 147 -24.49 16.43 15.47
N VAL B 148 -23.54 17.24 15.92
CA VAL B 148 -22.98 17.10 17.28
C VAL B 148 -24.01 17.24 18.41
N VAL B 149 -24.90 18.22 18.30
CA VAL B 149 -25.89 18.35 19.36
C VAL B 149 -26.88 17.17 19.38
N ASP B 150 -27.25 16.67 18.20
CA ASP B 150 -28.02 15.43 18.08
C ASP B 150 -27.37 14.25 18.82
N ARG B 151 -26.11 13.97 18.52
CA ARG B 151 -25.41 12.88 19.20
C ARG B 151 -25.35 13.06 20.71
N LEU B 152 -25.13 14.28 21.17
CA LEU B 152 -25.19 14.59 22.59
C LEU B 152 -26.54 14.23 23.21
N ILE B 153 -27.61 14.47 22.47
CA ILE B 153 -28.98 14.16 22.94
C ILE B 153 -29.24 12.65 22.93
N TRP B 154 -28.76 12.00 21.89
CA TRP B 154 -28.81 10.55 21.79
C TRP B 154 -28.10 9.92 22.98
N MSE B 155 -26.94 10.45 23.33
CA MSE B 155 -26.21 9.94 24.47
C MSE B 155 -26.88 10.18 25.81
O MSE B 155 -26.63 9.47 26.78
CB MSE B 155 -24.81 10.53 24.50
CG MSE B 155 -23.98 10.12 23.33
SE MSE B 155 -22.29 11.04 23.45
CE MSE B 155 -21.34 9.88 24.72
N ARG B 156 -27.73 11.19 25.91
CA ARG B 156 -28.40 11.41 27.18
C ARG B 156 -29.82 10.86 27.21
N ASP B 157 -30.37 10.55 26.04
CA ASP B 157 -31.73 10.02 25.95
C ASP B 157 -31.70 8.51 25.95
N VAL B 158 -30.67 7.94 25.33
CA VAL B 158 -30.57 6.50 25.19
C VAL B 158 -29.27 5.90 25.75
N LEU B 159 -28.15 6.04 25.04
CA LEU B 159 -26.88 5.51 25.54
C LEU B 159 -26.68 5.68 27.06
N GLY B 160 -26.79 6.92 27.55
CA GLY B 160 -26.70 7.21 28.97
C GLY B 160 -27.55 6.36 29.91
N PRO B 161 -28.89 6.46 29.77
CA PRO B 161 -29.83 5.65 30.53
C PRO B 161 -29.52 4.15 30.46
N LEU B 162 -29.20 3.68 29.26
CA LEU B 162 -28.79 2.30 29.07
C LEU B 162 -27.63 1.99 30.01
N LEU B 163 -26.62 2.85 30.05
CA LEU B 163 -25.46 2.55 30.86
C LEU B 163 -25.81 2.51 32.33
N HIS B 164 -26.56 3.50 32.77
CA HIS B 164 -27.00 3.62 34.16
C HIS B 164 -27.74 2.36 34.59
N ASP B 165 -28.69 1.93 33.76
CA ASP B 165 -29.48 0.75 34.04
C ASP B 165 -28.60 -0.51 34.09
N ALA B 166 -27.68 -0.63 33.14
CA ALA B 166 -26.78 -1.77 33.14
C ALA B 166 -26.02 -1.88 34.46
N MSE B 167 -25.54 -0.77 34.98
CA MSE B 167 -24.71 -0.85 36.17
C MSE B 167 -25.48 -1.21 37.44
O MSE B 167 -24.86 -1.58 38.45
CB MSE B 167 -23.86 0.40 36.35
CG MSE B 167 -22.87 0.60 35.24
SE MSE B 167 -21.48 -0.82 35.21
CE MSE B 167 -20.56 -0.31 36.88
N THR B 168 -26.80 -1.11 37.43
CA THR B 168 -27.57 -1.58 38.59
C THR B 168 -27.61 -3.11 38.66
N PHE B 169 -27.38 -3.78 37.52
CA PHE B 169 -27.24 -5.24 37.47
C PHE B 169 -25.82 -5.66 37.84
N CYS B 170 -25.06 -4.76 38.45
CA CYS B 170 -23.65 -5.05 38.70
C CYS B 170 -23.19 -4.39 39.98
N PRO B 171 -23.55 -4.99 41.10
CA PRO B 171 -23.49 -4.32 42.40
C PRO B 171 -22.08 -4.34 42.98
N GLU B 172 -21.23 -5.18 42.41
CA GLU B 172 -19.82 -5.25 42.79
C GLU B 172 -18.99 -4.14 42.13
N GLY B 173 -19.54 -3.56 41.06
CA GLY B 173 -18.80 -2.61 40.27
C GLY B 173 -17.74 -3.27 39.41
N ILE B 174 -17.17 -2.47 38.50
CA ILE B 174 -16.06 -2.87 37.69
C ILE B 174 -14.76 -2.27 38.29
N ASP B 175 -13.77 -3.13 38.49
CA ASP B 175 -12.50 -2.74 39.09
C ASP B 175 -11.57 -2.13 38.06
N LEU B 176 -11.29 -0.85 38.21
CA LEU B 176 -10.61 -0.17 37.17
C LEU B 176 -9.09 -0.35 37.26
N ARG B 177 -8.56 -0.40 38.47
CA ARG B 177 -7.12 -0.58 38.57
C ARG B 177 -6.73 -1.95 38.05
N LEU B 178 -7.56 -2.94 38.25
CA LEU B 178 -7.30 -4.23 37.64
C LEU B 178 -7.30 -4.12 36.11
N MSE B 179 -8.34 -3.51 35.55
CA MSE B 179 -8.47 -3.49 34.10
C MSE B 179 -7.32 -2.71 33.47
O MSE B 179 -6.77 -3.08 32.44
CB MSE B 179 -9.82 -2.94 33.69
CG MSE B 179 -10.16 -3.20 32.23
SE MSE B 179 -12.05 -2.80 31.81
CE MSE B 179 -12.89 -4.43 32.54
N LEU B 180 -6.92 -1.66 34.14
CA LEU B 180 -5.85 -0.85 33.69
C LEU B 180 -4.59 -1.66 33.81
N SER B 181 -4.43 -2.31 34.94
CA SER B 181 -3.45 -3.37 35.11
C SER B 181 -3.24 -4.19 33.84
N GLN B 182 -4.34 -4.72 33.29
CA GLN B 182 -4.31 -5.65 32.17
C GLN B 182 -4.08 -4.96 30.83
N ALA B 183 -4.68 -3.77 30.68
CA ALA B 183 -4.43 -2.96 29.51
C ALA B 183 -2.91 -2.75 29.28
N LEU B 184 -2.18 -2.35 30.33
CA LEU B 184 -0.77 -2.06 30.21
C LEU B 184 0.05 -3.32 29.89
N HIS B 185 -0.55 -4.50 30.01
CA HIS B 185 0.17 -5.67 29.58
C HIS B 185 -0.27 -6.00 28.17
N MSE B 186 -1.16 -5.18 27.61
CA MSE B 186 -1.67 -5.40 26.26
C MSE B 186 -1.36 -4.25 25.30
O MSE B 186 -2.10 -3.99 24.36
CB MSE B 186 -3.16 -5.63 26.28
CG MSE B 186 -3.60 -6.87 27.01
SE MSE B 186 -5.51 -6.77 27.48
CE MSE B 186 -6.32 -6.95 25.74
N GLY B 187 -0.25 -3.56 25.56
CA GLY B 187 0.26 -2.58 24.61
C GLY B 187 -0.44 -1.22 24.65
N ASP B 188 -1.19 -0.95 25.71
CA ASP B 188 -1.81 0.37 25.86
C ASP B 188 -0.96 1.14 26.80
N GLU B 189 -1.24 2.44 26.91
CA GLU B 189 -0.62 3.27 27.92
C GLU B 189 -1.68 4.15 28.53
N CYS B 190 -2.92 3.97 28.08
CA CYS B 190 -4.10 4.60 28.68
C CYS B 190 -4.19 6.11 28.55
N HIS B 191 -3.51 6.69 27.57
CA HIS B 191 -3.69 8.08 27.23
C HIS B 191 -3.96 8.13 25.72
N ASN B 192 -2.93 7.83 24.92
CA ASN B 192 -3.03 7.89 23.46
C ASN B 192 -3.54 6.61 22.80
N ARG B 193 -3.11 5.45 23.30
CA ARG B 193 -3.56 4.18 22.77
C ARG B 193 -4.42 3.49 23.84
N ASN B 194 -5.70 3.28 23.52
CA ASN B 194 -6.69 2.82 24.50
C ASN B 194 -7.45 1.61 24.02
N VAL B 195 -6.93 0.97 22.96
CA VAL B 195 -7.63 -0.10 22.27
C VAL B 195 -7.97 -1.27 23.19
N ALA B 196 -6.94 -1.75 23.90
CA ALA B 196 -7.09 -2.91 24.77
C ALA B 196 -8.10 -2.61 25.87
N GLY B 197 -7.89 -1.49 26.57
CA GLY B 197 -8.79 -1.05 27.64
C GLY B 197 -10.20 -0.92 27.14
N SER B 198 -10.36 -0.38 25.93
CA SER B 198 -11.70 -0.09 25.45
C SER B 198 -12.41 -1.39 25.16
N THR B 199 -11.69 -2.32 24.56
CA THR B 199 -12.21 -3.64 24.26
C THR B 199 -12.47 -4.46 25.53
N LEU B 200 -11.72 -4.21 26.59
CA LEU B 200 -11.96 -4.93 27.83
C LEU B 200 -13.20 -4.39 28.53
N LEU B 201 -13.48 -3.12 28.33
CA LEU B 201 -14.58 -2.47 28.99
C LEU B 201 -15.89 -2.80 28.31
N VAL B 202 -15.94 -2.74 26.97
CA VAL B 202 -17.24 -2.93 26.32
C VAL B 202 -17.67 -4.37 26.53
N GLN B 203 -16.69 -5.25 26.67
CA GLN B 203 -16.95 -6.64 26.93
C GLN B 203 -17.49 -6.89 28.37
N ALA B 204 -16.94 -6.22 29.35
CA ALA B 204 -17.43 -6.37 30.70
C ALA B 204 -18.84 -5.78 30.83
N LEU B 205 -19.10 -4.71 30.08
CA LEU B 205 -20.42 -4.09 30.10
C LEU B 205 -21.54 -4.91 29.43
N THR B 206 -21.23 -5.66 28.39
CA THR B 206 -22.27 -6.31 27.59
C THR B 206 -23.27 -7.10 28.42
N PRO B 207 -22.79 -8.05 29.25
CA PRO B 207 -23.72 -8.92 29.99
C PRO B 207 -24.79 -8.08 30.71
N TYR B 208 -24.36 -6.98 31.32
CA TYR B 208 -25.27 -6.11 32.05
C TYR B 208 -26.23 -5.33 31.14
N MSE B 209 -25.75 -4.87 29.99
CA MSE B 209 -26.62 -4.17 29.07
C MSE B 209 -27.71 -5.09 28.60
O MSE B 209 -28.85 -4.69 28.42
CB MSE B 209 -25.86 -3.66 27.85
CG MSE B 209 -24.83 -2.58 28.12
SE MSE B 209 -23.72 -2.31 26.53
CE MSE B 209 -24.99 -1.48 25.36
N VAL B 210 -27.38 -6.35 28.38
CA VAL B 210 -28.38 -7.27 27.91
C VAL B 210 -29.52 -7.51 28.93
N GLN B 211 -29.24 -7.24 30.20
CA GLN B 211 -30.22 -7.50 31.26
C GLN B 211 -31.20 -6.34 31.41
N THR B 212 -31.08 -5.41 30.49
CA THR B 212 -31.71 -4.12 30.56
C THR B 212 -33.02 -4.19 29.79
N ASP B 213 -33.83 -3.15 29.86
CA ASP B 213 -35.09 -3.21 29.17
C ASP B 213 -35.05 -2.55 27.82
N PHE B 214 -33.88 -2.11 27.41
CA PHE B 214 -33.71 -1.56 26.06
C PHE B 214 -33.92 -2.65 24.98
N SER B 215 -34.44 -2.22 23.82
CA SER B 215 -34.78 -3.14 22.74
C SER B 215 -33.52 -3.70 22.06
N ARG B 216 -33.60 -4.86 21.41
CA ARG B 216 -32.42 -5.34 20.67
C ARG B 216 -32.00 -4.26 19.65
N GLU B 217 -32.96 -3.77 18.88
CA GLU B 217 -32.72 -2.69 17.91
C GLU B 217 -31.88 -1.55 18.51
N GLN B 218 -32.08 -1.26 19.80
CA GLN B 218 -31.27 -0.23 20.45
C GLN B 218 -29.87 -0.69 20.90
N LEU B 219 -29.77 -1.96 21.29
CA LEU B 219 -28.49 -2.50 21.62
C LEU B 219 -27.69 -2.47 20.35
N LYS B 220 -28.34 -2.76 19.21
CA LYS B 220 -27.63 -2.81 17.96
C LYS B 220 -26.86 -1.52 17.63
N GLU B 221 -27.55 -0.39 17.68
CA GLU B 221 -26.86 0.86 17.38
C GLU B 221 -25.86 1.29 18.46
N VAL B 222 -26.11 0.91 19.71
CA VAL B 222 -25.10 1.16 20.73
C VAL B 222 -23.79 0.36 20.52
N PHE B 223 -23.85 -0.86 20.00
CA PHE B 223 -22.61 -1.55 19.67
C PHE B 223 -21.94 -0.86 18.50
N GLU B 224 -22.73 -0.41 17.54
CA GLU B 224 -22.18 0.26 16.39
C GLU B 224 -21.39 1.46 16.88
N PHE B 225 -21.95 2.17 17.85
CA PHE B 225 -21.33 3.33 18.46
C PHE B 225 -20.06 2.97 19.27
N LEU B 226 -20.12 1.87 20.02
CA LEU B 226 -19.02 1.54 20.90
C LEU B 226 -17.77 1.07 20.15
N GLY B 227 -17.92 0.51 18.95
CA GLY B 227 -16.75 0.15 18.16
C GLY B 227 -16.47 1.09 16.99
N SER B 228 -17.05 2.29 17.02
CA SER B 228 -16.79 3.22 15.95
C SER B 228 -15.43 3.89 16.19
N SER B 229 -14.93 3.75 17.40
CA SER B 229 -13.71 4.40 17.75
C SER B 229 -13.11 3.61 18.87
N ASP B 230 -11.79 3.62 18.96
CA ASP B 230 -11.16 2.88 20.04
C ASP B 230 -10.97 3.73 21.30
N TYR B 231 -11.66 4.87 21.37
CA TYR B 231 -11.43 5.80 22.46
C TYR B 231 -12.40 5.69 23.63
N PHE B 232 -13.34 4.77 23.57
CA PHE B 232 -14.37 4.74 24.62
C PHE B 232 -13.89 4.67 26.10
N SER B 233 -12.79 3.99 26.38
CA SER B 233 -12.31 3.87 27.76
C SER B 233 -11.33 4.98 28.19
N GLY B 234 -10.97 5.85 27.25
CA GLY B 234 -10.04 6.93 27.52
C GLY B 234 -10.45 7.73 28.74
N PRO B 235 -11.66 8.32 28.71
CA PRO B 235 -12.14 9.01 29.91
C PRO B 235 -12.10 8.14 31.16
N THR B 236 -12.42 6.86 30.99
CA THR B 236 -12.48 5.95 32.11
C THR B 236 -11.15 5.94 32.87
N TRP B 237 -10.04 5.94 32.16
CA TRP B 237 -8.78 5.89 32.86
C TRP B 237 -8.44 7.22 33.54
N MSE B 238 -8.87 8.32 32.94
CA MSE B 238 -8.65 9.63 33.54
C MSE B 238 -9.33 9.63 34.89
O MSE B 238 -8.77 10.10 35.90
CB MSE B 238 -9.20 10.75 32.65
CG MSE B 238 -8.37 10.93 31.38
SE MSE B 238 -9.15 12.09 30.00
CE MSE B 238 -7.99 11.55 28.49
N GLY B 239 -10.54 9.07 34.89
CA GLY B 239 -11.38 9.08 36.07
C GLY B 239 -10.78 8.20 37.15
N ALA B 240 -10.23 7.07 36.72
CA ALA B 240 -9.50 6.18 37.59
C ALA B 240 -8.36 6.93 38.25
N ALA B 241 -7.50 7.51 37.43
CA ALA B 241 -6.35 8.26 37.94
C ALA B 241 -6.76 9.41 38.88
N LYS B 242 -7.81 10.12 38.50
CA LYS B 242 -8.29 11.24 39.30
C LYS B 242 -8.70 10.73 40.67
N CYS B 243 -9.38 9.59 40.66
CA CYS B 243 -9.83 8.96 41.87
C CYS B 243 -8.66 8.56 42.78
N ALA B 244 -7.63 7.91 42.22
CA ALA B 244 -6.44 7.58 42.99
C ALA B 244 -5.66 8.84 43.46
N LEU B 245 -5.28 9.69 42.52
CA LEU B 245 -4.60 10.94 42.84
C LEU B 245 -5.26 11.78 43.97
N ASP B 246 -6.55 12.02 43.88
CA ASP B 246 -7.24 12.79 44.93
C ASP B 246 -7.08 12.22 46.33
N ALA B 247 -6.86 10.90 46.43
CA ALA B 247 -6.71 10.29 47.73
C ALA B 247 -5.31 10.52 48.26
N GLY B 248 -4.40 10.89 47.36
CA GLY B 248 -3.07 11.34 47.75
C GLY B 248 -2.95 12.84 47.94
N HIS B 249 -4.04 13.59 47.82
CA HIS B 249 -3.99 15.04 48.00
C HIS B 249 -4.20 15.49 49.45
N ASN B 250 -3.67 16.66 49.81
CA ASN B 250 -3.80 17.23 51.19
C ASN B 250 -3.09 16.42 52.28
N VAL B 251 -1.83 16.12 52.07
CA VAL B 251 -1.04 15.50 53.10
C VAL B 251 -0.05 16.57 53.53
N GLU B 252 -0.21 17.06 54.76
CA GLU B 252 0.69 18.06 55.31
C GLU B 252 2.14 17.71 54.96
N ASN B 253 2.86 18.71 54.44
CA ASN B 253 4.29 18.59 54.08
C ASN B 253 4.60 17.87 52.77
N SER B 254 3.63 17.24 52.12
CA SER B 254 3.94 16.48 50.89
C SER B 254 4.20 17.32 49.62
N THR B 255 5.26 16.97 48.89
CA THR B 255 5.59 17.69 47.66
C THR B 255 5.20 16.90 46.43
N ILE B 256 4.21 16.03 46.57
CA ILE B 256 3.75 15.25 45.43
C ILE B 256 2.73 16.00 44.60
N VAL B 257 2.93 16.00 43.28
CA VAL B 257 1.98 16.60 42.35
C VAL B 257 0.71 15.79 42.29
N THR B 258 -0.45 16.38 42.54
CA THR B 258 -1.66 15.58 42.48
C THR B 258 -2.62 15.92 41.34
N THR B 259 -2.20 16.82 40.46
CA THR B 259 -2.96 17.25 39.29
C THR B 259 -2.00 17.85 38.25
N MSE B 260 -2.13 17.45 37.00
CA MSE B 260 -1.52 18.21 35.92
C MSE B 260 -2.63 18.37 34.92
O MSE B 260 -3.28 17.39 34.54
CB MSE B 260 -0.32 17.50 35.31
CG MSE B 260 0.92 17.52 36.18
SE MSE B 260 2.57 16.87 35.31
CE MSE B 260 1.77 15.19 34.66
N CYS B 261 -2.88 19.61 34.50
CA CYS B 261 -3.97 19.87 33.58
C CYS B 261 -3.75 21.15 32.82
N ARG B 262 -4.48 21.31 31.73
CA ARG B 262 -4.31 22.47 30.87
C ARG B 262 -5.64 22.80 30.20
N ASN B 263 -5.79 24.06 29.82
CA ASN B 263 -7.02 24.58 29.22
C ASN B 263 -6.78 25.28 27.88
N GLY B 264 -5.70 24.93 27.20
CA GLY B 264 -5.43 25.48 25.89
C GLY B 264 -4.72 26.81 25.97
N VAL B 265 -4.61 27.35 27.17
CA VAL B 265 -3.92 28.62 27.38
C VAL B 265 -2.89 28.47 28.51
N GLU B 266 -3.28 27.81 29.60
CA GLU B 266 -2.40 27.68 30.75
C GLU B 266 -2.24 26.25 31.22
N PHE B 267 -1.09 25.97 31.80
CA PHE B 267 -0.85 24.71 32.48
C PHE B 267 -0.95 24.94 33.97
N GLY B 268 -1.56 23.97 34.66
CA GLY B 268 -1.84 24.12 36.08
C GLY B 268 -1.74 22.84 36.87
N ILE B 269 -1.08 22.93 38.03
CA ILE B 269 -0.88 21.79 38.86
C ILE B 269 -1.28 22.08 40.30
N ARG B 270 -1.46 21.03 41.08
CA ARG B 270 -1.72 21.13 42.51
C ARG B 270 -0.71 20.24 43.19
N VAL B 271 -0.27 20.59 44.40
CA VAL B 271 0.59 19.69 45.13
C VAL B 271 0.01 19.35 46.49
N SER B 272 0.26 18.12 46.92
CA SER B 272 -0.45 17.56 48.04
C SER B 272 -0.27 18.44 49.26
N GLY B 273 0.96 18.80 49.55
CA GLY B 273 1.26 19.57 50.77
C GLY B 273 0.77 21.00 50.77
N ILE B 274 0.23 21.43 49.64
CA ILE B 274 -0.32 22.78 49.51
C ILE B 274 -1.82 22.69 49.70
N GLY B 275 -2.44 21.67 49.10
CA GLY B 275 -3.83 21.34 49.39
C GLY B 275 -4.92 22.11 48.65
N GLY B 276 -6.15 21.63 48.81
CA GLY B 276 -7.34 22.28 48.26
C GLY B 276 -7.30 22.53 46.77
N ASN B 277 -7.76 23.72 46.39
CA ASN B 277 -7.76 24.13 44.99
C ASN B 277 -6.77 25.28 44.75
N HIS B 278 -5.67 25.25 45.49
CA HIS B 278 -4.53 26.16 45.26
C HIS B 278 -3.79 25.74 43.97
N TRP B 279 -3.83 26.60 42.96
CA TRP B 279 -3.32 26.25 41.62
C TRP B 279 -1.99 26.95 41.35
N PHE B 280 -1.07 26.25 40.69
CA PHE B 280 0.14 26.88 40.21
C PHE B 280 0.12 26.78 38.72
N THR B 281 0.33 27.92 38.06
CA THR B 281 -0.03 28.09 36.66
C THR B 281 1.11 28.64 35.83
N GLY B 282 1.24 28.11 34.62
CA GLY B 282 2.20 28.68 33.69
C GLY B 282 1.58 28.63 32.32
N PRO B 283 2.34 29.03 31.31
CA PRO B 283 1.92 29.00 29.92
C PRO B 283 1.84 27.57 29.42
N ALA B 284 0.72 27.20 28.81
CA ALA B 284 0.63 25.90 28.18
C ALA B 284 1.58 25.90 26.96
N GLN B 285 2.12 24.72 26.64
CA GLN B 285 3.19 24.54 25.66
C GLN B 285 2.73 23.93 24.33
N ARG B 286 3.56 24.02 23.30
CA ARG B 286 3.25 23.36 22.04
C ARG B 286 3.50 21.89 22.25
N VAL B 287 2.76 21.07 21.51
CA VAL B 287 2.99 19.64 21.46
C VAL B 287 3.60 19.30 20.11
N ILE B 288 4.87 18.89 20.09
CA ILE B 288 5.51 18.61 18.80
C ILE B 288 5.64 17.10 18.53
N GLY B 289 5.24 16.69 17.33
CA GLY B 289 5.17 15.29 16.92
C GLY B 289 4.84 15.14 15.44
N PRO B 290 4.65 13.89 14.97
CA PRO B 290 4.21 13.73 13.59
C PRO B 290 2.83 14.30 13.35
N MSE B 291 2.65 14.78 12.13
CA MSE B 291 1.44 15.45 11.69
C MSE B 291 0.62 14.55 10.79
O MSE B 291 1.17 13.78 9.98
CB MSE B 291 1.82 16.76 10.96
CG MSE B 291 2.56 17.79 11.86
SE MSE B 291 1.64 18.22 13.57
CE MSE B 291 -0.06 18.90 12.88
N PHE B 292 -0.70 14.61 10.92
CA PHE B 292 -1.58 13.96 9.94
C PHE B 292 -1.43 14.66 8.61
N ALA B 293 -1.31 13.89 7.53
CA ALA B 293 -1.07 14.46 6.19
C ALA B 293 -1.94 15.67 5.91
N GLY B 294 -1.39 16.63 5.17
CA GLY B 294 -2.12 17.85 4.82
C GLY B 294 -2.19 18.85 5.97
N TYR B 295 -1.67 18.47 7.13
CA TYR B 295 -1.57 19.39 8.26
C TYR B 295 -0.12 19.67 8.65
N THR B 296 0.09 20.80 9.33
CA THR B 296 1.41 21.18 9.78
C THR B 296 1.35 21.84 11.16
N GLN B 297 2.50 21.92 11.82
CA GLN B 297 2.58 22.31 13.22
C GLN B 297 2.05 23.72 13.58
N GLU B 298 2.01 24.64 12.62
CA GLU B 298 1.45 25.97 12.92
C GLU B 298 -0.06 25.94 12.89
N ASP B 299 -0.64 24.80 12.61
CA ASP B 299 -2.09 24.68 12.70
C ASP B 299 -2.49 24.41 14.14
N ALA B 300 -1.54 23.87 14.92
CA ALA B 300 -1.81 23.32 16.25
C ALA B 300 -2.14 24.36 17.32
N GLY B 301 -2.95 23.95 18.29
CA GLY B 301 -3.21 24.76 19.47
C GLY B 301 -2.24 24.40 20.57
N LEU B 302 -2.25 25.19 21.65
CA LEU B 302 -1.48 24.85 22.85
C LEU B 302 -2.12 23.66 23.61
N ASP B 303 -1.27 22.85 24.23
CA ASP B 303 -1.65 21.79 25.14
C ASP B 303 -3.00 22.03 25.85
N MSE B 304 -3.92 21.09 25.71
CA MSE B 304 -5.25 21.26 26.31
C MSE B 304 -5.89 19.93 26.75
O MSE B 304 -5.93 18.98 25.98
CB MSE B 304 -6.16 21.99 25.34
CG MSE B 304 -7.53 22.38 25.90
SE MSE B 304 -8.78 23.03 24.52
CE MSE B 304 -8.63 21.50 23.31
N GLY B 305 -6.41 19.89 27.97
CA GLY B 305 -7.19 18.75 28.45
C GLY B 305 -6.82 18.30 29.86
N ASP B 306 -7.62 17.44 30.46
CA ASP B 306 -7.28 16.94 31.77
C ASP B 306 -6.54 15.60 31.71
N SER B 307 -6.31 15.12 30.49
CA SER B 307 -5.80 13.77 30.27
C SER B 307 -4.44 13.56 30.87
N ALA B 308 -3.79 14.63 31.32
CA ALA B 308 -2.43 14.53 31.81
C ALA B 308 -2.43 14.02 33.25
N ILE B 309 -3.61 13.72 33.77
CA ILE B 309 -3.72 13.19 35.12
C ILE B 309 -3.14 11.78 35.05
N THR B 310 -3.25 11.25 33.86
CA THR B 310 -2.72 9.98 33.48
C THR B 310 -1.20 9.84 33.75
N GLU B 311 -0.40 10.74 33.20
CA GLU B 311 1.00 10.72 33.56
C GLU B 311 1.22 11.16 35.01
N THR B 312 0.28 11.93 35.57
CA THR B 312 0.40 12.28 36.99
C THR B 312 0.32 11.03 37.85
N TYR B 313 -0.41 10.02 37.35
CA TYR B 313 -0.65 8.74 38.01
C TYR B 313 0.48 7.73 37.80
N GLY B 314 1.11 7.80 36.65
CA GLY B 314 2.24 6.95 36.33
C GLY B 314 2.02 6.30 34.99
N VAL B 315 0.91 6.63 34.35
CA VAL B 315 0.65 6.01 33.09
C VAL B 315 0.72 7.02 31.91
N GLY B 316 0.20 6.69 30.72
CA GLY B 316 0.39 7.59 29.57
C GLY B 316 1.84 7.67 29.11
N GLY B 317 2.38 8.88 28.97
CA GLY B 317 3.76 9.02 28.54
C GLY B 317 4.77 8.43 29.51
N PHE B 318 4.41 8.43 30.79
CA PHE B 318 5.27 7.80 31.80
C PHE B 318 5.37 6.32 31.50
N ALA B 319 4.30 5.73 30.95
CA ALA B 319 4.30 4.30 30.63
C ALA B 319 4.68 4.06 29.18
N MSE B 320 4.99 5.12 28.45
CA MSE B 320 5.45 5.00 27.08
C MSE B 320 5.93 3.60 26.71
O MSE B 320 5.43 3.00 25.77
CB MSE B 320 6.57 5.99 26.87
CG MSE B 320 6.50 6.80 25.61
SE MSE B 320 8.00 8.07 25.57
CE MSE B 320 8.07 8.23 23.61
N ALA B 321 6.89 3.07 27.46
CA ALA B 321 7.54 1.79 27.11
C ALA B 321 6.59 0.63 26.87
N ALA B 322 5.42 0.67 27.49
CA ALA B 322 4.46 -0.42 27.43
C ALA B 322 3.74 -0.47 26.09
N ALA B 323 3.90 0.56 25.28
CA ALA B 323 3.05 0.74 24.14
C ALA B 323 3.86 1.06 22.91
N PRO B 324 4.74 0.13 22.49
CA PRO B 324 5.54 0.40 21.32
C PRO B 324 4.67 0.65 20.09
N ALA B 325 3.41 0.23 20.10
CA ALA B 325 2.54 0.55 18.97
C ALA B 325 2.44 2.06 18.63
N ILE B 326 2.65 2.95 19.59
CA ILE B 326 2.41 4.36 19.31
C ILE B 326 3.58 5.12 18.67
N VAL B 327 4.78 4.57 18.72
CA VAL B 327 5.94 5.28 18.21
C VAL B 327 5.75 6.08 16.90
N PRO B 328 5.16 5.47 15.86
CA PRO B 328 5.02 6.34 14.68
C PRO B 328 3.88 7.37 14.79
N LEU B 329 2.94 7.16 15.71
CA LEU B 329 1.89 8.15 15.91
C LEU B 329 2.36 9.31 16.82
N VAL B 330 3.22 9.01 17.78
CA VAL B 330 3.58 10.01 18.76
C VAL B 330 4.98 10.48 18.54
N GLY B 331 5.70 9.77 17.68
CA GLY B 331 7.04 10.19 17.30
C GLY B 331 8.06 9.53 18.19
N GLY B 332 9.33 9.76 17.87
CA GLY B 332 10.42 9.21 18.64
C GLY B 332 10.84 7.83 18.18
N THR B 333 11.70 7.20 19.00
CA THR B 333 12.30 5.91 18.75
C THR B 333 11.76 4.94 19.83
N VAL B 334 11.87 3.63 19.57
CA VAL B 334 11.44 2.66 20.56
C VAL B 334 12.43 2.65 21.72
N ALA B 335 13.72 2.67 21.40
CA ALA B 335 14.74 2.77 22.45
C ALA B 335 14.53 4.01 23.34
N GLU B 336 14.08 5.12 22.74
CA GLU B 336 13.78 6.34 23.49
C GLU B 336 12.61 6.15 24.44
N ALA B 337 11.61 5.38 24.00
CA ALA B 337 10.43 5.20 24.83
C ALA B 337 10.76 4.31 26.02
N LEU B 338 11.55 3.27 25.81
CA LEU B 338 11.98 2.44 26.93
C LEU B 338 12.68 3.34 27.90
N ASN B 339 13.51 4.22 27.36
CA ASN B 339 14.39 5.04 28.14
C ASN B 339 13.68 6.07 29.01
N TYR B 340 12.56 6.59 28.51
CA TYR B 340 11.82 7.66 29.19
C TYR B 340 11.11 7.14 30.45
N SER B 341 10.52 5.96 30.32
CA SER B 341 9.84 5.33 31.43
C SER B 341 10.82 5.04 32.55
N LYS B 342 12.05 4.60 32.19
CA LYS B 342 13.13 4.45 33.17
C LYS B 342 13.48 5.79 33.79
N GLU B 343 13.70 6.79 32.94
CA GLU B 343 14.05 8.11 33.42
C GLU B 343 13.06 8.64 34.46
N MSE B 344 11.77 8.51 34.16
CA MSE B 344 10.72 9.11 34.98
C MSE B 344 10.81 8.80 36.48
O MSE B 344 10.18 9.46 37.29
CB MSE B 344 9.33 8.73 34.44
CG MSE B 344 8.71 9.67 33.40
SE MSE B 344 9.33 11.57 33.35
CE MSE B 344 10.67 11.39 31.93
N LEU B 345 11.60 7.78 36.82
CA LEU B 345 11.77 7.31 38.19
C LEU B 345 12.52 8.28 39.09
N GLU B 346 13.30 9.15 38.49
CA GLU B 346 14.11 10.10 39.26
C GLU B 346 13.25 11.25 39.69
N ILE B 347 12.11 11.35 39.03
CA ILE B 347 11.13 12.37 39.27
C ILE B 347 10.04 11.89 40.24
N THR B 348 9.96 10.58 40.46
CA THR B 348 8.80 10.03 41.15
C THR B 348 9.18 9.38 42.46
N THR B 349 8.21 9.11 43.32
CA THR B 349 8.53 8.66 44.68
C THR B 349 8.85 7.16 44.81
N LYS B 350 8.04 6.30 44.18
CA LYS B 350 8.34 4.86 44.10
C LYS B 350 7.50 4.20 43.03
N GLU B 351 7.83 2.96 42.68
CA GLU B 351 7.08 2.17 41.67
C GLU B 351 5.78 1.63 42.25
N ASN B 352 4.69 1.72 41.50
CA ASN B 352 3.46 1.06 41.87
C ASN B 352 3.53 -0.44 41.53
N PRO B 353 3.62 -1.32 42.55
CA PRO B 353 3.73 -2.76 42.21
C PRO B 353 2.46 -3.39 41.59
N ASN B 354 1.32 -2.75 41.78
CA ASN B 354 0.05 -3.27 41.30
C ASN B 354 -0.17 -3.01 39.82
N VAL B 355 0.72 -2.24 39.21
CA VAL B 355 0.59 -1.87 37.79
C VAL B 355 2.00 -1.81 37.17
N THR B 356 2.30 -2.74 36.28
CA THR B 356 3.66 -2.94 35.88
C THR B 356 3.87 -2.95 34.35
N ILE B 357 5.10 -2.71 33.89
CA ILE B 357 5.42 -2.70 32.47
C ILE B 357 6.30 -3.87 32.07
N PRO B 358 5.73 -4.82 31.32
CA PRO B 358 6.39 -6.08 31.00
C PRO B 358 7.79 -5.88 30.39
N VAL B 359 7.87 -5.14 29.30
CA VAL B 359 9.16 -5.03 28.61
C VAL B 359 10.28 -4.51 29.54
N LEU B 360 9.95 -3.73 30.56
CA LEU B 360 10.94 -3.31 31.55
C LEU B 360 10.98 -4.28 32.76
N ASP B 361 11.04 -5.58 32.47
CA ASP B 361 11.09 -6.61 33.51
C ASP B 361 10.02 -6.41 34.58
N PHE B 362 8.85 -5.90 34.19
CA PHE B 362 7.76 -5.67 35.13
C PHE B 362 8.10 -4.69 36.25
N MSE B 363 8.76 -3.57 35.95
CA MSE B 363 8.89 -2.53 36.94
C MSE B 363 7.51 -1.90 37.12
O MSE B 363 6.71 -1.88 36.21
CB MSE B 363 9.95 -1.47 36.57
CG MSE B 363 9.56 -0.53 35.46
SE MSE B 363 10.56 1.19 35.35
CE MSE B 363 9.21 2.28 34.50
N GLY B 364 7.21 -1.44 38.34
CA GLY B 364 5.96 -0.76 38.60
C GLY B 364 6.02 0.60 37.94
N ILE B 365 4.90 1.09 37.45
CA ILE B 365 4.88 2.40 36.86
C ILE B 365 5.45 3.43 37.85
N PRO B 366 6.04 4.54 37.34
CA PRO B 366 6.66 5.50 38.25
C PRO B 366 5.64 6.43 38.83
N THR B 367 5.49 6.37 40.15
CA THR B 367 4.42 7.10 40.83
C THR B 367 4.90 8.19 41.78
N GLY B 368 4.22 9.35 41.73
CA GLY B 368 4.42 10.39 42.71
C GLY B 368 5.50 11.34 42.26
N ILE B 369 5.17 12.11 41.22
CA ILE B 369 5.99 13.21 40.74
C ILE B 369 6.22 14.17 41.87
N ASP B 370 7.50 14.34 42.22
CA ASP B 370 7.87 15.08 43.38
C ASP B 370 8.49 16.40 42.96
N VAL B 371 7.80 17.49 43.31
CA VAL B 371 8.23 18.84 43.01
C VAL B 371 9.72 19.05 43.23
N LEU B 372 10.22 18.59 44.37
CA LEU B 372 11.60 18.82 44.78
C LEU B 372 12.58 18.16 43.81
N LYS B 373 12.27 16.95 43.38
CA LYS B 373 13.17 16.26 42.48
C LYS B 373 13.09 16.80 41.06
N VAL B 374 11.93 17.31 40.65
CA VAL B 374 11.85 17.91 39.34
C VAL B 374 12.90 19.02 39.30
N LEU B 375 13.02 19.75 40.41
CA LEU B 375 13.87 20.90 40.51
C LEU B 375 15.36 20.57 40.56
N GLU B 376 15.73 19.55 41.31
CA GLU B 376 17.14 19.32 41.50
C GLU B 376 17.77 18.59 40.30
N THR B 377 16.98 17.78 39.62
CA THR B 377 17.45 17.07 38.45
C THR B 377 17.46 18.00 37.24
N GLY B 378 16.52 18.92 37.24
CA GLY B 378 16.23 19.74 36.06
C GLY B 378 15.29 19.06 35.07
N MSE B 379 14.95 17.80 35.34
CA MSE B 379 14.16 16.99 34.42
C MSE B 379 12.64 17.16 34.61
O MSE B 379 12.13 16.95 35.70
CB MSE B 379 14.54 15.53 34.62
CG MSE B 379 13.88 14.58 33.70
SE MSE B 379 14.34 12.75 34.22
CE MSE B 379 12.63 12.19 34.92
N LEU B 380 11.94 17.52 33.53
CA LEU B 380 10.47 17.71 33.61
C LEU B 380 9.67 16.45 33.26
N PRO B 381 8.45 16.32 33.82
CA PRO B 381 7.54 15.30 33.37
C PRO B 381 7.39 15.31 31.85
N VAL B 382 7.45 14.16 31.25
CA VAL B 382 7.21 14.04 29.82
C VAL B 382 5.76 13.65 29.67
N ILE B 383 5.01 14.33 28.83
CA ILE B 383 3.67 13.88 28.55
C ILE B 383 3.42 13.71 27.06
N ASN B 384 2.83 12.59 26.68
CA ASN B 384 2.47 12.36 25.29
C ASN B 384 1.00 12.65 25.18
N THR B 385 0.61 13.44 24.19
CA THR B 385 -0.77 13.87 24.07
C THR B 385 -1.09 14.13 22.60
N ALA B 386 -2.39 14.22 22.30
CA ALA B 386 -2.82 14.54 20.95
C ALA B 386 -2.59 16.02 20.63
N ILE B 387 -2.18 16.32 19.40
CA ILE B 387 -2.16 17.71 18.95
C ILE B 387 -3.48 18.10 18.24
N ALA B 388 -4.07 19.21 18.65
CA ALA B 388 -5.41 19.58 18.22
C ALA B 388 -5.38 20.87 17.45
N HIS B 389 -6.17 20.96 16.39
CA HIS B 389 -6.22 22.20 15.61
C HIS B 389 -6.56 23.42 16.48
N LYS B 390 -5.94 24.55 16.18
CA LYS B 390 -6.19 25.77 16.94
C LYS B 390 -7.57 26.33 16.63
N GLU B 391 -8.15 25.87 15.52
CA GLU B 391 -9.49 26.28 15.13
C GLU B 391 -10.53 25.35 15.73
N PRO B 392 -11.71 25.90 16.11
CA PRO B 392 -12.79 25.12 16.74
C PRO B 392 -13.28 23.99 15.85
N GLY B 393 -13.30 22.80 16.42
CA GLY B 393 -13.99 21.69 15.78
C GLY B 393 -13.23 20.88 14.75
N ILE B 394 -12.09 21.37 14.28
CA ILE B 394 -11.39 20.65 13.26
C ILE B 394 -10.85 19.33 13.82
N GLY B 395 -10.51 19.35 15.11
CA GLY B 395 -10.13 18.12 15.81
C GLY B 395 -8.65 17.73 15.75
N MSE B 396 -8.40 16.48 16.15
CA MSE B 396 -7.05 15.95 16.19
C MSE B 396 -6.36 16.01 14.84
O MSE B 396 -6.90 15.55 13.83
CB MSE B 396 -7.11 14.50 16.69
CG MSE B 396 -5.78 13.96 17.14
SE MSE B 396 -5.87 12.04 17.47
CE MSE B 396 -3.96 11.66 17.71
N ILE B 397 -5.16 16.59 14.81
CA ILE B 397 -4.43 16.64 13.56
C ILE B 397 -2.99 16.14 13.73
N GLY B 398 -2.81 15.20 14.66
CA GLY B 398 -1.48 14.60 14.90
C GLY B 398 -1.25 14.39 16.39
N ALA B 399 -0.04 14.01 16.77
CA ALA B 399 0.30 13.81 18.20
C ALA B 399 1.78 13.87 18.47
N GLY B 400 2.13 14.03 19.75
CA GLY B 400 3.53 14.22 20.08
C GLY B 400 3.83 14.45 21.54
N LEU B 401 5.09 14.77 21.84
CA LEU B 401 5.60 15.00 23.20
C LEU B 401 5.53 16.47 23.66
N THR B 402 5.11 16.67 24.90
CA THR B 402 5.09 18.00 25.46
C THR B 402 5.56 18.00 26.93
N ASN B 403 5.70 19.16 27.54
CA ASN B 403 6.02 19.19 28.98
C ASN B 403 5.22 20.27 29.69
N PRO B 404 5.14 20.19 31.03
CA PRO B 404 4.66 21.36 31.75
C PRO B 404 5.77 22.39 31.67
N PRO B 405 5.46 23.66 31.96
CA PRO B 405 6.48 24.73 31.95
C PRO B 405 7.28 24.77 33.26
N ALA B 406 8.56 25.11 33.17
CA ALA B 406 9.43 25.05 34.34
C ALA B 406 8.92 25.80 35.57
N ASN B 407 8.37 27.00 35.34
CA ASN B 407 8.05 27.95 36.43
C ASN B 407 7.10 27.36 37.45
N VAL B 408 6.14 26.61 36.96
CA VAL B 408 5.08 26.12 37.82
C VAL B 408 5.63 25.35 39.03
N PHE B 409 6.75 24.65 38.85
CA PHE B 409 7.42 23.92 39.93
C PHE B 409 8.20 24.82 40.90
N ASN B 410 8.90 25.81 40.38
CA ASN B 410 9.54 26.82 41.21
C ASN B 410 8.58 27.44 42.21
N GLU B 411 7.40 27.83 41.76
CA GLU B 411 6.45 28.48 42.62
C GLU B 411 6.01 27.49 43.69
N ALA B 412 5.66 26.30 43.24
CA ALA B 412 5.35 25.20 44.15
C ALA B 412 6.29 25.18 45.35
N LEU B 413 7.59 25.06 45.07
CA LEU B 413 8.59 24.95 46.12
C LEU B 413 8.57 26.14 47.06
N LYS B 414 8.36 27.33 46.50
CA LYS B 414 8.40 28.54 47.29
C LYS B 414 7.15 28.59 48.20
N ALA B 415 6.01 28.14 47.67
CA ALA B 415 4.81 28.06 48.47
C ALA B 415 4.95 27.01 49.59
N LEU B 416 5.63 25.91 49.28
CA LEU B 416 5.97 24.91 50.28
C LEU B 416 6.88 25.42 51.39
N VAL B 417 8.10 25.84 51.06
CA VAL B 417 8.98 26.40 52.07
C VAL B 417 8.26 27.43 52.95
N ALA B 418 7.13 27.96 52.48
CA ALA B 418 6.43 29.00 53.25
C ALA B 418 5.31 28.42 54.13
N THR B 419 4.95 27.17 53.88
CA THR B 419 3.90 26.50 54.62
C THR B 419 4.52 25.65 55.73
N ILE B 420 5.51 24.85 55.36
CA ILE B 420 6.01 23.78 56.21
C ILE B 420 6.36 24.25 57.59
N ASN B 421 5.46 24.01 58.52
CA ASN B 421 5.63 24.40 59.92
C ASN B 421 7.01 24.12 60.48
N SER C 1 -36.34 -8.41 10.09
CA SER C 1 -35.50 -9.02 9.02
C SER C 1 -34.11 -8.37 9.01
N ASN C 2 -33.16 -9.02 9.66
CA ASN C 2 -31.76 -8.59 9.61
C ASN C 2 -30.98 -9.32 8.52
N ALA C 3 -31.68 -10.18 7.77
CA ALA C 3 -31.09 -11.09 6.74
C ALA C 3 -30.56 -10.37 5.48
N PRO C 4 -29.82 -11.10 4.60
CA PRO C 4 -29.44 -10.46 3.34
C PRO C 4 -30.47 -10.61 2.20
N THR C 5 -30.76 -9.49 1.54
CA THR C 5 -31.69 -9.42 0.43
C THR C 5 -30.97 -9.78 -0.86
N LEU C 6 -31.72 -10.04 -1.91
CA LEU C 6 -31.08 -10.38 -3.16
C LEU C 6 -30.14 -9.28 -3.62
N TYR C 7 -30.49 -8.02 -3.34
CA TYR C 7 -29.67 -6.96 -3.86
C TYR C 7 -28.39 -6.79 -3.04
N GLU C 8 -28.49 -6.93 -1.72
CA GLU C 8 -27.31 -7.00 -0.89
C GLU C 8 -26.37 -8.13 -1.35
N LYS C 9 -26.91 -9.29 -1.68
CA LYS C 9 -26.08 -10.39 -2.09
C LYS C 9 -25.34 -10.03 -3.33
N ILE C 10 -25.99 -9.26 -4.21
CA ILE C 10 -25.37 -8.95 -5.48
C ILE C 10 -24.31 -7.88 -5.31
N GLN C 11 -24.58 -6.91 -4.45
CA GLN C 11 -23.64 -5.81 -4.32
C GLN C 11 -22.38 -6.38 -3.68
N GLN C 12 -22.57 -7.31 -2.74
CA GLN C 12 -21.45 -7.92 -2.03
C GLN C 12 -20.60 -8.81 -2.98
N ALA C 13 -21.25 -9.51 -3.88
CA ALA C 13 -20.53 -10.39 -4.77
C ALA C 13 -19.75 -9.54 -5.76
N ASN C 14 -20.31 -8.38 -6.11
CA ASN C 14 -19.65 -7.52 -7.06
C ASN C 14 -18.43 -6.88 -6.39
N GLU C 15 -18.55 -6.58 -5.11
CA GLU C 15 -17.46 -6.00 -4.38
C GLU C 15 -16.35 -7.04 -4.38
N GLU C 16 -16.74 -8.29 -4.14
CA GLU C 16 -15.73 -9.33 -4.09
C GLU C 16 -15.13 -9.66 -5.48
N ALA C 17 -15.95 -9.81 -6.51
CA ALA C 17 -15.38 -10.01 -7.85
C ALA C 17 -14.49 -8.84 -8.29
N VAL C 18 -14.95 -7.61 -8.08
CA VAL C 18 -14.18 -6.50 -8.58
C VAL C 18 -12.86 -6.36 -7.79
N THR C 19 -12.89 -6.63 -6.49
CA THR C 19 -11.67 -6.57 -5.73
C THR C 19 -10.62 -7.51 -6.31
N ARG C 20 -11.02 -8.70 -6.72
CA ARG C 20 -10.10 -9.60 -7.32
C ARG C 20 -9.59 -9.13 -8.67
N ILE C 21 -10.41 -8.46 -9.45
CA ILE C 21 -9.94 -7.89 -10.69
C ILE C 21 -8.90 -6.78 -10.44
N ILE C 22 -9.19 -5.88 -9.50
CA ILE C 22 -8.33 -4.77 -9.19
C ILE C 22 -7.00 -5.26 -8.61
N GLN C 23 -7.07 -6.26 -7.76
CA GLN C 23 -5.88 -6.67 -7.03
C GLN C 23 -5.05 -7.72 -7.77
N SER C 24 -5.55 -8.15 -8.91
CA SER C 24 -4.79 -9.02 -9.79
C SER C 24 -3.52 -8.34 -10.24
N LYS C 25 -2.42 -9.08 -10.20
CA LYS C 25 -1.10 -8.56 -10.58
C LYS C 25 -0.51 -9.49 -11.63
N PRO C 26 -0.99 -9.42 -12.90
CA PRO C 26 -0.55 -10.42 -13.90
C PRO C 26 0.92 -10.22 -14.15
N ILE C 27 1.69 -11.30 -14.27
CA ILE C 27 3.14 -11.23 -14.43
C ILE C 27 3.52 -12.10 -15.60
N LEU C 28 4.26 -11.54 -16.55
CA LEU C 28 4.64 -12.34 -17.72
C LEU C 28 5.89 -13.10 -17.34
N VAL C 29 5.76 -14.42 -17.25
CA VAL C 29 6.84 -15.24 -16.69
C VAL C 29 7.58 -16.08 -17.71
N GLY C 30 7.03 -16.24 -18.90
CA GLY C 30 7.68 -17.08 -19.88
C GLY C 30 6.95 -17.01 -21.20
N PHE C 31 7.54 -17.68 -22.21
CA PHE C 31 6.88 -17.94 -23.48
C PHE C 31 7.14 -19.38 -23.84
N ASP C 32 6.22 -19.99 -24.57
CA ASP C 32 6.37 -21.40 -24.87
C ASP C 32 5.36 -21.75 -25.93
N LYS C 33 5.56 -22.91 -26.55
CA LYS C 33 4.60 -23.45 -27.49
C LYS C 33 3.29 -23.70 -26.78
N ALA C 34 2.18 -23.37 -27.44
CA ALA C 34 0.86 -23.60 -26.85
C ALA C 34 0.72 -25.04 -26.35
N ILE C 35 1.17 -25.99 -27.16
CA ILE C 35 0.90 -27.39 -26.87
C ILE C 35 1.55 -27.78 -25.56
N ASN C 36 2.64 -27.09 -25.20
CA ASN C 36 3.44 -27.54 -24.06
C ASN C 36 2.88 -27.09 -22.73
N VAL C 37 2.00 -26.11 -22.76
CA VAL C 37 1.88 -25.33 -21.58
C VAL C 37 0.43 -24.99 -21.28
N MSE C 38 -0.42 -25.15 -22.29
CA MSE C 38 -1.82 -24.84 -22.16
C MSE C 38 -2.69 -26.05 -21.81
O MSE C 38 -2.37 -27.17 -22.20
CB MSE C 38 -2.33 -24.17 -23.44
CG MSE C 38 -1.89 -22.74 -23.60
SE MSE C 38 -2.71 -21.92 -25.19
CE MSE C 38 -4.48 -22.71 -24.97
N PRO C 39 -3.79 -25.80 -21.09
CA PRO C 39 -4.74 -26.81 -20.61
C PRO C 39 -5.63 -27.38 -21.71
N ASP C 40 -5.90 -28.68 -21.63
CA ASP C 40 -6.85 -29.36 -22.52
C ASP C 40 -6.50 -29.26 -24.01
N MSE C 41 -5.27 -29.63 -24.34
CA MSE C 41 -4.71 -29.31 -25.64
C MSE C 41 -4.23 -30.54 -26.42
O MSE C 41 -3.16 -31.08 -26.13
CB MSE C 41 -3.55 -28.35 -25.42
CG MSE C 41 -3.22 -27.47 -26.59
SE MSE C 41 -4.44 -25.96 -26.72
CE MSE C 41 -3.67 -25.09 -28.30
N THR C 42 -5.01 -30.97 -27.41
CA THR C 42 -4.59 -32.07 -28.28
C THR C 42 -3.77 -31.54 -29.47
N GLU C 43 -3.09 -32.45 -30.17
CA GLU C 43 -2.29 -32.06 -31.33
C GLU C 43 -3.17 -31.67 -32.50
N THR C 44 -4.47 -31.86 -32.35
CA THR C 44 -5.42 -31.54 -33.41
C THR C 44 -6.45 -30.55 -32.90
N THR C 45 -6.03 -29.70 -31.97
CA THR C 45 -6.92 -28.70 -31.44
C THR C 45 -6.58 -27.34 -32.08
N ILE C 46 -7.60 -26.56 -32.43
CA ILE C 46 -7.35 -25.21 -32.95
C ILE C 46 -8.24 -24.13 -32.31
N LEU C 47 -7.61 -23.08 -31.78
CA LEU C 47 -8.34 -22.08 -31.02
C LEU C 47 -8.66 -20.91 -31.90
N HIS C 48 -9.74 -20.20 -31.55
CA HIS C 48 -10.14 -18.99 -32.27
C HIS C 48 -10.68 -17.96 -31.27
N ALA C 49 -10.79 -16.70 -31.71
CA ALA C 49 -11.39 -15.65 -30.91
C ALA C 49 -12.91 -15.80 -30.84
N GLY C 50 -13.50 -15.24 -29.78
CA GLY C 50 -14.97 -15.15 -29.66
C GLY C 50 -15.70 -16.42 -29.22
N PRO C 51 -17.04 -16.36 -29.15
CA PRO C 51 -17.93 -17.43 -28.71
C PRO C 51 -17.80 -18.71 -29.55
N PRO C 52 -18.27 -19.85 -29.02
CA PRO C 52 -18.16 -21.04 -29.88
C PRO C 52 -18.82 -20.85 -31.24
N ILE C 53 -18.23 -21.45 -32.24
CA ILE C 53 -18.81 -21.44 -33.55
C ILE C 53 -18.21 -22.64 -34.25
N THR C 54 -18.96 -23.28 -35.12
CA THR C 54 -18.39 -24.41 -35.83
C THR C 54 -17.66 -23.86 -37.01
N TYR C 55 -16.88 -24.71 -37.65
CA TYR C 55 -16.08 -24.28 -38.78
C TYR C 55 -16.91 -23.73 -39.91
N GLU C 56 -17.88 -24.53 -40.35
CA GLU C 56 -18.66 -24.23 -41.54
C GLU C 56 -19.45 -22.94 -41.36
N ASN C 57 -19.51 -22.45 -40.13
CA ASN C 57 -20.30 -21.26 -39.84
C ASN C 57 -19.47 -19.97 -39.76
N MSE C 58 -18.16 -20.12 -39.76
CA MSE C 58 -17.21 -19.01 -39.68
C MSE C 58 -17.21 -18.11 -40.92
O MSE C 58 -17.64 -18.51 -42.00
CB MSE C 58 -15.79 -19.54 -39.45
CG MSE C 58 -15.57 -20.07 -38.05
SE MSE C 58 -13.89 -21.08 -37.93
CE MSE C 58 -13.80 -21.33 -35.96
N CYS C 59 -16.70 -16.90 -40.74
CA CYS C 59 -16.59 -15.93 -41.84
C CYS C 59 -15.28 -16.10 -42.58
N GLY C 60 -15.30 -15.69 -43.85
CA GLY C 60 -14.17 -15.80 -44.78
C GLY C 60 -12.78 -15.76 -44.17
N PRO C 61 -12.42 -14.63 -43.52
CA PRO C 61 -11.11 -14.45 -42.91
C PRO C 61 -10.78 -15.50 -41.85
N MSE C 62 -11.66 -15.69 -40.88
CA MSE C 62 -11.38 -16.71 -39.87
C MSE C 62 -11.09 -18.06 -40.53
O MSE C 62 -10.13 -18.73 -40.16
CB MSE C 62 -12.47 -16.82 -38.81
CG MSE C 62 -11.96 -17.58 -37.59
SE MSE C 62 -13.15 -17.86 -36.04
CE MSE C 62 -13.00 -16.11 -35.16
N LYS C 63 -11.89 -18.44 -41.51
CA LYS C 63 -11.65 -19.69 -42.23
C LYS C 63 -10.23 -19.73 -42.80
N GLY C 64 -9.79 -18.59 -43.36
CA GLY C 64 -8.46 -18.49 -43.95
C GLY C 64 -7.39 -18.71 -42.89
N ALA C 65 -7.53 -18.03 -41.76
CA ALA C 65 -6.61 -18.22 -40.66
C ALA C 65 -6.52 -19.68 -40.21
N VAL C 66 -7.66 -20.36 -40.06
CA VAL C 66 -7.58 -21.77 -39.64
C VAL C 66 -6.90 -22.59 -40.72
N GLN C 67 -7.14 -22.25 -41.97
CA GLN C 67 -6.51 -22.96 -43.07
C GLN C 67 -5.02 -22.76 -42.95
N GLY C 68 -4.64 -21.55 -42.57
CA GLY C 68 -3.24 -21.22 -42.41
C GLY C 68 -2.65 -22.10 -41.32
N ALA C 69 -3.23 -22.01 -40.13
CA ALA C 69 -2.75 -22.78 -38.98
C ALA C 69 -2.56 -24.24 -39.37
N LEU C 70 -3.41 -24.73 -40.25
CA LEU C 70 -3.44 -26.13 -40.60
C LEU C 70 -2.20 -26.53 -41.43
N VAL C 71 -1.86 -25.70 -42.40
CA VAL C 71 -0.67 -25.97 -43.20
C VAL C 71 0.58 -25.82 -42.33
N PHE C 72 0.61 -24.73 -41.56
CA PHE C 72 1.68 -24.50 -40.58
C PHE C 72 1.90 -25.70 -39.61
N GLU C 73 0.82 -26.28 -39.09
CA GLU C 73 0.95 -27.42 -38.19
C GLU C 73 1.35 -28.71 -38.93
N GLY C 74 1.70 -28.56 -40.20
CA GLY C 74 1.95 -29.71 -41.04
C GLY C 74 0.77 -30.66 -41.07
N LEU C 75 -0.44 -30.13 -41.13
CA LEU C 75 -1.64 -30.95 -41.08
C LEU C 75 -2.46 -30.93 -42.38
N ALA C 76 -1.82 -30.55 -43.49
CA ALA C 76 -2.52 -30.49 -44.77
C ALA C 76 -1.68 -29.79 -45.83
N LYS C 77 -1.16 -30.58 -46.77
CA LYS C 77 -0.30 -30.07 -47.85
C LYS C 77 -0.57 -28.62 -48.18
N ASP C 78 -1.73 -28.37 -48.78
CA ASP C 78 -2.06 -27.04 -49.27
C ASP C 78 -3.28 -26.47 -48.54
N LEU C 79 -3.86 -25.42 -49.12
CA LEU C 79 -5.04 -24.78 -48.54
C LEU C 79 -6.32 -25.57 -48.79
N ALA C 80 -6.52 -26.03 -50.01
CA ALA C 80 -7.68 -26.87 -50.33
C ALA C 80 -7.78 -28.08 -49.40
N ASP C 81 -6.64 -28.57 -48.91
CA ASP C 81 -6.63 -29.70 -47.99
C ASP C 81 -6.91 -29.24 -46.56
N ALA C 82 -6.45 -28.04 -46.24
CA ALA C 82 -6.71 -27.47 -44.93
C ALA C 82 -8.22 -27.42 -44.73
N ASP C 83 -8.92 -27.04 -45.80
CA ASP C 83 -10.38 -27.05 -45.83
C ASP C 83 -10.83 -28.48 -45.60
N ARG C 84 -10.64 -29.31 -46.62
CA ARG C 84 -10.99 -30.73 -46.59
C ARG C 84 -10.92 -31.27 -45.16
N VAL C 85 -9.77 -31.14 -44.51
CA VAL C 85 -9.62 -31.60 -43.14
C VAL C 85 -10.56 -30.86 -42.15
N ALA C 86 -10.47 -29.54 -42.11
CA ALA C 86 -11.28 -28.72 -41.18
C ALA C 86 -12.73 -29.19 -41.11
N ARG C 87 -13.28 -29.54 -42.26
CA ARG C 87 -14.67 -29.98 -42.36
C ARG C 87 -14.78 -31.47 -42.06
N SER C 88 -13.64 -32.15 -42.11
CA SER C 88 -13.58 -33.58 -41.79
C SER C 88 -14.18 -33.94 -40.42
N GLY C 89 -13.75 -33.26 -39.37
CA GLY C 89 -14.17 -33.62 -38.01
C GLY C 89 -12.98 -34.15 -37.25
N ALA C 90 -11.83 -34.19 -37.92
CA ALA C 90 -10.61 -34.58 -37.26
C ALA C 90 -10.11 -33.46 -36.34
N ILE C 91 -10.67 -32.27 -36.48
CA ILE C 91 -10.11 -31.15 -35.77
C ILE C 91 -11.05 -30.51 -34.78
N THR C 92 -10.58 -30.42 -33.54
CA THR C 92 -11.33 -29.71 -32.51
C THR C 92 -11.15 -28.22 -32.69
N PHE C 93 -12.26 -27.49 -32.73
CA PHE C 93 -12.24 -26.05 -32.68
C PHE C 93 -12.68 -25.61 -31.30
N SER C 94 -12.19 -24.48 -30.82
CA SER C 94 -12.48 -24.09 -29.46
C SER C 94 -12.12 -22.64 -29.22
N PRO C 95 -12.96 -21.93 -28.46
CA PRO C 95 -12.64 -20.55 -28.22
C PRO C 95 -11.40 -20.46 -27.33
N CYS C 96 -10.49 -19.55 -27.67
CA CYS C 96 -9.34 -19.31 -26.82
C CYS C 96 -9.79 -19.18 -25.38
N HIS C 97 -10.96 -18.57 -25.14
CA HIS C 97 -11.39 -18.28 -23.75
C HIS C 97 -11.62 -19.51 -22.88
N GLU C 98 -12.12 -20.58 -23.49
CA GLU C 98 -12.29 -21.86 -22.81
C GLU C 98 -10.97 -22.56 -22.48
N HIS C 99 -9.87 -22.05 -23.02
CA HIS C 99 -8.54 -22.58 -22.72
C HIS C 99 -7.69 -21.53 -22.04
N ASP C 100 -8.32 -20.59 -21.36
CA ASP C 100 -7.58 -19.56 -20.62
C ASP C 100 -6.67 -18.73 -21.51
N ALA C 101 -7.05 -18.63 -22.78
CA ALA C 101 -6.33 -17.82 -23.73
C ALA C 101 -7.19 -16.71 -24.33
N VAL C 102 -6.57 -15.75 -25.02
CA VAL C 102 -7.28 -14.82 -25.91
C VAL C 102 -6.63 -14.73 -27.30
N GLY C 103 -7.38 -14.31 -28.30
CA GLY C 103 -6.90 -14.26 -29.66
C GLY C 103 -7.21 -12.94 -30.35
N SER C 104 -6.18 -12.22 -30.74
CA SER C 104 -6.33 -10.97 -31.44
C SER C 104 -6.92 -11.24 -32.82
N MSE C 105 -7.93 -10.45 -33.20
CA MSE C 105 -8.60 -10.59 -34.49
C MSE C 105 -9.11 -11.98 -34.66
O MSE C 105 -9.88 -12.42 -33.82
CB MSE C 105 -7.68 -10.20 -35.63
CG MSE C 105 -7.21 -8.76 -35.52
SE MSE C 105 -8.68 -7.47 -35.36
CE MSE C 105 -8.77 -7.31 -33.35
N ALA C 106 -8.72 -12.70 -35.71
CA ALA C 106 -9.23 -14.07 -35.93
C ALA C 106 -8.82 -14.96 -34.76
N GLY C 107 -7.72 -14.59 -34.10
CA GLY C 107 -7.29 -15.24 -32.87
C GLY C 107 -6.92 -16.71 -33.01
N VAL C 108 -6.77 -17.17 -34.25
CA VAL C 108 -6.43 -18.54 -34.48
C VAL C 108 -5.05 -18.82 -33.86
N THR C 109 -4.99 -19.88 -33.07
CA THR C 109 -3.82 -20.24 -32.31
C THR C 109 -3.73 -21.76 -32.34
N SER C 110 -2.54 -22.31 -32.57
CA SER C 110 -2.40 -23.77 -32.71
C SER C 110 -1.29 -24.41 -31.84
N PRO C 111 -1.18 -25.75 -31.85
CA PRO C 111 -0.31 -26.36 -30.86
C PRO C 111 1.13 -25.85 -30.91
N ASN C 112 1.62 -25.58 -32.12
CA ASN C 112 3.02 -25.24 -32.31
C ASN C 112 3.39 -23.76 -32.36
N MSE C 113 2.42 -22.88 -32.18
CA MSE C 113 2.71 -21.47 -32.09
C MSE C 113 3.12 -21.18 -30.66
O MSE C 113 2.73 -21.90 -29.72
CB MSE C 113 1.48 -20.63 -32.47
CG MSE C 113 1.08 -20.71 -33.94
SE MSE C 113 -0.54 -19.65 -34.36
CE MSE C 113 -1.08 -20.54 -36.01
N TYR C 114 3.91 -20.12 -30.49
CA TYR C 114 4.30 -19.68 -29.15
C TYR C 114 3.26 -18.77 -28.49
N VAL C 115 3.27 -18.74 -27.15
CA VAL C 115 2.32 -17.91 -26.44
C VAL C 115 2.97 -17.33 -25.21
N HIS C 116 2.39 -16.24 -24.71
CA HIS C 116 2.88 -15.59 -23.52
C HIS C 116 2.42 -16.48 -22.41
N ILE C 117 3.25 -16.69 -21.41
CA ILE C 117 2.72 -17.27 -20.17
C ILE C 117 2.58 -16.20 -19.11
N ILE C 118 1.34 -15.84 -18.82
CA ILE C 118 1.07 -14.74 -17.91
C ILE C 118 0.47 -15.31 -16.64
N LYS C 119 1.12 -15.05 -15.51
CA LYS C 119 0.75 -15.66 -14.23
C LYS C 119 0.39 -14.61 -13.17
N ASN C 120 -0.72 -14.84 -12.46
CA ASN C 120 -1.28 -13.88 -11.49
C ASN C 120 -0.52 -13.95 -10.14
N GLU C 121 0.35 -13.01 -9.86
CA GLU C 121 1.07 -13.06 -8.60
C GLU C 121 0.10 -13.12 -7.42
N THR C 122 -1.10 -12.60 -7.60
CA THR C 122 -2.01 -12.45 -6.47
C THR C 122 -2.86 -13.70 -6.23
N TYR C 123 -3.50 -14.23 -7.26
CA TYR C 123 -4.42 -15.33 -7.06
C TYR C 123 -3.93 -16.60 -7.72
N GLY C 124 -2.91 -16.51 -8.55
CA GLY C 124 -2.24 -17.74 -8.95
C GLY C 124 -2.74 -18.40 -10.22
N ASN C 125 -3.81 -17.90 -10.82
CA ASN C 125 -4.29 -18.45 -12.10
C ASN C 125 -3.42 -18.01 -13.28
N THR C 126 -3.52 -18.68 -14.43
CA THR C 126 -2.64 -18.40 -15.59
C THR C 126 -3.41 -18.12 -16.90
N ALA C 127 -2.84 -17.28 -17.77
CA ALA C 127 -3.48 -16.91 -19.05
C ALA C 127 -2.44 -16.96 -20.17
N PHE C 128 -2.89 -17.12 -21.41
CA PHE C 128 -1.97 -17.21 -22.50
C PHE C 128 -2.41 -16.40 -23.71
N THR C 129 -1.46 -15.89 -24.50
CA THR C 129 -1.72 -15.41 -25.87
C THR C 129 -0.61 -15.60 -26.83
N ASN C 130 -0.97 -15.72 -28.10
CA ASN C 130 0.01 -15.85 -29.13
C ASN C 130 0.71 -14.52 -29.33
N LEU C 131 1.78 -14.55 -30.11
CA LEU C 131 2.59 -13.37 -30.34
C LEU C 131 2.08 -12.62 -31.58
N SER C 132 2.23 -11.31 -31.54
CA SER C 132 1.91 -10.54 -32.69
C SER C 132 2.85 -10.91 -33.83
N GLU C 133 2.32 -11.40 -34.95
CA GLU C 133 3.07 -11.28 -36.22
C GLU C 133 3.04 -9.78 -36.47
N GLN C 134 4.00 -9.21 -37.15
CA GLN C 134 4.05 -7.77 -37.07
C GLN C 134 3.61 -7.04 -38.32
N LEU C 135 3.84 -7.64 -39.48
CA LEU C 135 3.38 -7.06 -40.72
C LEU C 135 1.83 -6.89 -40.78
N ALA C 136 1.37 -6.29 -41.88
CA ALA C 136 -0.03 -6.04 -42.16
C ALA C 136 -0.66 -7.29 -42.77
N LYS C 137 0.01 -7.84 -43.79
CA LYS C 137 -0.42 -9.11 -44.36
C LYS C 137 -0.15 -10.23 -43.36
N VAL C 138 -1.12 -10.48 -42.47
CA VAL C 138 -0.94 -11.50 -41.44
C VAL C 138 -2.12 -12.46 -41.24
N LEU C 139 -1.89 -13.45 -40.38
CA LEU C 139 -2.80 -14.56 -40.17
C LEU C 139 -3.98 -14.17 -39.30
N ARG C 140 -3.80 -13.10 -38.53
CA ARG C 140 -4.88 -12.71 -37.66
C ARG C 140 -5.97 -12.05 -38.46
N PHE C 141 -5.66 -11.72 -39.71
CA PHE C 141 -6.64 -11.20 -40.65
C PHE C 141 -6.94 -12.19 -41.76
N GLY C 142 -6.46 -13.43 -41.63
CA GLY C 142 -6.74 -14.47 -42.61
C GLY C 142 -5.82 -14.56 -43.82
N ALA C 143 -4.78 -13.72 -43.84
CA ALA C 143 -3.77 -13.83 -44.88
C ALA C 143 -3.16 -15.22 -44.82
N ASN C 144 -2.92 -15.80 -45.99
CA ASN C 144 -2.21 -17.08 -46.07
C ASN C 144 -1.48 -17.20 -47.36
N ASP C 145 -0.31 -16.60 -47.42
CA ASP C 145 0.59 -16.76 -48.55
C ASP C 145 1.53 -17.87 -48.18
N GLN C 146 2.33 -18.30 -49.14
CA GLN C 146 3.49 -19.11 -48.81
C GLN C 146 4.32 -18.26 -47.84
N SER C 147 4.35 -16.96 -48.12
CA SER C 147 5.03 -15.99 -47.26
C SER C 147 4.63 -16.09 -45.80
N VAL C 148 3.33 -16.01 -45.54
CA VAL C 148 2.86 -15.93 -44.17
C VAL C 148 3.15 -17.20 -43.37
N VAL C 149 2.94 -18.36 -43.97
CA VAL C 149 3.38 -19.59 -43.31
C VAL C 149 4.86 -19.48 -43.00
N ASP C 150 5.64 -19.14 -44.03
CA ASP C 150 7.04 -18.78 -43.84
C ASP C 150 7.31 -17.99 -42.55
N ARG C 151 6.52 -16.95 -42.29
CA ARG C 151 6.79 -16.09 -41.14
C ARG C 151 6.37 -16.73 -39.80
N LEU C 152 5.45 -17.68 -39.84
CA LEU C 152 5.08 -18.38 -38.61
C LEU C 152 6.17 -19.40 -38.28
N ILE C 153 6.81 -19.94 -39.31
CA ILE C 153 7.91 -20.89 -39.17
C ILE C 153 9.05 -20.24 -38.39
N TRP C 154 9.40 -19.03 -38.81
CA TRP C 154 10.44 -18.21 -38.21
C TRP C 154 10.22 -17.92 -36.71
N MSE C 155 8.98 -17.61 -36.34
CA MSE C 155 8.68 -17.33 -34.95
C MSE C 155 8.70 -18.63 -34.15
O MSE C 155 8.88 -18.60 -32.93
CB MSE C 155 7.34 -16.64 -34.81
CG MSE C 155 7.14 -15.48 -35.79
SE MSE C 155 5.39 -14.61 -35.53
CE MSE C 155 4.81 -14.46 -37.39
N ARG C 156 8.51 -19.75 -34.83
CA ARG C 156 8.51 -21.06 -34.19
C ARG C 156 9.94 -21.55 -33.98
N ASP C 157 10.81 -21.17 -34.91
CA ASP C 157 12.20 -21.62 -34.93
C ASP C 157 13.21 -20.63 -34.36
N VAL C 158 12.93 -19.32 -34.43
CA VAL C 158 13.87 -18.39 -33.79
C VAL C 158 13.25 -17.45 -32.73
N LEU C 159 12.16 -16.77 -33.06
CA LEU C 159 11.56 -15.81 -32.16
C LEU C 159 11.15 -16.44 -30.83
N GLY C 160 10.40 -17.52 -30.91
CA GLY C 160 9.88 -18.18 -29.73
C GLY C 160 10.97 -18.72 -28.82
N PRO C 161 11.80 -19.63 -29.35
CA PRO C 161 12.94 -20.14 -28.60
C PRO C 161 13.68 -19.01 -27.91
N LEU C 162 13.98 -17.95 -28.67
CA LEU C 162 14.75 -16.84 -28.10
C LEU C 162 14.01 -16.19 -26.92
N LEU C 163 12.71 -16.00 -27.08
CA LEU C 163 11.92 -15.40 -26.04
C LEU C 163 11.84 -16.31 -24.81
N HIS C 164 11.55 -17.59 -25.02
CA HIS C 164 11.63 -18.59 -23.96
C HIS C 164 12.98 -18.52 -23.23
N ASP C 165 14.07 -18.57 -23.97
CA ASP C 165 15.36 -18.49 -23.32
C ASP C 165 15.53 -17.17 -22.58
N ALA C 166 15.23 -16.07 -23.26
CA ALA C 166 15.17 -14.76 -22.64
C ALA C 166 14.54 -14.78 -21.23
N MSE C 167 13.36 -15.38 -21.10
CA MSE C 167 12.70 -15.35 -19.80
C MSE C 167 13.36 -16.20 -18.71
O MSE C 167 13.33 -15.84 -17.53
CB MSE C 167 11.23 -15.68 -19.93
CG MSE C 167 10.45 -14.66 -20.73
SE MSE C 167 10.58 -12.83 -20.00
CE MSE C 167 9.78 -13.11 -18.23
N THR C 168 13.98 -17.32 -19.08
CA THR C 168 14.74 -18.10 -18.09
C THR C 168 15.75 -17.23 -17.33
N PHE C 169 16.12 -16.09 -17.90
CA PHE C 169 17.11 -15.20 -17.30
C PHE C 169 16.49 -14.14 -16.42
N CYS C 170 15.16 -14.15 -16.31
CA CYS C 170 14.42 -13.15 -15.57
C CYS C 170 13.47 -13.80 -14.56
N PRO C 171 14.02 -14.21 -13.40
CA PRO C 171 13.29 -15.01 -12.38
C PRO C 171 12.05 -14.36 -11.77
N GLU C 172 12.01 -13.04 -11.76
CA GLU C 172 10.91 -12.34 -11.12
C GLU C 172 9.72 -12.18 -12.06
N GLY C 173 9.98 -12.27 -13.35
CA GLY C 173 8.95 -11.98 -14.32
C GLY C 173 8.90 -10.49 -14.57
N ILE C 174 7.99 -10.11 -15.45
CA ILE C 174 7.74 -8.71 -15.76
C ILE C 174 6.30 -8.38 -15.37
N ASP C 175 6.16 -7.31 -14.61
CA ASP C 175 4.93 -6.93 -13.97
C ASP C 175 4.06 -6.23 -14.99
N LEU C 176 3.18 -6.99 -15.61
CA LEU C 176 2.29 -6.44 -16.65
C LEU C 176 1.40 -5.27 -16.20
N ARG C 177 0.89 -5.30 -14.96
CA ARG C 177 0.02 -4.24 -14.48
C ARG C 177 0.82 -2.93 -14.35
N LEU C 178 2.02 -3.03 -13.76
CA LEU C 178 2.87 -1.87 -13.60
C LEU C 178 3.15 -1.22 -14.95
N MSE C 179 3.62 -2.04 -15.89
CA MSE C 179 3.95 -1.59 -17.24
C MSE C 179 2.75 -0.94 -17.92
O MSE C 179 2.83 0.17 -18.45
CB MSE C 179 4.41 -2.76 -18.08
CG MSE C 179 4.81 -2.38 -19.46
SE MSE C 179 6.14 -3.63 -20.16
CE MSE C 179 7.54 -3.49 -18.79
N LEU C 180 1.62 -1.64 -17.90
CA LEU C 180 0.37 -1.14 -18.44
C LEU C 180 -0.02 0.17 -17.77
N SER C 181 0.07 0.23 -16.44
CA SER C 181 -0.22 1.48 -15.78
C SER C 181 0.71 2.60 -16.24
N GLN C 182 1.88 2.27 -16.78
CA GLN C 182 2.82 3.28 -17.25
C GLN C 182 2.50 3.74 -18.66
N ALA C 183 2.04 2.81 -19.50
CA ALA C 183 1.60 3.21 -20.82
C ALA C 183 0.44 4.19 -20.77
N LEU C 184 -0.52 3.95 -19.89
CA LEU C 184 -1.70 4.79 -19.84
C LEU C 184 -1.29 6.22 -19.52
N HIS C 185 -0.12 6.40 -18.90
CA HIS C 185 0.39 7.75 -18.68
C HIS C 185 1.18 8.31 -19.85
N MSE C 186 1.31 7.52 -20.91
CA MSE C 186 2.15 7.85 -22.06
C MSE C 186 1.34 7.78 -23.32
O MSE C 186 1.85 7.46 -24.37
CB MSE C 186 3.33 6.87 -22.16
CG MSE C 186 4.28 6.93 -20.99
SE MSE C 186 5.47 5.34 -20.93
CE MSE C 186 6.81 5.91 -22.23
N GLY C 187 0.05 8.08 -23.20
CA GLY C 187 -0.79 8.29 -24.36
C GLY C 187 -1.34 7.04 -24.96
N ASP C 188 -1.29 5.93 -24.21
CA ASP C 188 -1.76 4.65 -24.68
C ASP C 188 -3.04 4.24 -24.03
N GLU C 189 -3.86 3.48 -24.75
CA GLU C 189 -5.03 2.86 -24.14
C GLU C 189 -4.95 1.34 -24.23
N CYS C 190 -3.87 0.85 -24.81
CA CYS C 190 -3.56 -0.57 -24.84
C CYS C 190 -4.52 -1.44 -25.65
N HIS C 191 -5.21 -0.84 -26.59
CA HIS C 191 -6.07 -1.62 -27.46
C HIS C 191 -5.74 -1.28 -28.90
N ASN C 192 -5.97 -0.03 -29.31
CA ASN C 192 -5.65 0.41 -30.66
C ASN C 192 -4.45 1.34 -30.71
N ARG C 193 -3.88 1.64 -29.55
CA ARG C 193 -2.64 2.35 -29.47
C ARG C 193 -1.74 1.65 -28.45
N ASN C 194 -0.73 0.94 -28.90
CA ASN C 194 0.19 0.28 -28.00
C ASN C 194 1.63 0.79 -28.13
N VAL C 195 1.79 1.95 -28.77
CA VAL C 195 3.13 2.48 -28.98
C VAL C 195 3.93 2.40 -27.70
N ALA C 196 3.45 3.04 -26.64
CA ALA C 196 4.20 3.09 -25.38
C ALA C 196 4.44 1.70 -24.79
N GLY C 197 3.37 0.94 -24.57
CA GLY C 197 3.50 -0.46 -24.15
C GLY C 197 4.57 -1.21 -24.91
N SER C 198 4.46 -1.24 -26.23
CA SER C 198 5.45 -1.90 -27.07
C SER C 198 6.88 -1.50 -26.83
N THR C 199 7.13 -0.20 -26.67
CA THR C 199 8.50 0.26 -26.50
C THR C 199 8.99 -0.08 -25.11
N LEU C 200 8.06 -0.14 -24.15
CA LEU C 200 8.45 -0.52 -22.80
C LEU C 200 8.78 -2.01 -22.70
N LEU C 201 7.94 -2.86 -23.31
CA LEU C 201 8.16 -4.30 -23.33
C LEU C 201 9.54 -4.56 -23.92
N VAL C 202 9.78 -3.92 -25.05
CA VAL C 202 10.97 -4.19 -25.80
C VAL C 202 12.19 -3.71 -25.04
N GLN C 203 12.09 -2.60 -24.31
CA GLN C 203 13.21 -2.19 -23.47
C GLN C 203 13.42 -3.27 -22.41
N ALA C 204 12.35 -3.73 -21.76
CA ALA C 204 12.54 -4.74 -20.69
C ALA C 204 13.17 -6.09 -21.16
N LEU C 205 12.73 -6.59 -22.32
CA LEU C 205 13.18 -7.85 -22.88
C LEU C 205 14.63 -7.88 -23.42
N THR C 206 15.14 -6.73 -23.86
CA THR C 206 16.35 -6.75 -24.64
C THR C 206 17.53 -7.35 -23.88
N PRO C 207 17.78 -6.88 -22.65
CA PRO C 207 18.97 -7.32 -21.95
C PRO C 207 18.94 -8.80 -21.64
N TYR C 208 17.74 -9.36 -21.49
CA TYR C 208 17.64 -10.81 -21.35
C TYR C 208 18.00 -11.51 -22.66
N MSE C 209 17.48 -11.02 -23.77
CA MSE C 209 17.75 -11.62 -25.05
C MSE C 209 19.25 -11.70 -25.26
O MSE C 209 19.78 -12.60 -25.91
CB MSE C 209 17.11 -10.80 -26.15
CG MSE C 209 15.61 -10.88 -26.16
SE MSE C 209 14.74 -9.53 -27.29
CE MSE C 209 15.89 -9.70 -28.87
N VAL C 210 19.94 -10.75 -24.66
CA VAL C 210 21.38 -10.63 -24.84
C VAL C 210 22.14 -11.70 -24.08
N GLN C 211 21.55 -12.18 -23.00
CA GLN C 211 22.22 -13.18 -22.19
C GLN C 211 22.07 -14.52 -22.82
N THR C 212 21.22 -14.54 -23.84
CA THR C 212 20.90 -15.74 -24.57
C THR C 212 22.09 -16.23 -25.41
N ASP C 213 21.91 -17.37 -26.05
CA ASP C 213 22.95 -17.96 -26.84
C ASP C 213 22.84 -17.81 -28.36
N PHE C 214 21.73 -17.23 -28.81
CA PHE C 214 21.53 -16.87 -30.21
C PHE C 214 22.57 -15.84 -30.61
N SER C 215 22.91 -15.81 -31.90
CA SER C 215 23.97 -14.94 -32.37
C SER C 215 23.57 -13.45 -32.44
N ARG C 216 24.59 -12.60 -32.61
CA ARG C 216 24.40 -11.19 -32.86
C ARG C 216 23.51 -10.98 -34.07
N GLU C 217 23.62 -11.82 -35.10
CA GLU C 217 22.75 -11.59 -36.25
C GLU C 217 21.33 -12.18 -36.20
N GLN C 218 21.05 -13.07 -35.25
CA GLN C 218 19.68 -13.45 -35.05
C GLN C 218 19.00 -12.34 -34.27
N LEU C 219 19.75 -11.75 -33.35
CA LEU C 219 19.24 -10.69 -32.53
C LEU C 219 18.86 -9.54 -33.45
N LYS C 220 19.67 -9.29 -34.47
CA LYS C 220 19.39 -8.20 -35.37
C LYS C 220 18.04 -8.42 -36.02
N GLU C 221 17.87 -9.53 -36.72
CA GLU C 221 16.57 -9.85 -37.29
C GLU C 221 15.45 -9.56 -36.30
N VAL C 222 15.58 -10.11 -35.09
CA VAL C 222 14.53 -10.01 -34.08
C VAL C 222 14.24 -8.56 -33.74
N PHE C 223 15.30 -7.78 -33.56
CA PHE C 223 15.14 -6.39 -33.23
C PHE C 223 14.42 -5.69 -34.37
N GLU C 224 14.82 -6.00 -35.61
CA GLU C 224 14.13 -5.41 -36.78
C GLU C 224 12.67 -5.85 -36.76
N PHE C 225 12.47 -7.15 -36.57
CA PHE C 225 11.13 -7.69 -36.46
C PHE C 225 10.30 -6.96 -35.39
N LEU C 226 10.91 -6.69 -34.23
CA LEU C 226 10.18 -6.07 -33.13
C LEU C 226 9.84 -4.60 -33.36
N GLY C 227 10.63 -3.89 -34.15
CA GLY C 227 10.34 -2.49 -34.42
C GLY C 227 9.66 -2.33 -35.76
N SER C 228 9.14 -3.44 -36.26
CA SER C 228 8.41 -3.49 -37.51
C SER C 228 7.06 -2.74 -37.33
N SER C 229 6.49 -2.87 -36.15
CA SER C 229 5.15 -2.41 -35.88
C SER C 229 5.04 -2.17 -34.39
N ASP C 230 4.22 -1.19 -33.99
CA ASP C 230 4.07 -0.89 -32.57
C ASP C 230 3.02 -1.78 -31.93
N TYR C 231 2.62 -2.80 -32.65
CA TYR C 231 1.62 -3.74 -32.15
C TYR C 231 2.17 -4.85 -31.25
N PHE C 232 3.47 -5.06 -31.23
CA PHE C 232 4.05 -6.21 -30.51
C PHE C 232 3.49 -6.50 -29.10
N SER C 233 3.10 -5.47 -28.35
CA SER C 233 2.54 -5.69 -27.02
C SER C 233 1.00 -5.74 -26.96
N GLY C 234 0.36 -5.62 -28.12
CA GLY C 234 -1.11 -5.70 -28.17
C GLY C 234 -1.57 -6.96 -27.49
N PRO C 235 -1.12 -8.11 -27.98
CA PRO C 235 -1.54 -9.37 -27.34
C PRO C 235 -1.19 -9.40 -25.85
N THR C 236 -0.06 -8.81 -25.46
CA THR C 236 0.37 -8.84 -24.06
C THR C 236 -0.69 -8.19 -23.18
N TRP C 237 -1.19 -7.04 -23.59
CA TRP C 237 -2.19 -6.38 -22.78
C TRP C 237 -3.46 -7.19 -22.75
N MSE C 238 -3.83 -7.81 -23.86
CA MSE C 238 -5.01 -8.67 -23.81
C MSE C 238 -4.78 -9.76 -22.79
O MSE C 238 -5.72 -10.15 -22.04
CB MSE C 238 -5.27 -9.32 -25.15
CG MSE C 238 -5.16 -8.36 -26.30
SE MSE C 238 -5.96 -9.08 -27.89
CE MSE C 238 -5.07 -7.94 -29.16
N GLY C 239 -3.54 -10.25 -22.78
CA GLY C 239 -3.19 -11.40 -21.98
C GLY C 239 -3.30 -11.05 -20.51
N ALA C 240 -2.86 -9.82 -20.19
CA ALA C 240 -2.98 -9.26 -18.84
C ALA C 240 -4.45 -9.15 -18.39
N ALA C 241 -5.27 -8.49 -19.19
CA ALA C 241 -6.69 -8.30 -18.90
C ALA C 241 -7.34 -9.64 -18.60
N LYS C 242 -7.09 -10.60 -19.47
CA LYS C 242 -7.59 -11.94 -19.29
C LYS C 242 -7.18 -12.54 -17.93
N CYS C 243 -5.93 -12.36 -17.58
CA CYS C 243 -5.45 -12.89 -16.32
C CYS C 243 -6.21 -12.25 -15.15
N ALA C 244 -6.47 -10.97 -15.24
CA ALA C 244 -7.14 -10.29 -14.16
C ALA C 244 -8.60 -10.70 -14.11
N LEU C 245 -9.23 -10.76 -15.27
CA LEU C 245 -10.65 -11.04 -15.36
C LEU C 245 -11.01 -12.47 -15.01
N ASP C 246 -10.16 -13.45 -15.28
CA ASP C 246 -10.48 -14.81 -14.88
C ASP C 246 -10.54 -14.96 -13.35
N ALA C 247 -9.76 -14.17 -12.64
CA ALA C 247 -9.79 -14.19 -11.19
C ALA C 247 -11.09 -13.60 -10.62
N GLY C 248 -11.84 -12.89 -11.45
CA GLY C 248 -13.04 -12.21 -10.99
C GLY C 248 -14.29 -13.00 -11.37
N HIS C 249 -14.05 -14.11 -12.07
CA HIS C 249 -15.08 -15.00 -12.60
C HIS C 249 -15.54 -15.98 -11.51
N ASN C 250 -16.65 -16.66 -11.77
CA ASN C 250 -17.15 -17.65 -10.87
C ASN C 250 -17.37 -17.14 -9.47
N VAL C 251 -17.79 -15.90 -9.33
CA VAL C 251 -18.22 -15.43 -8.04
C VAL C 251 -19.74 -15.52 -7.96
N GLU C 252 -20.22 -16.37 -7.06
CA GLU C 252 -21.65 -16.58 -6.88
C GLU C 252 -22.42 -15.26 -6.65
N ASN C 253 -23.46 -15.04 -7.44
CA ASN C 253 -24.35 -13.88 -7.28
C ASN C 253 -23.82 -12.60 -7.92
N SER C 254 -22.68 -12.67 -8.60
CA SER C 254 -22.05 -11.47 -9.15
C SER C 254 -22.55 -11.17 -10.55
N THR C 255 -22.79 -9.90 -10.87
CA THR C 255 -23.43 -9.57 -12.14
C THR C 255 -22.46 -8.95 -13.11
N ILE C 256 -21.18 -9.18 -12.86
CA ILE C 256 -20.14 -8.48 -13.59
C ILE C 256 -19.74 -9.28 -14.81
N VAL C 257 -19.58 -8.58 -15.94
CA VAL C 257 -19.14 -9.23 -17.17
C VAL C 257 -17.63 -9.49 -17.11
N THR C 258 -17.24 -10.74 -17.26
CA THR C 258 -15.84 -11.09 -17.20
C THR C 258 -15.28 -11.45 -18.56
N THR C 259 -16.11 -11.44 -19.59
CA THR C 259 -15.61 -11.63 -20.94
C THR C 259 -16.48 -10.92 -21.94
N MSE C 260 -15.86 -10.18 -22.84
CA MSE C 260 -16.53 -9.77 -24.05
C MSE C 260 -15.65 -10.18 -25.20
O MSE C 260 -14.45 -10.03 -25.13
CB MSE C 260 -16.75 -8.25 -24.08
CG MSE C 260 -17.54 -7.70 -22.92
SE MSE C 260 -18.20 -5.90 -23.30
CE MSE C 260 -16.56 -4.88 -22.92
N CYS C 261 -16.24 -10.72 -26.26
CA CYS C 261 -15.44 -11.10 -27.40
C CYS C 261 -16.34 -11.32 -28.58
N ARG C 262 -15.77 -11.45 -29.75
CA ARG C 262 -16.54 -11.69 -30.94
C ARG C 262 -15.76 -12.50 -31.92
N ASN C 263 -16.44 -13.11 -32.87
CA ASN C 263 -15.77 -13.99 -33.82
C ASN C 263 -16.15 -13.73 -35.28
N GLY C 264 -16.56 -12.49 -35.53
CA GLY C 264 -16.92 -12.11 -36.90
C GLY C 264 -18.39 -12.24 -37.19
N VAL C 265 -19.01 -13.26 -36.61
CA VAL C 265 -20.44 -13.45 -36.76
C VAL C 265 -21.16 -13.06 -35.48
N GLU C 266 -20.72 -13.64 -34.37
CA GLU C 266 -21.42 -13.44 -33.13
C GLU C 266 -20.55 -12.74 -32.09
N PHE C 267 -21.21 -11.95 -31.25
CA PHE C 267 -20.56 -11.33 -30.08
C PHE C 267 -20.91 -12.26 -28.93
N GLY C 268 -20.01 -12.47 -27.99
CA GLY C 268 -20.34 -13.25 -26.81
C GLY C 268 -19.79 -12.69 -25.50
N ILE C 269 -20.54 -12.88 -24.42
CA ILE C 269 -20.08 -12.46 -23.10
C ILE C 269 -20.24 -13.58 -22.11
N ARG C 270 -19.46 -13.51 -21.02
CA ARG C 270 -19.63 -14.40 -19.88
C ARG C 270 -19.73 -13.55 -18.64
N VAL C 271 -20.49 -14.04 -17.65
CA VAL C 271 -20.81 -13.27 -16.47
C VAL C 271 -20.35 -14.02 -15.20
N SER C 272 -19.61 -13.34 -14.33
CA SER C 272 -19.05 -13.99 -13.16
C SER C 272 -20.09 -14.83 -12.37
N GLY C 273 -21.22 -14.25 -12.05
CA GLY C 273 -22.26 -15.03 -11.37
C GLY C 273 -22.83 -16.22 -12.16
N ILE C 274 -22.64 -16.23 -13.47
CA ILE C 274 -23.14 -17.36 -14.20
C ILE C 274 -22.07 -18.43 -14.37
N GLY C 275 -20.80 -18.05 -14.50
CA GLY C 275 -19.72 -19.01 -14.33
C GLY C 275 -19.32 -19.83 -15.54
N GLY C 276 -18.30 -20.68 -15.34
CA GLY C 276 -17.76 -21.57 -16.36
C GLY C 276 -17.74 -21.03 -17.78
N ASN C 277 -18.14 -21.86 -18.72
CA ASN C 277 -18.21 -21.41 -20.09
C ASN C 277 -19.63 -21.17 -20.59
N HIS C 278 -20.46 -20.52 -19.78
CA HIS C 278 -21.82 -20.25 -20.24
C HIS C 278 -21.87 -18.95 -21.02
N TRP C 279 -21.88 -19.06 -22.34
CA TRP C 279 -21.85 -17.90 -23.20
C TRP C 279 -23.24 -17.29 -23.41
N PHE C 280 -23.29 -15.97 -23.48
CA PHE C 280 -24.49 -15.28 -23.96
C PHE C 280 -24.11 -14.63 -25.29
N THR C 281 -24.94 -14.79 -26.32
CA THR C 281 -24.48 -14.43 -27.65
C THR C 281 -25.49 -13.64 -28.47
N GLY C 282 -25.00 -12.85 -29.43
CA GLY C 282 -25.82 -12.07 -30.35
C GLY C 282 -25.02 -11.60 -31.56
N PRO C 283 -25.66 -10.86 -32.46
CA PRO C 283 -24.92 -10.50 -33.67
C PRO C 283 -23.70 -9.61 -33.39
N ALA C 284 -22.60 -9.89 -34.07
CA ALA C 284 -21.48 -8.95 -34.05
C ALA C 284 -21.92 -7.69 -34.78
N GLN C 285 -21.47 -6.54 -34.30
CA GLN C 285 -21.92 -5.26 -34.87
C GLN C 285 -21.01 -4.75 -35.97
N ARG C 286 -21.44 -3.73 -36.70
CA ARG C 286 -20.51 -3.06 -37.61
C ARG C 286 -19.59 -2.12 -36.78
N VAL C 287 -18.41 -1.80 -37.32
CA VAL C 287 -17.56 -0.79 -36.71
C VAL C 287 -17.59 0.47 -37.58
N ILE C 288 -18.08 1.58 -37.04
CA ILE C 288 -18.10 2.86 -37.76
C ILE C 288 -16.93 3.76 -37.36
N GLY C 289 -16.12 4.14 -38.34
CA GLY C 289 -14.94 4.97 -38.10
C GLY C 289 -14.35 5.60 -39.36
N PRO C 290 -13.17 6.22 -39.24
CA PRO C 290 -12.59 6.72 -40.47
C PRO C 290 -11.91 5.59 -41.26
N MSE C 291 -12.14 5.58 -42.57
CA MSE C 291 -11.64 4.53 -43.46
C MSE C 291 -10.26 4.83 -44.05
O MSE C 291 -9.97 5.96 -44.41
CB MSE C 291 -12.64 4.31 -44.62
CG MSE C 291 -14.02 3.80 -44.22
SE MSE C 291 -13.99 2.25 -42.98
CE MSE C 291 -13.41 0.81 -44.19
N PHE C 292 -9.41 3.81 -44.17
CA PHE C 292 -8.19 3.97 -44.96
C PHE C 292 -8.51 4.33 -46.41
N ALA C 293 -7.50 4.84 -47.12
CA ALA C 293 -7.67 5.30 -48.50
C ALA C 293 -8.14 4.19 -49.43
N GLY C 294 -9.14 4.48 -50.25
CA GLY C 294 -9.61 3.52 -51.24
C GLY C 294 -10.61 2.52 -50.70
N TYR C 295 -10.91 2.58 -49.41
CA TYR C 295 -11.83 1.63 -48.76
C TYR C 295 -13.10 2.27 -48.27
N THR C 296 -14.19 1.52 -48.36
CA THR C 296 -15.48 1.99 -47.91
C THR C 296 -16.07 1.09 -46.79
N GLN C 297 -16.92 1.68 -45.96
CA GLN C 297 -17.57 0.98 -44.86
C GLN C 297 -18.24 -0.28 -45.36
N GLU C 298 -18.61 -0.26 -46.63
CA GLU C 298 -19.29 -1.39 -47.24
C GLU C 298 -18.33 -2.56 -47.53
N ASP C 299 -17.03 -2.33 -47.36
CA ASP C 299 -16.03 -3.39 -47.59
C ASP C 299 -15.66 -4.09 -46.26
N ALA C 300 -16.29 -3.70 -45.17
CA ALA C 300 -15.88 -4.19 -43.87
C ALA C 300 -16.61 -5.43 -43.44
N GLY C 301 -15.95 -6.28 -42.66
CA GLY C 301 -16.60 -7.40 -42.02
C GLY C 301 -17.13 -6.93 -40.66
N LEU C 302 -17.89 -7.78 -39.99
CA LEU C 302 -18.35 -7.41 -38.68
C LEU C 302 -17.27 -7.61 -37.63
N ASP C 303 -17.56 -7.06 -36.47
CA ASP C 303 -16.62 -7.09 -35.36
C ASP C 303 -16.06 -8.49 -35.11
N MSE C 304 -14.73 -8.58 -34.95
CA MSE C 304 -14.06 -9.88 -34.68
C MSE C 304 -12.86 -9.79 -33.73
O MSE C 304 -12.06 -8.87 -33.82
CB MSE C 304 -13.58 -10.45 -35.99
CG MSE C 304 -12.94 -11.79 -35.87
SE MSE C 304 -12.42 -12.43 -37.62
CE MSE C 304 -11.00 -11.15 -38.08
N GLY C 305 -12.71 -10.75 -32.82
CA GLY C 305 -11.53 -10.77 -31.98
C GLY C 305 -11.75 -10.80 -30.47
N ASP C 306 -10.72 -11.22 -29.75
CA ASP C 306 -10.80 -11.19 -28.30
C ASP C 306 -10.34 -9.86 -27.67
N SER C 307 -10.06 -8.84 -28.48
CA SER C 307 -9.37 -7.64 -27.94
C SER C 307 -10.25 -6.87 -26.99
N ALA C 308 -11.54 -7.10 -27.11
CA ALA C 308 -12.47 -6.41 -26.29
C ALA C 308 -12.33 -6.82 -24.82
N ILE C 309 -11.56 -7.86 -24.55
CA ILE C 309 -11.27 -8.25 -23.14
C ILE C 309 -10.64 -7.04 -22.47
N THR C 310 -10.06 -6.25 -23.34
CA THR C 310 -9.45 -5.01 -23.00
C THR C 310 -10.39 -3.99 -22.30
N GLU C 311 -11.52 -3.65 -22.91
CA GLU C 311 -12.41 -2.72 -22.24
C GLU C 311 -13.16 -3.40 -21.10
N THR C 312 -13.27 -4.72 -21.17
CA THR C 312 -13.85 -5.46 -20.08
C THR C 312 -13.00 -5.22 -18.84
N TYR C 313 -11.70 -5.04 -19.03
CA TYR C 313 -10.80 -4.82 -17.91
C TYR C 313 -10.91 -3.38 -17.47
N GLY C 314 -11.12 -2.46 -18.41
CA GLY C 314 -11.31 -1.03 -18.06
C GLY C 314 -10.41 -0.08 -18.82
N VAL C 315 -9.92 -0.57 -19.95
CA VAL C 315 -8.84 0.08 -20.65
C VAL C 315 -9.30 0.10 -22.07
N GLY C 316 -8.43 0.23 -23.07
CA GLY C 316 -8.99 0.30 -24.43
C GLY C 316 -9.97 1.45 -24.49
N GLY C 317 -11.12 1.23 -25.13
CA GLY C 317 -12.15 2.26 -25.25
C GLY C 317 -12.58 2.89 -23.94
N PHE C 318 -12.42 2.20 -22.82
CA PHE C 318 -12.83 2.77 -21.53
C PHE C 318 -11.81 3.81 -21.06
N ALA C 319 -10.66 3.82 -21.72
CA ALA C 319 -9.59 4.73 -21.36
C ALA C 319 -9.26 5.63 -22.55
N MSE C 320 -10.16 5.74 -23.51
CA MSE C 320 -9.92 6.68 -24.62
C MSE C 320 -9.37 8.04 -24.18
O MSE C 320 -8.73 8.71 -24.95
CB MSE C 320 -11.19 6.94 -25.42
CG MSE C 320 -11.43 6.03 -26.58
SE MSE C 320 -12.73 6.98 -27.70
CE MSE C 320 -14.25 7.20 -26.49
N ALA C 321 -9.62 8.47 -22.94
CA ALA C 321 -9.14 9.78 -22.52
C ALA C 321 -7.63 9.82 -22.29
N ALA C 322 -6.98 8.68 -22.14
CA ALA C 322 -5.54 8.66 -21.87
C ALA C 322 -4.81 8.80 -23.19
N ALA C 323 -5.55 8.62 -24.28
CA ALA C 323 -4.90 8.60 -25.60
C ALA C 323 -5.52 9.54 -26.63
N PRO C 324 -5.48 10.84 -26.39
CA PRO C 324 -6.11 11.76 -27.35
C PRO C 324 -5.45 11.61 -28.71
N ALA C 325 -4.26 11.02 -28.71
CA ALA C 325 -3.52 10.77 -29.94
C ALA C 325 -4.31 9.97 -31.02
N ILE C 326 -5.22 9.08 -30.60
CA ILE C 326 -5.95 8.24 -31.55
C ILE C 326 -7.22 8.79 -32.18
N VAL C 327 -7.57 10.04 -31.89
CA VAL C 327 -8.81 10.57 -32.36
C VAL C 327 -8.87 10.54 -33.88
N PRO C 328 -7.82 11.02 -34.55
CA PRO C 328 -8.01 11.08 -36.00
C PRO C 328 -8.11 9.70 -36.65
N LEU C 329 -7.70 8.67 -35.93
CA LEU C 329 -7.72 7.30 -36.41
C LEU C 329 -9.02 6.57 -36.04
N VAL C 330 -9.62 6.96 -34.92
CA VAL C 330 -10.79 6.30 -34.36
C VAL C 330 -12.09 7.11 -34.53
N GLY C 331 -11.97 8.41 -34.78
CA GLY C 331 -13.15 9.27 -35.01
C GLY C 331 -13.59 9.98 -33.77
N GLY C 332 -14.38 11.02 -33.94
CA GLY C 332 -14.89 11.79 -32.81
C GLY C 332 -14.07 13.02 -32.50
N THR C 333 -14.35 13.61 -31.35
CA THR C 333 -13.58 14.72 -30.82
C THR C 333 -12.76 14.20 -29.65
N VAL C 334 -11.79 14.99 -29.20
CA VAL C 334 -11.17 14.70 -27.93
C VAL C 334 -12.23 14.94 -26.84
N ALA C 335 -13.10 15.91 -27.04
CA ALA C 335 -14.17 16.14 -26.09
C ALA C 335 -14.96 14.86 -25.87
N GLU C 336 -15.33 14.18 -26.96
CA GLU C 336 -15.98 12.87 -26.85
C GLU C 336 -15.06 11.80 -26.27
N ALA C 337 -13.77 11.86 -26.60
CA ALA C 337 -12.83 10.86 -26.08
C ALA C 337 -12.73 10.97 -24.57
N LEU C 338 -12.76 12.20 -24.05
CA LEU C 338 -12.72 12.42 -22.61
C LEU C 338 -14.04 11.99 -21.98
N ASN C 339 -15.14 12.41 -22.58
CA ASN C 339 -16.46 12.03 -22.10
C ASN C 339 -16.63 10.54 -21.90
N TYR C 340 -16.16 9.74 -22.86
CA TYR C 340 -16.46 8.32 -22.86
C TYR C 340 -15.84 7.65 -21.64
N SER C 341 -14.62 8.01 -21.30
CA SER C 341 -14.06 7.48 -20.07
C SER C 341 -14.91 7.80 -18.86
N LYS C 342 -15.35 9.05 -18.74
CA LYS C 342 -16.13 9.44 -17.57
C LYS C 342 -17.47 8.73 -17.51
N GLU C 343 -18.08 8.45 -18.64
CA GLU C 343 -19.36 7.84 -18.51
C GLU C 343 -19.33 6.32 -18.38
N MSE C 344 -18.24 5.68 -18.73
CA MSE C 344 -18.20 4.29 -18.50
C MSE C 344 -18.25 4.05 -17.00
O MSE C 344 -18.37 2.92 -16.60
CB MSE C 344 -16.95 3.66 -19.15
CG MSE C 344 -17.05 3.42 -20.62
SE MSE C 344 -18.80 2.72 -21.29
CE MSE C 344 -19.62 4.39 -21.90
N LEU C 345 -18.17 5.09 -16.18
CA LEU C 345 -18.30 4.88 -14.72
C LEU C 345 -19.74 4.57 -14.32
N GLU C 346 -20.69 5.02 -15.12
CA GLU C 346 -22.07 4.78 -14.76
C GLU C 346 -22.41 3.30 -14.88
N ILE C 347 -21.67 2.54 -15.67
CA ILE C 347 -22.00 1.12 -15.85
C ILE C 347 -20.94 0.17 -15.26
N THR C 348 -19.98 0.69 -14.50
CA THR C 348 -18.94 -0.17 -13.94
C THR C 348 -19.06 -0.18 -12.43
N THR C 349 -18.17 -0.85 -11.73
CA THR C 349 -18.36 -1.05 -10.30
C THR C 349 -17.53 -0.07 -9.48
N LYS C 350 -16.26 0.07 -9.85
CA LYS C 350 -15.42 1.08 -9.23
C LYS C 350 -14.18 1.39 -10.05
N GLU C 351 -13.40 2.32 -9.52
CA GLU C 351 -12.18 2.77 -10.14
C GLU C 351 -11.06 1.86 -9.68
N ASN C 352 -10.21 1.47 -10.60
CA ASN C 352 -9.01 0.73 -10.23
C ASN C 352 -7.89 1.73 -9.85
N PRO C 353 -7.57 1.80 -8.53
CA PRO C 353 -6.67 2.89 -8.12
C PRO C 353 -5.23 2.64 -8.64
N ASN C 354 -4.94 1.44 -9.13
CA ASN C 354 -3.58 1.12 -9.59
C ASN C 354 -3.32 1.55 -11.01
N VAL C 355 -4.36 1.87 -11.76
CA VAL C 355 -4.17 2.31 -13.13
C VAL C 355 -4.98 3.55 -13.34
N THR C 356 -4.32 4.65 -13.65
CA THR C 356 -5.01 5.92 -13.62
C THR C 356 -4.86 6.69 -14.91
N ILE C 357 -5.77 7.64 -15.12
CA ILE C 357 -5.74 8.52 -16.28
C ILE C 357 -5.49 9.94 -15.83
N PRO C 358 -4.33 10.49 -16.19
CA PRO C 358 -3.94 11.75 -15.63
C PRO C 358 -4.75 12.92 -16.14
N VAL C 359 -5.27 12.85 -17.36
CA VAL C 359 -5.96 14.03 -17.85
C VAL C 359 -7.23 14.21 -17.06
N LEU C 360 -7.76 13.12 -16.52
CA LEU C 360 -8.92 13.18 -15.65
C LEU C 360 -8.54 13.23 -14.18
N ASP C 361 -7.45 13.91 -13.84
CA ASP C 361 -7.02 14.06 -12.44
C ASP C 361 -6.70 12.71 -11.78
N PHE C 362 -6.35 11.74 -12.62
CA PHE C 362 -5.84 10.45 -12.14
C PHE C 362 -6.90 9.56 -11.56
N MSE C 363 -8.12 9.73 -12.03
CA MSE C 363 -9.17 8.77 -11.70
C MSE C 363 -8.71 7.41 -12.24
O MSE C 363 -7.99 7.31 -13.25
CB MSE C 363 -10.52 9.18 -12.29
CG MSE C 363 -10.69 8.88 -13.75
SE MSE C 363 -12.58 8.63 -14.24
CE MSE C 363 -12.44 7.05 -15.44
N GLY C 364 -9.07 6.36 -11.54
CA GLY C 364 -8.65 5.06 -11.97
C GLY C 364 -9.65 4.54 -12.98
N ILE C 365 -9.20 3.65 -13.84
CA ILE C 365 -10.04 3.16 -14.91
C ILE C 365 -11.32 2.46 -14.41
N PRO C 366 -12.43 2.66 -15.12
CA PRO C 366 -13.69 2.13 -14.69
C PRO C 366 -13.71 0.61 -14.88
N THR C 367 -13.87 -0.12 -13.77
CA THR C 367 -13.78 -1.55 -13.75
C THR C 367 -15.05 -2.28 -13.31
N GLY C 368 -15.23 -3.45 -13.92
CA GLY C 368 -16.35 -4.32 -13.59
C GLY C 368 -17.64 -3.84 -14.22
N ILE C 369 -17.77 -4.08 -15.52
CA ILE C 369 -19.03 -3.76 -16.19
C ILE C 369 -20.16 -4.57 -15.56
N ASP C 370 -21.18 -3.90 -15.05
CA ASP C 370 -22.28 -4.55 -14.33
C ASP C 370 -23.55 -4.64 -15.21
N VAL C 371 -23.99 -5.87 -15.48
CA VAL C 371 -25.23 -6.09 -16.24
C VAL C 371 -26.39 -5.21 -15.75
N LEU C 372 -26.82 -5.35 -14.50
CA LEU C 372 -27.86 -4.46 -13.92
C LEU C 372 -27.72 -2.98 -14.35
N LYS C 373 -26.53 -2.41 -14.21
CA LYS C 373 -26.28 -1.04 -14.61
C LYS C 373 -26.38 -0.78 -16.13
N VAL C 374 -25.89 -1.69 -16.97
CA VAL C 374 -26.05 -1.55 -18.41
C VAL C 374 -27.53 -1.49 -18.81
N LEU C 375 -28.34 -2.33 -18.21
CA LEU C 375 -29.79 -2.32 -18.43
C LEU C 375 -30.52 -1.07 -17.92
N GLU C 376 -30.27 -0.64 -16.69
CA GLU C 376 -31.09 0.43 -16.14
C GLU C 376 -30.63 1.78 -16.69
N THR C 377 -29.56 1.74 -17.46
CA THR C 377 -28.92 2.96 -17.84
C THR C 377 -29.11 3.21 -19.33
N GLY C 378 -29.16 2.12 -20.09
CA GLY C 378 -29.30 2.22 -21.52
C GLY C 378 -27.97 2.28 -22.23
N MSE C 379 -26.92 2.60 -21.48
CA MSE C 379 -25.57 2.73 -22.01
C MSE C 379 -24.91 1.40 -22.29
O MSE C 379 -24.61 0.67 -21.34
CB MSE C 379 -24.68 3.44 -20.99
CG MSE C 379 -24.82 4.95 -20.80
SE MSE C 379 -23.18 5.47 -19.81
CE MSE C 379 -22.02 4.07 -20.49
N LEU C 380 -24.66 1.07 -23.54
CA LEU C 380 -23.80 -0.07 -23.81
C LEU C 380 -22.33 0.35 -23.70
N PRO C 381 -21.46 -0.61 -23.39
CA PRO C 381 -20.01 -0.42 -23.42
C PRO C 381 -19.48 0.12 -24.77
N VAL C 382 -18.54 1.04 -24.70
CA VAL C 382 -17.99 1.56 -25.92
C VAL C 382 -16.69 0.79 -26.22
N ILE C 383 -16.61 0.19 -27.40
CA ILE C 383 -15.43 -0.57 -27.78
C ILE C 383 -14.75 0.15 -28.94
N ASN C 384 -13.47 0.47 -28.82
CA ASN C 384 -12.73 1.05 -29.97
C ASN C 384 -11.95 -0.08 -30.55
N THR C 385 -11.98 -0.22 -31.87
CA THR C 385 -11.35 -1.40 -32.44
C THR C 385 -10.90 -1.19 -33.86
N ALA C 386 -10.02 -2.06 -34.32
CA ALA C 386 -9.60 -2.06 -35.72
C ALA C 386 -10.74 -2.54 -36.60
N ILE C 387 -10.71 -2.16 -37.86
CA ILE C 387 -11.71 -2.70 -38.73
C ILE C 387 -11.09 -3.34 -39.95
N ALA C 388 -11.61 -4.52 -40.25
CA ALA C 388 -11.01 -5.41 -41.22
C ALA C 388 -11.91 -5.61 -42.41
N HIS C 389 -11.28 -5.87 -43.54
CA HIS C 389 -11.96 -6.14 -44.77
C HIS C 389 -12.75 -7.43 -44.59
N LYS C 390 -13.91 -7.54 -45.24
CA LYS C 390 -14.69 -8.77 -45.12
C LYS C 390 -14.00 -9.93 -45.82
N GLU C 391 -13.21 -9.61 -46.85
CA GLU C 391 -12.47 -10.62 -47.60
C GLU C 391 -11.18 -11.02 -46.88
N PRO C 392 -10.82 -12.31 -46.96
CA PRO C 392 -9.75 -12.90 -46.16
C PRO C 392 -8.36 -12.35 -46.49
N GLY C 393 -7.65 -11.86 -45.48
CA GLY C 393 -6.25 -11.47 -45.69
C GLY C 393 -5.99 -10.01 -46.08
N ILE C 394 -6.93 -9.38 -46.78
CA ILE C 394 -6.80 -7.96 -47.08
C ILE C 394 -6.47 -7.09 -45.83
N GLY C 395 -6.85 -7.55 -44.65
CA GLY C 395 -6.39 -6.93 -43.42
C GLY C 395 -7.05 -5.62 -43.01
N MSE C 396 -6.37 -4.85 -42.16
CA MSE C 396 -6.91 -3.62 -41.58
C MSE C 396 -7.22 -2.61 -42.65
O MSE C 396 -6.36 -2.31 -43.46
CB MSE C 396 -5.89 -2.98 -40.63
CG MSE C 396 -6.45 -1.81 -39.79
SE MSE C 396 -5.25 -1.31 -38.31
CE MSE C 396 -6.47 -0.24 -37.18
N ILE C 397 -8.44 -2.07 -42.65
CA ILE C 397 -8.82 -1.08 -43.67
C ILE C 397 -9.44 0.16 -43.05
N GLY C 398 -9.30 0.27 -41.74
CA GLY C 398 -9.83 1.40 -40.98
C GLY C 398 -9.80 1.13 -39.48
N ALA C 399 -10.56 1.94 -38.74
CA ALA C 399 -10.70 1.74 -37.30
C ALA C 399 -11.90 2.56 -36.83
N GLY C 400 -12.46 2.22 -35.65
CA GLY C 400 -13.66 2.92 -35.15
C GLY C 400 -14.31 2.41 -33.87
N LEU C 401 -15.57 2.79 -33.67
CA LEU C 401 -16.31 2.50 -32.44
C LEU C 401 -17.49 1.54 -32.66
N THR C 402 -17.76 0.72 -31.67
CA THR C 402 -18.84 -0.24 -31.79
C THR C 402 -19.25 -0.59 -30.38
N ASN C 403 -20.27 -1.43 -30.25
CA ASN C 403 -20.71 -1.94 -28.96
C ASN C 403 -21.17 -3.36 -29.12
N PRO C 404 -21.34 -4.04 -27.99
CA PRO C 404 -21.97 -5.34 -27.98
C PRO C 404 -23.43 -5.11 -28.31
N PRO C 405 -24.12 -6.15 -28.80
CA PRO C 405 -25.54 -5.99 -29.12
C PRO C 405 -26.37 -6.10 -27.83
N ALA C 406 -27.48 -5.39 -27.75
CA ALA C 406 -28.21 -5.36 -26.49
C ALA C 406 -28.75 -6.72 -25.97
N ASN C 407 -29.25 -7.58 -26.87
CA ASN C 407 -29.96 -8.82 -26.46
C ASN C 407 -29.18 -9.58 -25.38
N VAL C 408 -27.88 -9.37 -25.37
CA VAL C 408 -27.02 -10.28 -24.71
C VAL C 408 -26.99 -9.94 -23.22
N PHE C 409 -27.27 -8.68 -22.90
CA PHE C 409 -27.41 -8.29 -21.52
C PHE C 409 -28.80 -8.71 -21.02
N ASN C 410 -29.78 -8.72 -21.92
CA ASN C 410 -31.09 -9.18 -21.53
C ASN C 410 -31.04 -10.66 -21.18
N GLU C 411 -30.36 -11.45 -21.97
CA GLU C 411 -30.37 -12.88 -21.70
C GLU C 411 -29.66 -13.14 -20.39
N ALA C 412 -28.54 -12.44 -20.19
CA ALA C 412 -27.78 -12.56 -18.96
C ALA C 412 -28.61 -12.15 -17.74
N LEU C 413 -29.47 -11.15 -17.87
CA LEU C 413 -30.32 -10.81 -16.75
C LEU C 413 -31.35 -11.91 -16.44
N LYS C 414 -32.10 -12.36 -17.42
CA LYS C 414 -32.90 -13.56 -17.22
C LYS C 414 -32.14 -14.73 -16.56
N ALA C 415 -30.89 -14.98 -16.93
CA ALA C 415 -30.25 -16.17 -16.39
C ALA C 415 -29.91 -15.95 -14.91
N LEU C 416 -29.53 -14.71 -14.61
CA LEU C 416 -29.09 -14.32 -13.31
C LEU C 416 -30.21 -14.30 -12.35
N VAL C 417 -31.31 -13.66 -12.70
CA VAL C 417 -32.35 -13.56 -11.72
C VAL C 417 -33.12 -14.86 -11.67
N ALA C 418 -33.01 -15.68 -12.72
CA ALA C 418 -33.74 -16.97 -12.67
C ALA C 418 -33.08 -17.84 -11.63
N THR C 419 -31.93 -17.38 -11.15
CA THR C 419 -31.07 -18.24 -10.40
C THR C 419 -30.50 -17.72 -9.08
N ILE C 420 -30.70 -16.44 -8.75
CA ILE C 420 -30.16 -15.94 -7.49
C ILE C 420 -31.03 -16.40 -6.35
N ASN C 421 -30.37 -16.99 -5.36
CA ASN C 421 -30.93 -17.84 -4.28
C ASN C 421 -30.48 -19.34 -4.32
N ALA D 3 9.18 50.74 -49.95
CA ALA D 3 9.65 51.47 -48.75
C ALA D 3 8.99 50.92 -47.49
N PRO D 4 9.64 49.93 -46.85
CA PRO D 4 9.01 49.16 -45.76
C PRO D 4 9.21 49.80 -44.39
N THR D 5 8.17 49.79 -43.56
CA THR D 5 8.25 50.41 -42.23
C THR D 5 9.08 49.56 -41.32
N LEU D 6 9.59 50.14 -40.26
CA LEU D 6 10.31 49.36 -39.29
C LEU D 6 9.49 48.14 -38.83
N TYR D 7 8.22 48.34 -38.49
CA TYR D 7 7.43 47.24 -37.98
C TYR D 7 7.40 46.13 -39.02
N GLU D 8 7.23 46.51 -40.29
CA GLU D 8 7.15 45.53 -41.37
C GLU D 8 8.44 44.78 -41.55
N LYS D 9 9.55 45.47 -41.35
CA LYS D 9 10.84 44.83 -41.39
C LYS D 9 10.97 43.72 -40.36
N ILE D 10 10.60 44.02 -39.12
CA ILE D 10 10.61 43.00 -38.09
C ILE D 10 9.63 41.84 -38.36
N GLN D 11 8.41 42.15 -38.80
CA GLN D 11 7.50 41.07 -39.16
C GLN D 11 8.13 40.17 -40.23
N GLN D 12 8.73 40.77 -41.25
CA GLN D 12 9.37 39.97 -42.30
C GLN D 12 10.58 39.18 -41.80
N ALA D 13 11.29 39.74 -40.84
CA ALA D 13 12.45 39.09 -40.24
C ALA D 13 12.04 37.90 -39.37
N ASN D 14 10.97 38.08 -38.61
CA ASN D 14 10.50 37.04 -37.72
C ASN D 14 9.92 35.86 -38.49
N GLU D 15 9.33 36.10 -39.64
CA GLU D 15 8.87 35.01 -40.49
C GLU D 15 10.06 34.16 -40.98
N GLU D 16 11.14 34.83 -41.37
CA GLU D 16 12.32 34.15 -41.83
C GLU D 16 12.98 33.32 -40.71
N ALA D 17 13.20 33.94 -39.56
CA ALA D 17 13.82 33.26 -38.43
C ALA D 17 12.99 32.07 -37.94
N VAL D 18 11.69 32.28 -37.81
CA VAL D 18 10.81 31.26 -37.25
C VAL D 18 10.66 30.13 -38.28
N THR D 19 10.71 30.48 -39.54
CA THR D 19 10.61 29.47 -40.58
C THR D 19 11.81 28.57 -40.55
N ARG D 20 12.96 29.15 -40.28
CA ARG D 20 14.17 28.39 -40.13
C ARG D 20 14.04 27.47 -38.95
N ILE D 21 13.54 27.98 -37.83
CA ILE D 21 13.39 27.12 -36.65
C ILE D 21 12.49 25.94 -36.98
N ILE D 22 11.35 26.22 -37.64
CA ILE D 22 10.29 25.23 -37.89
C ILE D 22 10.84 24.17 -38.81
N GLN D 23 11.60 24.60 -39.83
CA GLN D 23 12.04 23.69 -40.89
C GLN D 23 13.34 22.92 -40.61
N SER D 24 13.99 23.28 -39.51
CA SER D 24 15.09 22.48 -38.97
C SER D 24 14.75 21.01 -38.67
N LYS D 25 15.51 20.11 -39.26
CA LYS D 25 15.51 18.71 -38.87
C LYS D 25 16.88 18.29 -38.31
N PRO D 26 17.05 18.35 -36.99
CA PRO D 26 18.25 17.88 -36.27
C PRO D 26 18.40 16.35 -36.38
N ILE D 27 19.60 15.88 -36.66
CA ILE D 27 19.81 14.47 -36.90
C ILE D 27 20.92 14.02 -35.96
N LEU D 28 20.62 13.06 -35.10
CA LEU D 28 21.69 12.49 -34.30
C LEU D 28 22.56 11.66 -35.23
N VAL D 29 23.80 12.09 -35.43
CA VAL D 29 24.73 11.44 -36.37
C VAL D 29 25.87 10.68 -35.69
N GLY D 30 26.21 11.07 -34.45
CA GLY D 30 27.27 10.37 -33.73
C GLY D 30 27.51 10.82 -32.31
N PHE D 31 28.49 10.19 -31.68
CA PHE D 31 28.99 10.60 -30.39
C PHE D 31 30.50 10.56 -30.48
N ASP D 32 31.16 11.39 -29.68
CA ASP D 32 32.62 11.45 -29.64
C ASP D 32 33.06 12.35 -28.49
N LYS D 33 34.32 12.19 -28.07
CA LYS D 33 34.89 13.07 -27.06
C LYS D 33 34.73 14.52 -27.52
N ALA D 34 34.35 15.39 -26.60
CA ALA D 34 34.14 16.80 -26.94
C ALA D 34 35.33 17.38 -27.71
N ILE D 35 36.53 17.12 -27.23
CA ILE D 35 37.69 17.73 -27.84
C ILE D 35 37.91 17.27 -29.27
N ASN D 36 37.18 16.26 -29.71
CA ASN D 36 37.42 15.76 -31.06
C ASN D 36 36.59 16.44 -32.14
N VAL D 37 35.51 17.10 -31.75
CA VAL D 37 34.56 17.46 -32.77
C VAL D 37 33.96 18.87 -32.54
N MSE D 38 34.21 19.42 -31.35
CA MSE D 38 33.67 20.74 -30.96
C MSE D 38 34.55 21.94 -31.34
O MSE D 38 35.78 21.86 -31.25
CB MSE D 38 33.42 20.77 -29.45
CG MSE D 38 32.44 19.72 -29.01
SE MSE D 38 31.44 20.21 -27.40
CE MSE D 38 31.49 22.15 -27.58
N PRO D 39 33.92 23.05 -31.73
CA PRO D 39 34.62 24.26 -32.17
C PRO D 39 35.33 24.94 -31.01
N ASP D 40 36.61 25.25 -31.19
CA ASP D 40 37.39 26.05 -30.23
C ASP D 40 37.64 25.33 -28.91
N MSE D 41 37.97 24.04 -28.99
CA MSE D 41 38.17 23.25 -27.78
C MSE D 41 39.65 23.00 -27.45
O MSE D 41 40.37 22.41 -28.25
CB MSE D 41 37.46 21.92 -27.95
CG MSE D 41 37.14 21.22 -26.63
SE MSE D 41 35.68 22.09 -25.70
CE MSE D 41 35.47 20.83 -24.21
N THR D 42 40.09 23.43 -26.27
CA THR D 42 41.48 23.16 -25.86
C THR D 42 41.53 22.16 -24.71
N GLU D 43 42.73 21.66 -24.45
CA GLU D 43 42.97 20.68 -23.40
C GLU D 43 42.52 21.16 -22.03
N THR D 44 42.53 22.47 -21.83
CA THR D 44 42.25 23.03 -20.51
C THR D 44 41.02 23.91 -20.49
N THR D 45 40.03 23.55 -21.33
CA THR D 45 38.79 24.35 -21.46
C THR D 45 37.65 23.65 -20.77
N ILE D 46 36.81 24.38 -20.04
CA ILE D 46 35.65 23.69 -19.47
C ILE D 46 34.36 24.51 -19.59
N LEU D 47 33.30 23.88 -20.09
CA LEU D 47 32.08 24.56 -20.44
C LEU D 47 31.04 24.47 -19.32
N HIS D 48 30.32 25.55 -19.09
CA HIS D 48 29.27 25.54 -18.08
C HIS D 48 27.94 25.88 -18.76
N ALA D 49 26.84 25.69 -18.06
CA ALA D 49 25.55 26.14 -18.58
C ALA D 49 25.35 27.65 -18.33
N GLY D 50 24.49 28.29 -19.11
CA GLY D 50 24.11 29.66 -18.82
C GLY D 50 25.05 30.73 -19.34
N PRO D 51 24.78 31.99 -18.96
CA PRO D 51 25.55 33.08 -19.53
C PRO D 51 26.93 33.18 -18.86
N PRO D 52 27.86 33.93 -19.48
CA PRO D 52 29.25 33.99 -18.99
C PRO D 52 29.34 34.31 -17.50
N ILE D 53 30.26 33.65 -16.80
CA ILE D 53 30.63 34.06 -15.44
C ILE D 53 31.93 33.39 -14.99
N THR D 54 32.61 34.03 -14.05
CA THR D 54 33.88 33.50 -13.56
C THR D 54 33.70 32.55 -12.39
N TYR D 55 34.58 31.56 -12.33
CA TYR D 55 34.56 30.55 -11.29
C TYR D 55 34.17 31.07 -9.91
N GLU D 56 34.91 32.04 -9.38
CA GLU D 56 34.62 32.51 -8.02
C GLU D 56 33.23 33.13 -7.88
N ASN D 57 32.65 33.54 -9.00
CA ASN D 57 31.29 34.03 -9.05
C ASN D 57 30.31 32.96 -9.54
N MSE D 58 30.53 31.72 -9.11
CA MSE D 58 29.61 30.64 -9.44
C MSE D 58 28.97 30.16 -8.17
O MSE D 58 29.53 30.29 -7.09
CB MSE D 58 30.32 29.46 -10.12
CG MSE D 58 30.69 29.67 -11.59
SE MSE D 58 31.56 28.10 -12.41
CE MSE D 58 32.34 28.93 -14.00
N CYS D 59 27.79 29.57 -8.30
CA CYS D 59 27.08 29.05 -7.15
C CYS D 59 27.76 27.77 -6.66
N GLY D 60 27.40 27.37 -5.44
CA GLY D 60 27.92 26.14 -4.81
C GLY D 60 27.91 24.93 -5.72
N PRO D 61 26.71 24.52 -6.20
CA PRO D 61 26.62 23.32 -7.03
C PRO D 61 27.49 23.38 -8.28
N MSE D 62 27.46 24.49 -9.00
CA MSE D 62 28.26 24.57 -10.21
C MSE D 62 29.76 24.47 -9.92
O MSE D 62 30.49 23.75 -10.60
CB MSE D 62 27.94 25.83 -11.01
CG MSE D 62 28.70 25.90 -12.32
SE MSE D 62 28.17 27.38 -13.47
CE MSE D 62 26.37 26.77 -13.92
N LYS D 63 30.23 25.20 -8.92
CA LYS D 63 31.62 25.07 -8.52
C LYS D 63 31.96 23.59 -8.35
N GLY D 64 30.98 22.81 -7.87
CA GLY D 64 31.20 21.41 -7.57
C GLY D 64 31.57 20.66 -8.82
N ALA D 65 30.62 20.55 -9.75
CA ALA D 65 30.87 19.98 -11.05
C ALA D 65 32.28 20.31 -11.55
N VAL D 66 32.58 21.60 -11.61
CA VAL D 66 33.85 22.05 -12.16
C VAL D 66 35.02 21.39 -11.45
N GLN D 67 34.90 21.13 -10.15
CA GLN D 67 35.92 20.39 -9.43
C GLN D 67 35.96 18.93 -9.88
N GLY D 68 34.80 18.32 -9.99
CA GLY D 68 34.72 16.94 -10.43
C GLY D 68 35.39 16.80 -11.78
N ALA D 69 35.03 17.67 -12.71
CA ALA D 69 35.58 17.61 -14.05
C ALA D 69 37.11 17.68 -14.03
N LEU D 70 37.63 18.63 -13.26
CA LEU D 70 39.08 18.85 -13.21
C LEU D 70 39.79 17.61 -12.70
N VAL D 71 39.20 16.95 -11.71
CA VAL D 71 39.80 15.77 -11.14
C VAL D 71 39.54 14.63 -12.09
N PHE D 72 38.44 14.71 -12.83
CA PHE D 72 38.16 13.70 -13.84
C PHE D 72 39.11 13.86 -15.02
N GLU D 73 39.50 15.10 -15.30
CA GLU D 73 40.36 15.37 -16.45
C GLU D 73 41.80 14.90 -16.26
N GLY D 74 42.21 14.74 -15.00
CA GLY D 74 43.60 14.42 -14.68
C GLY D 74 44.35 15.70 -14.37
N LEU D 75 43.60 16.78 -14.25
CA LEU D 75 44.15 18.10 -13.99
C LEU D 75 44.00 18.47 -12.49
N ALA D 76 43.90 17.39 -11.68
CA ALA D 76 43.95 17.60 -10.21
C ALA D 76 44.03 16.22 -9.57
N LYS D 77 44.84 16.09 -8.52
CA LYS D 77 44.88 14.85 -7.77
C LYS D 77 43.52 14.65 -7.09
N ASP D 78 42.96 15.73 -6.55
CA ASP D 78 41.67 15.66 -5.85
C ASP D 78 40.89 16.99 -5.94
N LEU D 79 40.10 17.27 -4.87
CA LEU D 79 39.21 18.42 -4.88
C LEU D 79 39.83 19.75 -4.40
N ALA D 80 40.50 19.71 -3.24
CA ALA D 80 41.05 20.90 -2.59
C ALA D 80 42.01 21.77 -3.46
N ASP D 81 42.55 21.14 -4.50
CA ASP D 81 43.42 21.79 -5.48
C ASP D 81 42.68 22.15 -6.73
N ALA D 82 41.77 21.28 -7.15
CA ALA D 82 40.94 21.67 -8.26
C ALA D 82 40.47 23.07 -7.98
N ASP D 83 39.81 23.24 -6.81
CA ASP D 83 39.41 24.56 -6.36
C ASP D 83 40.50 25.60 -6.62
N ARG D 84 41.72 25.31 -6.15
CA ARG D 84 42.86 26.15 -6.45
C ARG D 84 43.16 26.20 -7.96
N VAL D 85 43.25 25.04 -8.60
CA VAL D 85 43.59 25.00 -10.04
C VAL D 85 42.55 25.66 -10.95
N ALA D 86 41.44 26.12 -10.37
CA ALA D 86 40.39 26.81 -11.13
C ALA D 86 40.54 28.32 -11.05
N ARG D 87 40.93 28.80 -9.87
CA ARG D 87 41.20 30.22 -9.66
C ARG D 87 42.47 30.62 -10.38
N SER D 88 43.33 29.64 -10.62
CA SER D 88 44.71 29.85 -11.06
C SER D 88 44.90 30.63 -12.35
N GLY D 89 43.81 30.83 -13.10
CA GLY D 89 43.89 31.48 -14.39
C GLY D 89 44.17 30.48 -15.49
N ALA D 90 44.61 29.28 -15.10
CA ALA D 90 44.91 28.23 -16.08
C ALA D 90 43.67 27.78 -16.87
N ILE D 91 42.56 27.49 -16.19
CA ILE D 91 41.39 26.95 -16.87
C ILE D 91 40.59 28.02 -17.59
N THR D 92 40.16 27.74 -18.82
CA THR D 92 39.30 28.68 -19.53
C THR D 92 37.85 28.24 -19.42
N PHE D 93 37.02 29.06 -18.79
CA PHE D 93 35.57 28.83 -18.71
C PHE D 93 34.88 29.55 -19.84
N SER D 94 33.72 29.05 -20.24
CA SER D 94 33.03 29.60 -21.39
C SER D 94 31.69 28.90 -21.54
N PRO D 95 30.63 29.65 -21.87
CA PRO D 95 29.29 29.01 -21.89
C PRO D 95 29.15 27.91 -22.96
N CYS D 96 28.41 26.85 -22.66
CA CYS D 96 28.16 25.81 -23.64
C CYS D 96 27.66 26.49 -24.89
N HIS D 97 26.67 27.34 -24.69
CA HIS D 97 26.08 28.07 -25.78
C HIS D 97 27.04 28.72 -26.77
N GLU D 98 28.25 29.08 -26.32
CA GLU D 98 29.17 29.80 -27.18
C GLU D 98 29.99 28.83 -28.02
N HIS D 99 29.82 27.53 -27.76
CA HIS D 99 30.44 26.49 -28.58
C HIS D 99 29.42 25.57 -29.21
N ASP D 100 28.24 26.11 -29.53
CA ASP D 100 27.19 25.35 -30.23
C ASP D 100 26.73 24.16 -29.39
N ALA D 101 26.62 24.37 -28.09
CA ALA D 101 26.34 23.29 -27.18
C ALA D 101 25.30 23.76 -26.19
N VAL D 102 24.64 22.77 -25.56
CA VAL D 102 23.82 23.01 -24.40
C VAL D 102 24.19 22.07 -23.27
N GLY D 103 23.93 22.52 -22.04
CA GLY D 103 24.42 21.84 -20.84
C GLY D 103 23.33 21.67 -19.79
N SER D 104 23.07 20.41 -19.45
CA SER D 104 22.05 20.10 -18.50
C SER D 104 22.46 20.46 -17.07
N MSE D 105 21.57 21.19 -16.39
CA MSE D 105 21.79 21.60 -15.00
C MSE D 105 23.09 22.38 -14.87
O MSE D 105 23.24 23.43 -15.50
CB MSE D 105 21.77 20.39 -14.05
CG MSE D 105 20.44 19.68 -13.94
SE MSE D 105 18.96 20.84 -13.36
CE MSE D 105 19.76 21.60 -11.74
N ALA D 106 24.04 21.90 -14.07
CA ALA D 106 25.29 22.66 -13.94
C ALA D 106 25.98 22.70 -15.29
N GLY D 107 25.65 21.75 -16.15
CA GLY D 107 26.06 21.77 -17.54
C GLY D 107 27.56 21.68 -17.76
N VAL D 108 28.28 21.20 -16.77
CA VAL D 108 29.72 21.13 -16.97
C VAL D 108 30.07 20.03 -17.96
N THR D 109 30.91 20.41 -18.91
CA THR D 109 31.41 19.57 -20.00
C THR D 109 32.92 19.79 -20.11
N SER D 110 33.69 18.72 -20.01
CA SER D 110 35.15 18.84 -20.10
C SER D 110 35.64 18.25 -21.42
N PRO D 111 36.91 18.51 -21.77
CA PRO D 111 37.47 17.95 -23.00
C PRO D 111 37.24 16.45 -23.24
N ASN D 112 37.28 15.64 -22.20
CA ASN D 112 37.24 14.18 -22.38
C ASN D 112 35.88 13.52 -22.13
N MSE D 113 34.83 14.31 -21.97
CA MSE D 113 33.50 13.78 -21.83
C MSE D 113 32.88 13.64 -23.21
O MSE D 113 33.03 14.51 -24.05
CB MSE D 113 32.62 14.69 -21.01
CG MSE D 113 33.04 14.86 -19.57
SE MSE D 113 31.81 16.13 -18.71
CE MSE D 113 32.73 16.26 -17.00
N TYR D 114 32.19 12.52 -23.43
CA TYR D 114 31.49 12.31 -24.69
C TYR D 114 30.30 13.23 -24.84
N VAL D 115 29.97 13.54 -26.08
CA VAL D 115 28.83 14.39 -26.37
C VAL D 115 28.04 13.87 -27.55
N HIS D 116 26.83 14.36 -27.64
CA HIS D 116 25.96 14.18 -28.79
C HIS D 116 26.44 15.01 -29.97
N ILE D 117 26.40 14.42 -31.17
CA ILE D 117 26.65 15.17 -32.37
C ILE D 117 25.37 15.27 -33.18
N ILE D 118 24.84 16.48 -33.30
CA ILE D 118 23.56 16.70 -33.97
C ILE D 118 23.73 17.71 -35.10
N LYS D 119 23.49 17.25 -36.33
CA LYS D 119 23.63 18.09 -37.52
C LYS D 119 22.27 18.35 -38.15
N ASN D 120 21.93 19.63 -38.30
CA ASN D 120 20.75 20.10 -39.02
C ASN D 120 20.81 19.67 -40.49
N GLU D 121 19.88 18.80 -40.91
CA GLU D 121 19.84 18.31 -42.28
C GLU D 121 19.31 19.34 -43.26
N THR D 122 18.64 20.35 -42.75
CA THR D 122 18.01 21.40 -43.55
C THR D 122 18.93 22.61 -43.74
N TYR D 123 19.53 23.09 -42.65
CA TYR D 123 20.37 24.28 -42.74
C TYR D 123 21.86 24.06 -42.48
N GLY D 124 22.22 22.87 -42.02
CA GLY D 124 23.61 22.43 -42.01
C GLY D 124 24.44 22.67 -40.78
N ASN D 125 23.88 23.30 -39.75
CA ASN D 125 24.66 23.58 -38.55
C ASN D 125 24.72 22.38 -37.58
N THR D 126 25.69 22.43 -36.66
CA THR D 126 25.83 21.40 -35.65
C THR D 126 25.65 21.89 -34.20
N ALA D 127 25.07 21.02 -33.36
CA ALA D 127 24.95 21.27 -31.91
C ALA D 127 25.54 20.08 -31.16
N PHE D 128 25.80 20.24 -29.86
CA PHE D 128 26.33 19.15 -29.02
C PHE D 128 25.69 19.10 -27.61
N THR D 129 25.66 17.94 -26.96
CA THR D 129 25.41 17.92 -25.50
C THR D 129 26.03 16.72 -24.90
N ASN D 130 26.30 16.78 -23.60
CA ASN D 130 26.81 15.60 -22.92
C ASN D 130 25.75 14.55 -22.76
N LEU D 131 26.18 13.43 -22.22
CA LEU D 131 25.31 12.29 -22.05
C LEU D 131 24.74 12.36 -20.65
N SER D 132 23.63 11.68 -20.45
CA SER D 132 23.11 11.50 -19.12
C SER D 132 23.98 10.52 -18.34
N GLU D 133 24.57 11.00 -17.24
CA GLU D 133 24.92 10.14 -16.11
C GLU D 133 23.50 9.73 -15.75
N GLN D 134 23.26 8.68 -14.98
CA GLN D 134 21.84 8.32 -14.92
C GLN D 134 21.28 8.38 -13.52
N LEU D 135 22.18 8.38 -12.55
CA LEU D 135 21.81 8.23 -11.16
C LEU D 135 21.30 9.52 -10.54
N ALA D 136 20.96 9.45 -9.25
CA ALA D 136 20.46 10.61 -8.51
C ALA D 136 21.62 11.47 -7.98
N LYS D 137 22.67 10.81 -7.51
CA LYS D 137 23.85 11.52 -6.99
C LYS D 137 24.91 11.68 -8.11
N VAL D 138 24.94 12.86 -8.72
CA VAL D 138 25.56 13.00 -10.05
C VAL D 138 26.24 14.37 -10.31
N LEU D 139 27.20 14.39 -11.24
CA LEU D 139 27.98 15.61 -11.51
C LEU D 139 27.15 16.83 -11.94
N ARG D 140 26.18 16.61 -12.82
CA ARG D 140 25.40 17.71 -13.35
C ARG D 140 24.68 18.45 -12.24
N PHE D 141 24.64 17.85 -11.05
CA PHE D 141 23.92 18.43 -9.93
C PHE D 141 24.81 18.93 -8.83
N GLY D 142 26.11 18.71 -8.96
CA GLY D 142 27.05 19.21 -7.94
C GLY D 142 27.84 18.15 -7.18
N ALA D 143 27.31 16.94 -7.09
CA ALA D 143 28.02 15.87 -6.41
C ALA D 143 29.28 15.59 -7.20
N ASN D 144 30.38 15.32 -6.50
CA ASN D 144 31.64 15.02 -7.17
C ASN D 144 32.56 14.07 -6.42
N ASP D 145 32.03 13.30 -5.47
CA ASP D 145 32.85 12.36 -4.72
C ASP D 145 33.49 11.32 -5.64
N GLN D 146 34.23 10.38 -5.05
CA GLN D 146 34.90 9.33 -5.78
C GLN D 146 33.95 8.58 -6.71
N SER D 147 32.91 8.00 -6.12
CA SER D 147 31.96 7.22 -6.89
C SER D 147 31.48 7.93 -8.15
N VAL D 148 31.32 9.26 -8.08
CA VAL D 148 30.90 10.02 -9.27
C VAL D 148 31.98 9.95 -10.32
N VAL D 149 33.19 10.35 -9.95
CA VAL D 149 34.34 10.33 -10.83
C VAL D 149 34.50 8.98 -11.51
N ASP D 150 34.37 7.93 -10.71
CA ASP D 150 34.36 6.57 -11.24
C ASP D 150 33.38 6.43 -12.42
N ARG D 151 32.23 7.09 -12.35
CA ARG D 151 31.22 6.87 -13.38
C ARG D 151 31.51 7.55 -14.71
N LEU D 152 32.16 8.71 -14.69
CA LEU D 152 32.50 9.35 -15.96
C LEU D 152 33.61 8.54 -16.61
N ILE D 153 34.47 7.96 -15.78
CA ILE D 153 35.55 7.12 -16.27
C ILE D 153 34.94 5.98 -17.06
N TRP D 154 33.87 5.42 -16.52
CA TRP D 154 33.16 4.32 -17.16
C TRP D 154 32.45 4.79 -18.43
N MSE D 155 31.95 6.01 -18.37
CA MSE D 155 31.33 6.62 -19.52
C MSE D 155 32.32 6.94 -20.62
O MSE D 155 32.00 6.80 -21.81
CB MSE D 155 30.58 7.86 -19.06
CG MSE D 155 29.27 7.49 -18.40
SE MSE D 155 28.26 8.94 -17.61
CE MSE D 155 28.84 10.45 -18.76
N ARG D 156 33.54 7.34 -20.25
CA ARG D 156 34.58 7.60 -21.24
C ARG D 156 35.16 6.32 -21.82
N ASP D 157 35.31 5.30 -20.99
CA ASP D 157 35.98 4.06 -21.37
C ASP D 157 35.08 3.02 -22.02
N VAL D 158 33.79 3.00 -21.67
CA VAL D 158 32.88 2.01 -22.26
C VAL D 158 31.64 2.57 -22.94
N LEU D 159 30.81 3.31 -22.21
CA LEU D 159 29.59 3.82 -22.83
C LEU D 159 29.89 4.68 -24.05
N GLY D 160 30.76 5.69 -23.88
CA GLY D 160 31.09 6.63 -24.95
C GLY D 160 31.50 5.95 -26.24
N PRO D 161 32.60 5.17 -26.19
CA PRO D 161 33.13 4.54 -27.39
C PRO D 161 32.14 3.55 -27.96
N LEU D 162 31.25 3.05 -27.12
CA LEU D 162 30.21 2.13 -27.58
C LEU D 162 29.19 2.85 -28.45
N LEU D 163 28.58 3.88 -27.89
CA LEU D 163 27.71 4.73 -28.67
C LEU D 163 28.47 5.18 -29.92
N HIS D 164 29.76 5.47 -29.76
CA HIS D 164 30.48 6.05 -30.87
C HIS D 164 30.40 5.09 -32.04
N ASP D 165 30.83 3.88 -31.77
CA ASP D 165 30.95 2.89 -32.79
C ASP D 165 29.57 2.53 -33.29
N ALA D 166 28.62 2.47 -32.37
CA ALA D 166 27.24 2.19 -32.71
C ALA D 166 26.78 3.05 -33.89
N MSE D 167 26.88 4.37 -33.72
CA MSE D 167 26.47 5.28 -34.77
C MSE D 167 27.19 5.04 -36.12
O MSE D 167 26.71 5.45 -37.17
CB MSE D 167 26.65 6.70 -34.31
CG MSE D 167 25.74 7.05 -33.15
SE MSE D 167 23.85 6.64 -33.55
CE MSE D 167 23.45 8.09 -34.81
N THR D 168 28.36 4.40 -36.06
CA THR D 168 29.07 3.98 -37.25
C THR D 168 28.19 3.13 -38.15
N PHE D 169 27.27 2.39 -37.56
CA PHE D 169 26.47 1.45 -38.32
C PHE D 169 25.18 2.09 -38.79
N CYS D 170 25.13 3.41 -38.68
CA CYS D 170 23.91 4.16 -38.85
C CYS D 170 24.19 5.39 -39.71
N PRO D 171 24.35 5.18 -41.03
CA PRO D 171 24.90 6.18 -41.94
C PRO D 171 23.99 7.39 -42.04
N GLU D 172 22.68 7.12 -42.07
CA GLU D 172 21.65 8.14 -42.27
C GLU D 172 21.15 8.76 -40.95
N GLY D 173 21.64 8.26 -39.82
CA GLY D 173 21.38 8.90 -38.54
C GLY D 173 19.99 8.69 -37.99
N ILE D 174 19.73 9.23 -36.81
CA ILE D 174 18.44 9.16 -36.18
C ILE D 174 17.77 10.53 -36.25
N ASP D 175 16.51 10.54 -36.67
CA ASP D 175 15.76 11.78 -36.90
C ASP D 175 15.09 12.34 -35.63
N LEU D 176 15.70 13.35 -35.05
CA LEU D 176 15.36 13.79 -33.70
C LEU D 176 14.04 14.53 -33.60
N ARG D 177 13.73 15.33 -34.62
CA ARG D 177 12.47 16.07 -34.65
C ARG D 177 11.33 15.10 -34.79
N LEU D 178 11.50 14.09 -35.64
CA LEU D 178 10.42 13.12 -35.84
C LEU D 178 10.20 12.32 -34.57
N MSE D 179 11.27 12.03 -33.86
CA MSE D 179 11.16 11.18 -32.67
C MSE D 179 10.49 12.00 -31.58
O MSE D 179 9.68 11.49 -30.82
CB MSE D 179 12.55 10.71 -32.25
CG MSE D 179 12.55 9.78 -31.06
SE MSE D 179 14.27 8.81 -30.87
CE MSE D 179 13.80 7.15 -31.79
N LEU D 180 10.80 13.28 -31.54
CA LEU D 180 10.25 14.10 -30.49
C LEU D 180 8.80 14.44 -30.74
N SER D 181 8.41 14.63 -32.00
CA SER D 181 6.97 14.74 -32.28
C SER D 181 6.22 13.49 -31.84
N GLN D 182 6.88 12.33 -31.93
CA GLN D 182 6.33 11.11 -31.39
C GLN D 182 6.25 11.17 -29.86
N ALA D 183 7.33 11.54 -29.18
CA ALA D 183 7.28 11.58 -27.73
C ALA D 183 6.18 12.50 -27.22
N LEU D 184 5.99 13.62 -27.91
CA LEU D 184 4.89 14.54 -27.56
C LEU D 184 3.49 13.94 -27.80
N HIS D 185 3.40 12.85 -28.55
CA HIS D 185 2.09 12.18 -28.72
C HIS D 185 1.92 11.13 -27.67
N MSE D 186 2.93 11.02 -26.81
CA MSE D 186 3.03 9.95 -25.88
C MSE D 186 3.16 10.47 -24.46
O MSE D 186 3.79 9.83 -23.62
CB MSE D 186 4.23 9.08 -26.22
CG MSE D 186 3.97 8.12 -27.35
SE MSE D 186 5.66 7.42 -28.06
CE MSE D 186 6.09 6.07 -26.70
N GLY D 187 2.58 11.63 -24.19
CA GLY D 187 2.55 12.14 -22.84
C GLY D 187 3.84 12.75 -22.35
N ASP D 188 4.76 13.04 -23.25
CA ASP D 188 6.05 13.63 -22.87
C ASP D 188 6.00 15.12 -23.25
N GLU D 189 6.80 15.94 -22.57
CA GLU D 189 7.04 17.32 -23.02
C GLU D 189 8.55 17.57 -23.13
N CYS D 190 9.31 16.48 -23.15
CA CYS D 190 10.72 16.55 -23.44
C CYS D 190 11.59 17.48 -22.57
N HIS D 191 11.11 17.87 -21.40
CA HIS D 191 11.94 18.67 -20.51
C HIS D 191 11.99 18.06 -19.12
N ASN D 192 10.88 18.08 -18.39
CA ASN D 192 10.83 17.39 -17.10
C ASN D 192 10.42 15.91 -17.21
N ARG D 193 9.61 15.59 -18.21
CA ARG D 193 9.16 14.21 -18.41
C ARG D 193 9.70 13.73 -19.73
N ASN D 194 10.71 12.86 -19.69
CA ASN D 194 11.37 12.32 -20.88
C ASN D 194 11.16 10.81 -21.04
N VAL D 195 10.17 10.25 -20.35
CA VAL D 195 9.95 8.81 -20.35
C VAL D 195 9.84 8.26 -21.78
N ALA D 196 8.86 8.76 -22.52
CA ALA D 196 8.58 8.21 -23.83
C ALA D 196 9.75 8.48 -24.78
N GLY D 197 10.33 9.66 -24.65
CA GLY D 197 11.48 9.97 -25.45
C GLY D 197 12.58 8.97 -25.23
N SER D 198 12.87 8.67 -23.97
CA SER D 198 14.02 7.82 -23.67
C SER D 198 13.82 6.38 -24.17
N THR D 199 12.64 5.81 -23.95
CA THR D 199 12.35 4.49 -24.49
C THR D 199 12.46 4.40 -26.02
N LEU D 200 12.07 5.44 -26.74
CA LEU D 200 12.20 5.39 -28.18
C LEU D 200 13.67 5.42 -28.59
N LEU D 201 14.44 6.27 -27.93
CA LEU D 201 15.83 6.46 -28.30
C LEU D 201 16.57 5.15 -28.11
N VAL D 202 16.42 4.54 -26.94
CA VAL D 202 17.19 3.32 -26.67
C VAL D 202 16.68 2.16 -27.51
N GLN D 203 15.44 2.23 -27.98
CA GLN D 203 15.03 1.25 -28.96
C GLN D 203 15.81 1.51 -30.25
N ALA D 204 15.92 2.77 -30.66
CA ALA D 204 16.56 3.10 -31.92
C ALA D 204 18.03 2.62 -31.96
N LEU D 205 18.72 2.77 -30.83
CA LEU D 205 20.16 2.50 -30.74
C LEU D 205 20.47 1.03 -30.54
N THR D 206 19.47 0.29 -30.10
CA THR D 206 19.76 -1.03 -29.64
C THR D 206 20.37 -1.94 -30.72
N PRO D 207 19.68 -2.13 -31.87
CA PRO D 207 20.22 -2.99 -32.92
C PRO D 207 21.59 -2.52 -33.41
N TYR D 208 21.78 -1.24 -33.54
CA TYR D 208 23.08 -0.73 -33.92
C TYR D 208 24.13 -1.16 -32.89
N MSE D 209 23.87 -0.91 -31.61
CA MSE D 209 24.82 -1.24 -30.54
C MSE D 209 25.21 -2.70 -30.58
O MSE D 209 26.27 -3.11 -30.13
CB MSE D 209 24.20 -0.99 -29.19
CG MSE D 209 24.40 0.39 -28.64
SE MSE D 209 23.18 0.73 -27.15
CE MSE D 209 23.66 -0.71 -25.94
N VAL D 210 24.31 -3.51 -31.11
CA VAL D 210 24.54 -4.92 -31.07
C VAL D 210 25.58 -5.34 -32.12
N GLN D 211 25.74 -4.49 -33.13
CA GLN D 211 26.60 -4.76 -34.27
C GLN D 211 28.07 -4.44 -33.95
N THR D 212 28.28 -3.99 -32.72
CA THR D 212 29.51 -3.38 -32.27
C THR D 212 30.54 -4.45 -31.89
N ASP D 213 31.67 -4.04 -31.33
CA ASP D 213 32.70 -5.02 -30.92
C ASP D 213 32.78 -5.32 -29.44
N PHE D 214 31.73 -5.02 -28.68
CA PHE D 214 31.76 -5.08 -27.22
C PHE D 214 31.05 -6.33 -26.73
N SER D 215 31.52 -6.90 -25.63
CA SER D 215 31.02 -8.18 -25.14
C SER D 215 29.56 -8.12 -24.66
N ARG D 216 28.87 -9.26 -24.67
CA ARG D 216 27.53 -9.27 -24.11
C ARG D 216 27.65 -8.64 -22.72
N GLU D 217 28.52 -9.20 -21.90
CA GLU D 217 28.84 -8.65 -20.60
C GLU D 217 28.74 -7.12 -20.52
N GLN D 218 29.44 -6.45 -21.43
CA GLN D 218 29.45 -5.01 -21.50
C GLN D 218 28.13 -4.44 -22.02
N LEU D 219 27.52 -5.09 -23.00
CA LEU D 219 26.22 -4.61 -23.49
C LEU D 219 25.22 -4.58 -22.31
N LYS D 220 25.35 -5.57 -21.42
CA LYS D 220 24.48 -5.73 -20.27
C LYS D 220 24.61 -4.59 -19.26
N GLU D 221 25.82 -4.25 -18.85
CA GLU D 221 25.93 -3.17 -17.88
C GLU D 221 25.42 -1.89 -18.51
N VAL D 222 25.48 -1.82 -19.84
CA VAL D 222 25.00 -0.62 -20.53
C VAL D 222 23.47 -0.54 -20.62
N PHE D 223 22.82 -1.67 -20.91
CA PHE D 223 21.37 -1.67 -20.98
C PHE D 223 20.86 -1.35 -19.60
N GLU D 224 21.42 -2.02 -18.59
CA GLU D 224 21.09 -1.71 -17.21
C GLU D 224 21.24 -0.20 -16.96
N PHE D 225 22.38 0.36 -17.35
CA PHE D 225 22.59 1.80 -17.29
C PHE D 225 21.47 2.61 -17.99
N LEU D 226 21.25 2.35 -19.27
CA LEU D 226 20.23 3.09 -20.01
C LEU D 226 18.87 3.01 -19.30
N GLY D 227 18.63 1.85 -18.68
CA GLY D 227 17.33 1.54 -18.08
C GLY D 227 17.24 2.03 -16.64
N SER D 228 18.27 2.73 -16.20
CA SER D 228 18.41 3.18 -14.83
C SER D 228 17.52 4.38 -14.51
N SER D 229 17.30 5.23 -15.51
CA SER D 229 16.40 6.36 -15.34
C SER D 229 15.85 6.77 -16.69
N ASP D 230 14.81 7.58 -16.69
CA ASP D 230 14.18 7.94 -17.94
C ASP D 230 14.83 9.20 -18.50
N TYR D 231 15.85 9.68 -17.80
CA TYR D 231 16.37 10.97 -18.11
C TYR D 231 17.32 10.91 -19.28
N PHE D 232 17.56 9.73 -19.81
CA PHE D 232 18.60 9.58 -20.80
C PHE D 232 18.44 10.45 -22.04
N SER D 233 17.26 10.61 -22.58
CA SER D 233 17.18 11.42 -23.79
C SER D 233 16.97 12.90 -23.50
N GLY D 234 16.75 13.26 -22.24
CA GLY D 234 16.66 14.66 -21.88
C GLY D 234 17.64 15.51 -22.67
N PRO D 235 18.94 15.25 -22.52
CA PRO D 235 19.91 16.09 -23.22
C PRO D 235 19.75 16.05 -24.73
N THR D 236 19.46 14.87 -25.26
CA THR D 236 19.22 14.77 -26.69
C THR D 236 18.18 15.76 -27.17
N TRP D 237 17.13 15.99 -26.39
CA TRP D 237 16.14 16.99 -26.78
C TRP D 237 16.69 18.40 -26.70
N MSE D 238 17.37 18.73 -25.61
CA MSE D 238 18.10 19.99 -25.58
C MSE D 238 18.92 20.18 -26.85
O MSE D 238 18.86 21.24 -27.49
CB MSE D 238 18.98 20.06 -24.35
CG MSE D 238 18.15 19.93 -23.14
SE MSE D 238 19.13 19.87 -21.50
CE MSE D 238 17.68 19.14 -20.39
N GLY D 239 19.67 19.15 -27.23
CA GLY D 239 20.53 19.23 -28.38
C GLY D 239 19.72 19.61 -29.59
N ALA D 240 18.60 18.92 -29.78
CA ALA D 240 17.77 19.15 -30.95
C ALA D 240 17.24 20.58 -30.99
N ALA D 241 16.75 21.10 -29.88
CA ALA D 241 16.21 22.44 -29.88
C ALA D 241 17.34 23.36 -30.29
N LYS D 242 18.51 23.15 -29.69
CA LYS D 242 19.64 24.06 -29.89
C LYS D 242 20.07 24.08 -31.34
N CYS D 243 20.12 22.90 -31.92
CA CYS D 243 20.47 22.79 -33.29
C CYS D 243 19.51 23.63 -34.14
N ALA D 244 18.23 23.51 -33.87
CA ALA D 244 17.20 24.26 -34.60
C ALA D 244 17.22 25.77 -34.35
N LEU D 245 17.33 26.18 -33.09
CA LEU D 245 17.28 27.58 -32.74
C LEU D 245 18.52 28.31 -33.27
N ASP D 246 19.62 27.58 -33.47
CA ASP D 246 20.79 28.18 -34.13
C ASP D 246 20.52 28.53 -35.59
N ALA D 247 19.86 27.66 -36.33
CA ALA D 247 19.38 28.03 -37.67
C ALA D 247 18.55 29.32 -37.64
N GLY D 248 17.80 29.54 -36.56
CA GLY D 248 17.01 30.76 -36.41
C GLY D 248 17.75 32.01 -35.94
N HIS D 249 19.02 31.85 -35.57
CA HIS D 249 19.77 32.95 -34.96
C HIS D 249 20.45 33.79 -36.05
N ASN D 250 20.79 35.03 -35.73
CA ASN D 250 21.52 35.90 -36.66
C ASN D 250 20.74 36.30 -37.89
N VAL D 251 19.44 36.48 -37.76
CA VAL D 251 18.67 37.00 -38.89
C VAL D 251 18.47 38.49 -38.72
N GLU D 252 19.02 39.29 -39.63
CA GLU D 252 18.93 40.75 -39.48
C GLU D 252 17.48 41.16 -39.18
N ASN D 253 17.34 41.99 -38.14
CA ASN D 253 16.05 42.55 -37.68
C ASN D 253 15.07 41.65 -36.90
N SER D 254 15.43 40.40 -36.64
CA SER D 254 14.53 39.53 -35.93
C SER D 254 14.44 39.85 -34.42
N THR D 255 13.22 39.90 -33.87
CA THR D 255 13.06 40.11 -32.42
C THR D 255 12.88 38.81 -31.67
N ILE D 256 13.24 37.71 -32.31
CA ILE D 256 12.96 36.44 -31.72
C ILE D 256 14.03 35.97 -30.77
N VAL D 257 13.62 35.43 -29.63
CA VAL D 257 14.59 34.96 -28.67
C VAL D 257 15.14 33.66 -29.17
N THR D 258 16.46 33.51 -29.24
CA THR D 258 17.01 32.24 -29.73
C THR D 258 17.65 31.42 -28.64
N THR D 259 17.71 32.00 -27.45
CA THR D 259 18.32 31.29 -26.34
C THR D 259 17.74 31.72 -25.01
N MSE D 260 17.42 30.76 -24.18
CA MSE D 260 17.16 31.05 -22.80
C MSE D 260 18.03 30.10 -21.99
O MSE D 260 18.09 28.90 -22.28
CB MSE D 260 15.67 30.94 -22.48
CG MSE D 260 14.79 31.95 -23.22
SE MSE D 260 13.04 32.12 -22.37
CE MSE D 260 12.30 30.35 -22.72
N CYS D 261 18.74 30.64 -21.01
CA CYS D 261 19.57 29.79 -20.20
C CYS D 261 19.87 30.47 -18.88
N ARG D 262 20.42 29.72 -17.93
CA ARG D 262 20.73 30.28 -16.61
C ARG D 262 21.81 29.47 -15.93
N ASN D 263 22.60 30.12 -15.08
CA ASN D 263 23.71 29.46 -14.43
C ASN D 263 23.59 29.42 -12.90
N GLY D 264 22.39 29.53 -12.37
CA GLY D 264 22.26 29.45 -10.92
C GLY D 264 22.48 30.78 -10.23
N VAL D 265 23.02 31.75 -10.95
CA VAL D 265 23.07 33.12 -10.46
C VAL D 265 22.45 34.08 -11.46
N GLU D 266 22.86 34.00 -12.71
CA GLU D 266 22.20 34.79 -13.74
C GLU D 266 21.45 33.96 -14.77
N PHE D 267 20.39 34.56 -15.28
CA PHE D 267 19.64 34.06 -16.43
C PHE D 267 20.12 34.89 -17.62
N GLY D 268 20.20 34.32 -18.81
CA GLY D 268 20.66 35.07 -19.96
C GLY D 268 19.87 34.72 -21.21
N ILE D 269 19.66 35.69 -22.10
CA ILE D 269 19.04 35.37 -23.39
C ILE D 269 19.83 35.95 -24.53
N ARG D 270 19.62 35.39 -25.71
CA ARG D 270 20.23 35.85 -26.96
C ARG D 270 19.07 36.14 -27.91
N VAL D 271 19.15 37.23 -28.67
CA VAL D 271 18.08 37.55 -29.62
C VAL D 271 18.59 37.48 -31.02
N SER D 272 17.80 36.90 -31.89
CA SER D 272 18.19 36.73 -33.29
C SER D 272 18.74 37.99 -34.01
N GLY D 273 18.07 39.13 -33.84
CA GLY D 273 18.44 40.32 -34.60
C GLY D 273 19.61 41.04 -33.95
N ILE D 274 20.12 40.47 -32.89
CA ILE D 274 21.33 40.99 -32.32
C ILE D 274 22.47 40.02 -32.59
N GLY D 275 22.13 38.74 -32.72
CA GLY D 275 23.08 37.74 -33.14
C GLY D 275 24.34 37.65 -32.33
N GLY D 276 25.27 36.83 -32.83
CA GLY D 276 26.54 36.57 -32.17
C GLY D 276 26.31 36.15 -30.74
N ASN D 277 27.26 36.47 -29.87
CA ASN D 277 27.18 36.11 -28.48
C ASN D 277 26.89 37.30 -27.57
N HIS D 278 25.98 38.17 -27.98
CA HIS D 278 25.54 39.25 -27.11
C HIS D 278 24.47 38.73 -26.15
N TRP D 279 24.83 38.72 -24.87
CA TRP D 279 23.96 38.21 -23.82
C TRP D 279 23.19 39.34 -23.17
N PHE D 280 21.92 39.12 -22.88
CA PHE D 280 21.19 40.00 -21.99
C PHE D 280 20.93 39.21 -20.73
N THR D 281 21.49 39.70 -19.62
CA THR D 281 21.49 38.96 -18.37
C THR D 281 20.56 39.61 -17.35
N GLY D 282 20.18 38.84 -16.35
CA GLY D 282 19.41 39.36 -15.22
C GLY D 282 19.51 38.28 -14.17
N PRO D 283 18.96 38.54 -12.97
CA PRO D 283 19.09 37.56 -11.89
C PRO D 283 18.24 36.32 -12.14
N ALA D 284 18.79 35.14 -11.88
CA ALA D 284 18.04 33.91 -12.06
C ALA D 284 17.03 33.80 -10.94
N GLN D 285 15.82 33.33 -11.28
CA GLN D 285 14.68 33.31 -10.35
C GLN D 285 14.62 32.03 -9.54
N ARG D 286 13.97 32.03 -8.39
CA ARG D 286 13.67 30.76 -7.72
C ARG D 286 12.48 30.02 -8.32
N VAL D 287 12.40 28.73 -8.04
CA VAL D 287 11.37 27.90 -8.66
C VAL D 287 10.36 27.49 -7.59
N ILE D 288 9.08 27.44 -7.97
CA ILE D 288 8.02 27.13 -6.99
C ILE D 288 7.25 25.88 -7.39
N GLY D 289 7.18 24.91 -6.48
CA GLY D 289 6.43 23.67 -6.72
C GLY D 289 6.72 22.56 -5.72
N PRO D 290 5.97 21.45 -5.82
CA PRO D 290 6.13 20.29 -4.94
C PRO D 290 7.59 19.90 -4.65
N MSE D 291 7.93 19.87 -3.36
CA MSE D 291 9.24 19.43 -2.87
C MSE D 291 9.17 18.00 -2.37
O MSE D 291 8.18 17.61 -1.76
CB MSE D 291 9.67 20.30 -1.71
CG MSE D 291 11.02 20.93 -1.90
SE MSE D 291 10.86 22.44 -3.11
CE MSE D 291 9.36 23.36 -2.25
N PHE D 292 10.23 17.23 -2.60
CA PHE D 292 10.30 15.81 -2.20
C PHE D 292 10.23 15.59 -0.68
N ALA D 293 10.53 14.36 -0.26
CA ALA D 293 10.61 14.03 1.14
C ALA D 293 11.46 15.06 1.85
N GLY D 294 10.91 15.68 2.90
CA GLY D 294 11.69 16.46 3.89
C GLY D 294 12.36 17.79 3.52
N TYR D 295 12.34 18.15 2.24
CA TYR D 295 12.98 19.39 1.78
C TYR D 295 11.97 20.52 1.70
N THR D 296 12.39 21.72 2.05
CA THR D 296 11.53 22.90 1.94
C THR D 296 12.03 23.83 0.83
N GLN D 297 11.24 24.86 0.53
CA GLN D 297 11.66 25.86 -0.46
C GLN D 297 12.98 26.50 -0.08
N GLU D 298 13.18 26.72 1.21
CA GLU D 298 14.36 27.41 1.69
C GLU D 298 15.66 26.65 1.40
N ASP D 299 15.53 25.38 1.03
CA ASP D 299 16.69 24.58 0.68
C ASP D 299 17.11 24.77 -0.78
N ALA D 300 16.43 25.67 -1.50
CA ALA D 300 16.54 25.70 -2.97
C ALA D 300 17.53 26.68 -3.59
N GLY D 301 18.32 26.19 -4.53
CA GLY D 301 19.20 27.04 -5.30
C GLY D 301 18.33 27.82 -6.27
N LEU D 302 18.95 28.81 -6.92
CA LEU D 302 18.28 29.52 -8.00
C LEU D 302 18.22 28.67 -9.26
N ASP D 303 17.51 29.21 -10.26
CA ASP D 303 17.31 28.57 -11.55
C ASP D 303 18.65 28.27 -12.19
N MSE D 304 18.84 27.05 -12.65
CA MSE D 304 20.11 26.68 -13.25
C MSE D 304 19.97 25.68 -14.37
O MSE D 304 19.30 24.68 -14.21
CB MSE D 304 21.03 26.10 -12.18
CG MSE D 304 22.45 25.89 -12.65
SE MSE D 304 23.60 25.09 -11.29
CE MSE D 304 22.62 23.40 -11.04
N GLY D 305 20.62 25.94 -15.50
CA GLY D 305 20.74 24.97 -16.58
C GLY D 305 20.47 25.56 -17.95
N ASP D 306 20.88 24.85 -19.01
CA ASP D 306 20.64 25.28 -20.39
C ASP D 306 19.37 24.63 -20.92
N SER D 307 18.75 23.84 -20.04
CA SER D 307 17.61 23.02 -20.40
C SER D 307 16.37 23.84 -20.81
N ALA D 308 16.39 25.15 -20.59
CA ALA D 308 15.26 25.96 -21.00
C ALA D 308 15.30 26.29 -22.49
N ILE D 309 16.37 25.89 -23.16
CA ILE D 309 16.37 25.91 -24.62
C ILE D 309 15.14 25.14 -25.13
N THR D 310 14.55 24.37 -24.23
CA THR D 310 13.42 23.52 -24.54
C THR D 310 12.15 24.37 -24.83
N GLU D 311 11.78 25.18 -23.85
CA GLU D 311 10.65 26.03 -23.99
C GLU D 311 10.95 26.98 -25.15
N THR D 312 12.21 27.39 -25.25
CA THR D 312 12.64 28.26 -26.32
C THR D 312 12.24 27.74 -27.68
N TYR D 313 12.15 26.43 -27.83
CA TYR D 313 11.83 25.79 -29.11
C TYR D 313 10.34 25.54 -29.25
N GLY D 314 9.58 25.74 -28.18
CA GLY D 314 8.14 25.56 -28.19
C GLY D 314 7.69 24.35 -27.39
N VAL D 315 8.61 23.76 -26.66
CA VAL D 315 8.30 22.51 -26.01
C VAL D 315 8.35 22.71 -24.48
N GLY D 316 8.65 21.67 -23.70
CA GLY D 316 8.72 21.82 -22.24
C GLY D 316 7.48 22.49 -21.66
N GLY D 317 7.71 23.51 -20.82
CA GLY D 317 6.60 24.25 -20.23
C GLY D 317 5.62 24.74 -21.29
N PHE D 318 6.13 25.06 -22.48
CA PHE D 318 5.25 25.50 -23.57
C PHE D 318 4.32 24.40 -24.07
N ALA D 319 4.73 23.13 -23.93
CA ALA D 319 3.87 21.99 -24.31
C ALA D 319 3.31 21.20 -23.11
N MSE D 320 3.34 21.84 -21.95
CA MSE D 320 2.69 21.33 -20.74
C MSE D 320 1.43 20.48 -21.06
O MSE D 320 1.22 19.42 -20.50
CB MSE D 320 2.34 22.54 -19.86
CG MSE D 320 2.76 22.53 -18.39
SE MSE D 320 2.01 24.17 -17.53
CE MSE D 320 3.37 25.49 -17.99
N ALA D 321 0.61 20.92 -21.99
CA ALA D 321 -0.65 20.22 -22.25
C ALA D 321 -0.48 18.78 -22.76
N ALA D 322 0.72 18.44 -23.24
CA ALA D 322 0.96 17.11 -23.81
C ALA D 322 1.17 16.09 -22.71
N ALA D 323 1.62 16.59 -21.55
CA ALA D 323 2.08 15.73 -20.47
C ALA D 323 1.31 15.98 -19.20
N PRO D 324 0.00 15.66 -19.17
CA PRO D 324 -0.69 15.82 -17.90
C PRO D 324 -0.11 14.92 -16.80
N ALA D 325 0.72 13.93 -17.16
CA ALA D 325 1.33 13.08 -16.13
C ALA D 325 2.24 13.87 -15.16
N ILE D 326 2.88 14.96 -15.63
CA ILE D 326 3.78 15.75 -14.79
C ILE D 326 3.09 16.67 -13.78
N VAL D 327 1.79 16.82 -13.88
CA VAL D 327 1.10 17.79 -13.04
C VAL D 327 1.33 17.65 -11.51
N PRO D 328 1.38 16.42 -10.98
CA PRO D 328 1.62 16.38 -9.53
C PRO D 328 3.12 16.52 -9.15
N LEU D 329 3.99 16.48 -10.16
CA LEU D 329 5.44 16.65 -9.99
C LEU D 329 5.82 18.13 -10.08
N VAL D 330 5.28 18.81 -11.09
CA VAL D 330 5.45 20.25 -11.30
C VAL D 330 4.46 21.17 -10.56
N GLY D 331 3.28 20.65 -10.24
CA GLY D 331 2.29 21.41 -9.47
C GLY D 331 1.24 22.10 -10.32
N GLY D 332 0.30 22.77 -9.65
CA GLY D 332 -0.81 23.42 -10.33
C GLY D 332 -1.87 22.40 -10.72
N THR D 333 -2.86 22.84 -11.49
CA THR D 333 -3.97 21.97 -11.86
C THR D 333 -3.91 21.58 -13.33
N VAL D 334 -4.66 20.54 -13.67
CA VAL D 334 -4.74 20.03 -15.02
C VAL D 334 -5.25 21.09 -16.00
N ALA D 335 -6.21 21.90 -15.57
CA ALA D 335 -6.74 22.94 -16.43
C ALA D 335 -5.71 24.03 -16.69
N GLU D 336 -4.95 24.39 -15.66
CA GLU D 336 -3.92 25.41 -15.82
C GLU D 336 -2.84 24.89 -16.74
N ALA D 337 -2.61 23.58 -16.74
CA ALA D 337 -1.59 23.02 -17.61
C ALA D 337 -1.95 23.19 -19.07
N LEU D 338 -3.23 22.99 -19.40
CA LEU D 338 -3.65 23.03 -20.80
C LEU D 338 -3.81 24.46 -21.28
N ASN D 339 -4.25 25.34 -20.38
CA ASN D 339 -4.37 26.76 -20.67
C ASN D 339 -3.00 27.40 -20.97
N TYR D 340 -1.92 26.87 -20.37
CA TYR D 340 -0.60 27.49 -20.54
C TYR D 340 -0.09 27.37 -21.96
N SER D 341 -0.28 26.21 -22.56
CA SER D 341 0.12 26.02 -23.94
C SER D 341 -0.64 26.95 -24.85
N LYS D 342 -1.87 27.28 -24.50
CA LYS D 342 -2.70 28.15 -25.35
C LYS D 342 -2.30 29.60 -25.28
N GLU D 343 -1.78 30.06 -24.15
CA GLU D 343 -1.43 31.46 -24.05
C GLU D 343 -0.06 31.81 -24.61
N MSE D 344 0.82 30.83 -24.72
CA MSE D 344 2.12 31.10 -25.25
C MSE D 344 2.03 31.52 -26.73
O MSE D 344 2.96 32.10 -27.27
CB MSE D 344 3.08 29.94 -25.02
CG MSE D 344 3.36 29.69 -23.53
SE MSE D 344 4.17 31.22 -22.53
CE MSE D 344 2.95 31.16 -20.99
N LEU D 345 0.90 31.23 -27.36
CA LEU D 345 0.62 31.74 -28.70
C LEU D 345 0.63 33.26 -28.76
N GLU D 346 0.33 33.91 -27.64
CA GLU D 346 0.39 35.37 -27.55
C GLU D 346 1.78 35.96 -27.55
N ILE D 347 2.73 35.20 -27.05
CA ILE D 347 4.10 35.63 -26.85
C ILE D 347 4.98 35.18 -28.00
N THR D 348 4.46 34.26 -28.82
CA THR D 348 5.26 33.63 -29.85
C THR D 348 4.77 33.97 -31.26
N THR D 349 5.50 33.50 -32.26
CA THR D 349 5.29 33.96 -33.60
C THR D 349 4.38 33.05 -34.41
N LYS D 350 4.53 31.74 -34.27
CA LYS D 350 3.64 30.86 -35.00
C LYS D 350 3.70 29.38 -34.57
N GLU D 351 2.69 28.59 -34.95
CA GLU D 351 2.70 27.16 -34.64
C GLU D 351 3.60 26.30 -35.55
N ASN D 352 4.41 25.44 -34.93
CA ASN D 352 5.15 24.38 -35.64
C ASN D 352 4.22 23.22 -36.00
N PRO D 353 3.81 23.10 -37.27
CA PRO D 353 2.86 22.03 -37.59
C PRO D 353 3.49 20.63 -37.71
N ASN D 354 4.78 20.52 -37.40
CA ASN D 354 5.41 19.21 -37.41
C ASN D 354 5.43 18.58 -36.04
N VAL D 355 5.22 19.42 -35.04
CA VAL D 355 5.21 18.98 -33.66
C VAL D 355 3.96 19.52 -33.00
N THR D 356 3.01 18.63 -32.75
CA THR D 356 1.66 18.99 -32.41
C THR D 356 1.22 18.34 -31.10
N ILE D 357 0.23 18.94 -30.46
CA ILE D 357 -0.25 18.52 -29.16
C ILE D 357 -1.65 17.97 -29.34
N PRO D 358 -1.86 16.67 -29.04
CA PRO D 358 -3.08 16.12 -29.59
C PRO D 358 -4.26 16.56 -28.80
N VAL D 359 -4.08 16.78 -27.50
CA VAL D 359 -5.25 17.10 -26.68
C VAL D 359 -5.86 18.41 -27.14
N LEU D 360 -5.03 19.27 -27.70
CA LEU D 360 -5.43 20.61 -28.15
C LEU D 360 -5.88 20.62 -29.62
N ASP D 361 -6.46 19.51 -30.06
CA ASP D 361 -6.80 19.31 -31.46
C ASP D 361 -5.58 19.44 -32.37
N PHE D 362 -4.46 18.88 -31.94
CA PHE D 362 -3.25 18.82 -32.76
C PHE D 362 -2.68 20.18 -33.17
N MSE D 363 -2.80 21.16 -32.30
CA MSE D 363 -2.18 22.43 -32.57
C MSE D 363 -0.66 22.28 -32.52
O MSE D 363 -0.13 21.58 -31.67
CB MSE D 363 -2.74 23.50 -31.61
CG MSE D 363 -2.17 23.51 -30.21
SE MSE D 363 -2.18 25.36 -29.49
CE MSE D 363 -0.43 25.37 -28.63
N GLY D 364 0.05 22.90 -33.47
CA GLY D 364 1.52 22.83 -33.51
C GLY D 364 2.09 23.60 -32.34
N ILE D 365 3.30 23.31 -31.91
CA ILE D 365 3.78 23.93 -30.70
C ILE D 365 4.06 25.41 -30.94
N PRO D 366 3.95 26.20 -29.87
CA PRO D 366 4.08 27.63 -29.99
C PRO D 366 5.55 28.01 -30.16
N THR D 367 5.91 28.54 -31.32
CA THR D 367 7.29 28.76 -31.67
C THR D 367 7.70 30.22 -31.79
N GLY D 368 8.98 30.50 -31.47
CA GLY D 368 9.54 31.84 -31.64
C GLY D 368 9.05 32.86 -30.64
N ILE D 369 9.74 32.93 -29.50
CA ILE D 369 9.36 33.90 -28.49
C ILE D 369 9.79 35.27 -28.97
N ASP D 370 8.86 36.24 -28.96
CA ASP D 370 9.09 37.58 -29.51
C ASP D 370 9.28 38.67 -28.44
N VAL D 371 10.40 39.38 -28.50
CA VAL D 371 10.66 40.37 -27.48
C VAL D 371 9.52 41.36 -27.44
N LEU D 372 9.11 41.87 -28.60
CA LEU D 372 8.03 42.86 -28.67
C LEU D 372 6.73 42.38 -28.01
N LYS D 373 6.40 41.12 -28.25
CA LYS D 373 5.14 40.58 -27.78
C LYS D 373 5.16 40.40 -26.26
N VAL D 374 6.32 40.02 -25.73
CA VAL D 374 6.48 39.90 -24.31
C VAL D 374 6.26 41.27 -23.66
N LEU D 375 6.98 42.27 -24.15
CA LEU D 375 6.87 43.60 -23.58
C LEU D 375 5.43 44.14 -23.60
N GLU D 376 4.79 44.12 -24.77
CA GLU D 376 3.51 44.82 -24.91
C GLU D 376 2.41 44.00 -24.28
N THR D 377 2.74 42.76 -23.93
CA THR D 377 1.74 41.81 -23.44
C THR D 377 1.75 41.68 -21.90
N GLY D 378 2.93 41.78 -21.29
CA GLY D 378 3.11 41.47 -19.86
C GLY D 378 3.55 40.03 -19.65
N MSE D 379 3.00 39.11 -20.45
CA MSE D 379 3.28 37.68 -20.34
C MSE D 379 4.74 37.29 -20.48
O MSE D 379 5.33 37.41 -21.56
CB MSE D 379 2.52 36.94 -21.42
CG MSE D 379 1.11 36.53 -21.12
SE MSE D 379 0.86 34.93 -22.22
CE MSE D 379 2.42 33.97 -21.52
N LEU D 380 5.31 36.78 -19.40
CA LEU D 380 6.62 36.17 -19.42
C LEU D 380 6.54 34.73 -19.93
N PRO D 381 7.56 34.27 -20.65
CA PRO D 381 7.65 32.84 -20.94
C PRO D 381 7.54 32.02 -19.66
N VAL D 382 6.71 30.98 -19.67
CA VAL D 382 6.55 30.10 -18.51
C VAL D 382 7.47 28.88 -18.65
N ILE D 383 8.27 28.62 -17.62
CA ILE D 383 9.26 27.54 -17.69
C ILE D 383 9.06 26.54 -16.56
N ASN D 384 9.01 25.27 -16.92
CA ASN D 384 8.88 24.19 -15.94
C ASN D 384 10.22 23.48 -15.86
N THR D 385 10.67 23.18 -14.65
CA THR D 385 12.05 22.73 -14.45
C THR D 385 12.29 22.05 -13.11
N ALA D 386 13.41 21.35 -13.00
CA ALA D 386 13.79 20.66 -11.78
C ALA D 386 14.27 21.65 -10.72
N ILE D 387 14.10 21.31 -9.46
CA ILE D 387 14.64 22.11 -8.36
C ILE D 387 15.88 21.41 -7.78
N ALA D 388 16.99 22.16 -7.63
CA ALA D 388 18.22 21.61 -7.08
C ALA D 388 18.57 22.20 -5.73
N HIS D 389 19.31 21.45 -4.93
CA HIS D 389 19.67 21.94 -3.61
C HIS D 389 20.73 23.02 -3.77
N LYS D 390 20.70 24.01 -2.87
CA LYS D 390 21.66 25.10 -2.92
C LYS D 390 23.02 24.59 -2.46
N GLU D 391 23.01 23.40 -1.85
CA GLU D 391 24.22 22.72 -1.42
C GLU D 391 24.62 21.72 -2.50
N PRO D 392 25.91 21.70 -2.84
CA PRO D 392 26.47 20.82 -3.87
C PRO D 392 26.27 19.32 -3.64
N GLY D 393 25.59 18.67 -4.58
CA GLY D 393 25.54 17.21 -4.61
C GLY D 393 24.24 16.57 -4.20
N ILE D 394 23.58 17.15 -3.19
CA ILE D 394 22.29 16.66 -2.74
C ILE D 394 21.37 16.47 -3.95
N GLY D 395 21.39 17.43 -4.86
CA GLY D 395 20.77 17.24 -6.15
C GLY D 395 19.32 17.69 -6.24
N MSE D 396 18.51 16.90 -6.91
CA MSE D 396 17.14 17.31 -7.21
C MSE D 396 16.23 17.10 -6.02
O MSE D 396 16.14 15.98 -5.50
CB MSE D 396 16.62 16.56 -8.40
CG MSE D 396 15.37 17.17 -8.94
SE MSE D 396 14.58 15.94 -10.21
CE MSE D 396 12.85 16.79 -10.50
N ILE D 397 15.55 18.15 -5.60
CA ILE D 397 14.75 18.10 -4.39
C ILE D 397 13.31 18.53 -4.69
N GLY D 398 13.02 18.65 -5.98
CA GLY D 398 11.68 19.02 -6.40
C GLY D 398 11.62 19.50 -7.83
N ALA D 399 10.48 20.08 -8.18
CA ALA D 399 10.26 20.61 -9.50
C ALA D 399 9.21 21.72 -9.44
N GLY D 400 9.19 22.61 -10.44
CA GLY D 400 8.20 23.70 -10.44
C GLY D 400 8.17 24.62 -11.65
N LEU D 401 7.44 25.73 -11.53
CA LEU D 401 7.39 26.78 -12.55
C LEU D 401 8.38 27.90 -12.22
N THR D 402 8.94 28.49 -13.28
CA THR D 402 9.74 29.70 -13.16
C THR D 402 9.56 30.49 -14.46
N ASN D 403 10.12 31.71 -14.50
CA ASN D 403 10.24 32.47 -15.75
C ASN D 403 11.56 33.24 -15.77
N PRO D 404 11.95 33.74 -16.95
CA PRO D 404 13.02 34.73 -17.05
C PRO D 404 12.71 35.98 -16.25
N PRO D 405 13.75 36.67 -15.75
CA PRO D 405 13.50 37.97 -15.17
C PRO D 405 13.04 38.94 -16.26
N ALA D 406 12.27 39.93 -15.83
CA ALA D 406 11.71 40.94 -16.71
C ALA D 406 12.78 41.74 -17.45
N ASN D 407 13.71 42.31 -16.70
CA ASN D 407 14.68 43.26 -17.25
C ASN D 407 15.21 42.83 -18.61
N VAL D 408 15.46 41.55 -18.74
CA VAL D 408 16.13 41.03 -19.92
C VAL D 408 15.43 41.46 -21.22
N PHE D 409 14.10 41.54 -21.20
CA PHE D 409 13.32 41.97 -22.35
C PHE D 409 13.35 43.49 -22.65
N ASN D 410 13.16 44.32 -21.64
CA ASN D 410 13.38 45.75 -21.81
C ASN D 410 14.73 46.01 -22.46
N GLU D 411 15.69 45.18 -22.10
CA GLU D 411 17.09 45.45 -22.38
C GLU D 411 17.38 45.03 -23.79
N ALA D 412 16.74 43.96 -24.22
CA ALA D 412 17.00 43.46 -25.56
C ALA D 412 16.41 44.44 -26.56
N LEU D 413 15.31 45.06 -26.19
CA LEU D 413 14.63 46.01 -27.04
C LEU D 413 15.46 47.26 -27.30
N LYS D 414 16.01 47.86 -26.25
CA LYS D 414 16.87 49.02 -26.47
C LYS D 414 17.92 48.66 -27.54
N ALA D 415 18.68 47.59 -27.30
CA ALA D 415 19.68 47.12 -28.27
C ALA D 415 19.16 47.08 -29.69
N LEU D 416 17.91 46.66 -29.86
CA LEU D 416 17.33 46.54 -31.18
C LEU D 416 17.07 47.89 -31.83
N VAL D 417 16.46 48.83 -31.10
CA VAL D 417 16.34 50.16 -31.72
C VAL D 417 17.71 50.69 -32.17
N ALA D 418 18.76 50.31 -31.45
CA ALA D 418 20.11 50.76 -31.80
C ALA D 418 20.70 49.96 -32.96
N THR D 419 19.92 49.08 -33.54
CA THR D 419 20.48 48.21 -34.54
C THR D 419 19.63 48.25 -35.79
N ILE D 420 18.32 48.17 -35.64
CA ILE D 420 17.40 48.12 -36.79
C ILE D 420 17.83 49.27 -37.64
N ASN D 421 17.94 49.04 -38.94
CA ASN D 421 18.54 50.04 -39.82
C ASN D 421 17.95 50.07 -41.24
C1 PEG E . 0.69 -6.94 38.52
O1 PEG E . 0.41 -7.48 39.82
C2 PEG E . -0.62 -6.86 37.75
O2 PEG E . -0.33 -6.96 36.36
C3 PEG E . -1.47 -7.01 35.50
C4 PEG E . -1.79 -8.45 35.18
O4 PEG E . -3.00 -8.79 35.85
C1 PEG F . -36.41 -11.67 23.93
O1 PEG F . -35.84 -12.75 24.68
C2 PEG F . -36.33 -10.34 24.70
O2 PEG F . -35.95 -9.22 23.87
C3 PEG F . -36.30 -9.34 22.48
C4 PEG F . -37.15 -8.15 22.02
O4 PEG F . -36.34 -7.07 21.50
C1 PEG G . -0.85 5.55 -9.66
O1 PEG G . -0.56 4.49 -8.75
C2 PEG G . 0.24 5.55 -10.74
O2 PEG G . -0.02 4.54 -11.71
C3 PEG G . 1.16 4.01 -12.32
C4 PEG G . 2.02 5.13 -12.91
O4 PEG G . 3.35 5.03 -12.37
C1 PEG H . 30.44 -12.00 -26.90
O1 PEG H . 30.45 -12.22 -25.48
C2 PEG H . 29.78 -13.16 -27.65
O2 PEG H . 29.42 -12.72 -28.96
C3 PEG H . 29.38 -13.79 -29.92
C4 PEG H . 29.16 -13.22 -31.32
O4 PEG H . 27.94 -13.72 -31.88
#